data_8JUC
# 
_entry.id   8JUC 
# 
_audit_conform.dict_name       mmcif_pdbx.dic 
_audit_conform.dict_version    5.387 
_audit_conform.dict_location   http://mmcif.pdb.org/dictionaries/ascii/mmcif_pdbx.dic 
# 
loop_
_database_2.database_id 
_database_2.database_code 
_database_2.pdbx_database_accession 
_database_2.pdbx_DOI 
PDB   8JUC         pdb_00008juc 10.2210/pdb8juc/pdb 
WWPDB D_1300038951 ?            ?                   
# 
_pdbx_audit_revision_history.ordinal             1 
_pdbx_audit_revision_history.data_content_type   'Structure model' 
_pdbx_audit_revision_history.major_revision      1 
_pdbx_audit_revision_history.minor_revision      0 
_pdbx_audit_revision_history.revision_date       2024-02-28 
# 
_pdbx_audit_revision_details.ordinal             1 
_pdbx_audit_revision_details.revision_ordinal    1 
_pdbx_audit_revision_details.data_content_type   'Structure model' 
_pdbx_audit_revision_details.provider            repository 
_pdbx_audit_revision_details.type                'Initial release' 
_pdbx_audit_revision_details.description         ? 
_pdbx_audit_revision_details.details             ? 
# 
_pdbx_database_status.status_code                     REL 
_pdbx_database_status.status_code_sf                  REL 
_pdbx_database_status.status_code_mr                  ? 
_pdbx_database_status.entry_id                        8JUC 
_pdbx_database_status.recvd_initial_deposition_date   2023-06-26 
_pdbx_database_status.SG_entry                        N 
_pdbx_database_status.deposit_site                    PDBJ 
_pdbx_database_status.process_site                    PDBJ 
_pdbx_database_status.status_code_cs                  ? 
_pdbx_database_status.status_code_nmr_data            ? 
_pdbx_database_status.methods_development_category    ? 
_pdbx_database_status.pdb_format_compatible           Y 
# 
_pdbx_contact_author.id                 2 
_pdbx_contact_author.email              bnithya@eddc.a-star.edu.sg 
_pdbx_contact_author.name_first         Nithya 
_pdbx_contact_author.name_last          Baburajendran 
_pdbx_contact_author.name_mi            ? 
_pdbx_contact_author.role               'principal investigator/group leader' 
_pdbx_contact_author.identifier_ORCID   0000-0002-7013-9580 
# 
loop_
_audit_author.name 
_audit_author.pdbx_ordinal 
_audit_author.identifier_ORCID 
'Anantharajan, J.'  1 ? 
'Baburajendran, N.' 2 ? 
# 
_citation.abstract                  ? 
_citation.abstract_id_CAS           ? 
_citation.book_id_ISBN              ? 
_citation.book_publisher            ? 
_citation.book_publisher_city       ? 
_citation.book_title                ? 
_citation.coordinate_linkage        ? 
_citation.country                   US 
_citation.database_id_Medline       ? 
_citation.details                   ? 
_citation.id                        primary 
_citation.journal_abbrev            'Protein Sci.' 
_citation.journal_id_ASTM           PRCIEI 
_citation.journal_id_CSD            0795 
_citation.journal_id_ISSN           1469-896X 
_citation.journal_full              ? 
_citation.journal_issue             ? 
_citation.journal_volume            33 
_citation.language                  ? 
_citation.page_first                e4904 
_citation.page_last                 e4904 
_citation.title                     
'Identification of small-molecule binding sites of a ubiquitin-conjugating enzyme-UBE2T through fragment-based screening.' 
_citation.year                      2024 
_citation.database_id_CSD           ? 
_citation.pdbx_database_id_DOI      10.1002/pro.4904 
_citation.pdbx_database_id_PubMed   38358126 
_citation.pdbx_database_id_patent   ? 
_citation.unpublished_flag          ? 
# 
loop_
_citation_author.citation_id 
_citation_author.name 
_citation_author.ordinal 
_citation_author.identifier_ORCID 
primary 'Loh, Y.Y.'         1  ? 
primary 'Anantharajan, J.'  2  ? 
primary 'Huang, Q.'         3  ? 
primary 'Xu, W.'            4  ? 
primary 'Fulwood, J.'       5  ? 
primary 'Ng, H.Q.'          6  ? 
primary 'Ng, E.Y.'          7  ? 
primary 'Gea, C.Y.'         8  ? 
primary 'Choong, M.L.'      9  ? 
primary 'Tan, Q.W.'         10 ? 
primary 'Koh, X.'           11 ? 
primary 'Lim, W.H.'         12 ? 
primary 'Nacro, K.'         13 ? 
primary 'Cherian, J.'       14 ? 
primary 'Baburajendran, N.' 15 ? 
primary 'Ke, Z.'            16 ? 
primary 'Kang, C.'          17 ? 
# 
loop_
_entity.id 
_entity.type 
_entity.src_method 
_entity.pdbx_description 
_entity.formula_weight 
_entity.pdbx_number_of_molecules 
_entity.pdbx_ec 
_entity.pdbx_mutation 
_entity.pdbx_fragment 
_entity.details 
1 polymer     man 'Ubiquitin-conjugating enzyme E2 T'                                      17830.598 1   2.3.2.23 ? ? ? 
2 non-polymer syn '7-methyl-2-(trifluoromethyl)-3~{H}-[1,2,4]triazolo[1,5-a]pyridin-5-one' 217.148   1   ?        ? ? ? 
3 non-polymer syn 1,2-ETHANEDIOL                                                           62.068    2   ?        ? ? ? 
4 water       nat water                                                                    18.015    113 ?        ? ? ? 
# 
_entity_name_com.entity_id   1 
_entity_name_com.name        'E2 ubiquitin-conjugating enzyme T,Ubiquitin carrier protein T,Ubiquitin-protein ligase T' 
# 
_entity_poly.entity_id                      1 
_entity_poly.type                           'polypeptide(L)' 
_entity_poly.nstd_linkage                   no 
_entity_poly.nstd_monomer                   no 
_entity_poly.pdbx_seq_one_letter_code       
;GSMQRASRLKRELHMLATEPPPGITCWQDKDQMDDLRAQILGGANTPYEKGVFKLEVIIPERYPFEPPQIRFLTPIYHPN
IDSAGRICLDVLKLPPKGAWRPSLNIATVLTSIQLLMSEPNPDDPLMADISSEFKYNKPAFLKNARQWTEKHARQK
;
_entity_poly.pdbx_seq_one_letter_code_can   
;GSMQRASRLKRELHMLATEPPPGITCWQDKDQMDDLRAQILGGANTPYEKGVFKLEVIIPERYPFEPPQIRFLTPIYHPN
IDSAGRICLDVLKLPPKGAWRPSLNIATVLTSIQLLMSEPNPDDPLMADISSEFKYNKPAFLKNARQWTEKHARQK
;
_entity_poly.pdbx_strand_id                 A 
_entity_poly.pdbx_target_identifier         ? 
# 
loop_
_pdbx_entity_nonpoly.entity_id 
_pdbx_entity_nonpoly.name 
_pdbx_entity_nonpoly.comp_id 
2 '7-methyl-2-(trifluoromethyl)-3~{H}-[1,2,4]triazolo[1,5-a]pyridin-5-one' V23 
3 1,2-ETHANEDIOL                                                           EDO 
4 water                                                                    HOH 
# 
loop_
_entity_poly_seq.entity_id 
_entity_poly_seq.num 
_entity_poly_seq.mon_id 
_entity_poly_seq.hetero 
1 1   GLY n 
1 2   SER n 
1 3   MET n 
1 4   GLN n 
1 5   ARG n 
1 6   ALA n 
1 7   SER n 
1 8   ARG n 
1 9   LEU n 
1 10  LYS n 
1 11  ARG n 
1 12  GLU n 
1 13  LEU n 
1 14  HIS n 
1 15  MET n 
1 16  LEU n 
1 17  ALA n 
1 18  THR n 
1 19  GLU n 
1 20  PRO n 
1 21  PRO n 
1 22  PRO n 
1 23  GLY n 
1 24  ILE n 
1 25  THR n 
1 26  CYS n 
1 27  TRP n 
1 28  GLN n 
1 29  ASP n 
1 30  LYS n 
1 31  ASP n 
1 32  GLN n 
1 33  MET n 
1 34  ASP n 
1 35  ASP n 
1 36  LEU n 
1 37  ARG n 
1 38  ALA n 
1 39  GLN n 
1 40  ILE n 
1 41  LEU n 
1 42  GLY n 
1 43  GLY n 
1 44  ALA n 
1 45  ASN n 
1 46  THR n 
1 47  PRO n 
1 48  TYR n 
1 49  GLU n 
1 50  LYS n 
1 51  GLY n 
1 52  VAL n 
1 53  PHE n 
1 54  LYS n 
1 55  LEU n 
1 56  GLU n 
1 57  VAL n 
1 58  ILE n 
1 59  ILE n 
1 60  PRO n 
1 61  GLU n 
1 62  ARG n 
1 63  TYR n 
1 64  PRO n 
1 65  PHE n 
1 66  GLU n 
1 67  PRO n 
1 68  PRO n 
1 69  GLN n 
1 70  ILE n 
1 71  ARG n 
1 72  PHE n 
1 73  LEU n 
1 74  THR n 
1 75  PRO n 
1 76  ILE n 
1 77  TYR n 
1 78  HIS n 
1 79  PRO n 
1 80  ASN n 
1 81  ILE n 
1 82  ASP n 
1 83  SER n 
1 84  ALA n 
1 85  GLY n 
1 86  ARG n 
1 87  ILE n 
1 88  CYS n 
1 89  LEU n 
1 90  ASP n 
1 91  VAL n 
1 92  LEU n 
1 93  LYS n 
1 94  LEU n 
1 95  PRO n 
1 96  PRO n 
1 97  LYS n 
1 98  GLY n 
1 99  ALA n 
1 100 TRP n 
1 101 ARG n 
1 102 PRO n 
1 103 SER n 
1 104 LEU n 
1 105 ASN n 
1 106 ILE n 
1 107 ALA n 
1 108 THR n 
1 109 VAL n 
1 110 LEU n 
1 111 THR n 
1 112 SER n 
1 113 ILE n 
1 114 GLN n 
1 115 LEU n 
1 116 LEU n 
1 117 MET n 
1 118 SER n 
1 119 GLU n 
1 120 PRO n 
1 121 ASN n 
1 122 PRO n 
1 123 ASP n 
1 124 ASP n 
1 125 PRO n 
1 126 LEU n 
1 127 MET n 
1 128 ALA n 
1 129 ASP n 
1 130 ILE n 
1 131 SER n 
1 132 SER n 
1 133 GLU n 
1 134 PHE n 
1 135 LYS n 
1 136 TYR n 
1 137 ASN n 
1 138 LYS n 
1 139 PRO n 
1 140 ALA n 
1 141 PHE n 
1 142 LEU n 
1 143 LYS n 
1 144 ASN n 
1 145 ALA n 
1 146 ARG n 
1 147 GLN n 
1 148 TRP n 
1 149 THR n 
1 150 GLU n 
1 151 LYS n 
1 152 HIS n 
1 153 ALA n 
1 154 ARG n 
1 155 GLN n 
1 156 LYS n 
# 
_entity_src_gen.entity_id                          1 
_entity_src_gen.pdbx_src_id                        1 
_entity_src_gen.pdbx_alt_source_flag               sample 
_entity_src_gen.pdbx_seq_type                      'Biological sequence' 
_entity_src_gen.pdbx_beg_seq_num                   1 
_entity_src_gen.pdbx_end_seq_num                   156 
_entity_src_gen.gene_src_common_name               human 
_entity_src_gen.gene_src_genus                     ? 
_entity_src_gen.pdbx_gene_src_gene                 UBE2T 
_entity_src_gen.gene_src_species                   ? 
_entity_src_gen.gene_src_strain                    ? 
_entity_src_gen.gene_src_tissue                    ? 
_entity_src_gen.gene_src_tissue_fraction           ? 
_entity_src_gen.gene_src_details                   ? 
_entity_src_gen.pdbx_gene_src_fragment             ? 
_entity_src_gen.pdbx_gene_src_scientific_name      'Homo sapiens' 
_entity_src_gen.pdbx_gene_src_ncbi_taxonomy_id     9606 
_entity_src_gen.pdbx_gene_src_variant              ? 
_entity_src_gen.pdbx_gene_src_cell_line            ? 
_entity_src_gen.pdbx_gene_src_atcc                 ? 
_entity_src_gen.pdbx_gene_src_organ                ? 
_entity_src_gen.pdbx_gene_src_organelle            ? 
_entity_src_gen.pdbx_gene_src_cell                 ? 
_entity_src_gen.pdbx_gene_src_cellular_location    ? 
_entity_src_gen.host_org_common_name               ? 
_entity_src_gen.pdbx_host_org_scientific_name      'Escherichia coli' 
_entity_src_gen.pdbx_host_org_ncbi_taxonomy_id     562 
_entity_src_gen.host_org_genus                     ? 
_entity_src_gen.pdbx_host_org_gene                 ? 
_entity_src_gen.pdbx_host_org_organ                ? 
_entity_src_gen.host_org_species                   ? 
_entity_src_gen.pdbx_host_org_tissue               ? 
_entity_src_gen.pdbx_host_org_tissue_fraction      ? 
_entity_src_gen.pdbx_host_org_strain               ? 
_entity_src_gen.pdbx_host_org_variant              ? 
_entity_src_gen.pdbx_host_org_cell_line            ? 
_entity_src_gen.pdbx_host_org_atcc                 ? 
_entity_src_gen.pdbx_host_org_culture_collection   ? 
_entity_src_gen.pdbx_host_org_cell                 ? 
_entity_src_gen.pdbx_host_org_organelle            ? 
_entity_src_gen.pdbx_host_org_cellular_location    ? 
_entity_src_gen.pdbx_host_org_vector_type          ? 
_entity_src_gen.pdbx_host_org_vector               ? 
_entity_src_gen.host_org_details                   ? 
_entity_src_gen.expression_system_id               ? 
_entity_src_gen.plasmid_name                       ? 
_entity_src_gen.plasmid_details                    ? 
_entity_src_gen.pdbx_description                   ? 
# 
loop_
_chem_comp.id 
_chem_comp.type 
_chem_comp.mon_nstd_flag 
_chem_comp.name 
_chem_comp.pdbx_synonyms 
_chem_comp.formula 
_chem_comp.formula_weight 
ALA 'L-peptide linking' y ALANINE                                                                  ?                 'C3 H7 N O2' 
89.093  
ARG 'L-peptide linking' y ARGININE                                                                 ?                 
'C6 H15 N4 O2 1' 175.209 
ASN 'L-peptide linking' y ASPARAGINE                                                               ?                 'C4 H8 N2 O3' 
132.118 
ASP 'L-peptide linking' y 'ASPARTIC ACID'                                                          ?                 'C4 H7 N O4' 
133.103 
CYS 'L-peptide linking' y CYSTEINE                                                                 ?                 
'C3 H7 N O2 S'   121.158 
EDO non-polymer         . 1,2-ETHANEDIOL                                                           'ETHYLENE GLYCOL' 'C2 H6 O2' 
62.068  
GLN 'L-peptide linking' y GLUTAMINE                                                                ?                 
'C5 H10 N2 O3'   146.144 
GLU 'L-peptide linking' y 'GLUTAMIC ACID'                                                          ?                 'C5 H9 N O4' 
147.129 
GLY 'peptide linking'   y GLYCINE                                                                  ?                 'C2 H5 N O2' 
75.067  
HIS 'L-peptide linking' y HISTIDINE                                                                ?                 
'C6 H10 N3 O2 1' 156.162 
HOH non-polymer         . WATER                                                                    ?                 'H2 O' 18.015 
ILE 'L-peptide linking' y ISOLEUCINE                                                               ?                 'C6 H13 N O2' 
131.173 
LEU 'L-peptide linking' y LEUCINE                                                                  ?                 'C6 H13 N O2' 
131.173 
LYS 'L-peptide linking' y LYSINE                                                                   ?                 
'C6 H15 N2 O2 1' 147.195 
MET 'L-peptide linking' y METHIONINE                                                               ?                 
'C5 H11 N O2 S'  149.211 
PHE 'L-peptide linking' y PHENYLALANINE                                                            ?                 'C9 H11 N O2' 
165.189 
PRO 'L-peptide linking' y PROLINE                                                                  ?                 'C5 H9 N O2' 
115.130 
SER 'L-peptide linking' y SERINE                                                                   ?                 'C3 H7 N O3' 
105.093 
THR 'L-peptide linking' y THREONINE                                                                ?                 'C4 H9 N O3' 
119.119 
TRP 'L-peptide linking' y TRYPTOPHAN                                                               ?                 
'C11 H12 N2 O2'  204.225 
TYR 'L-peptide linking' y TYROSINE                                                                 ?                 'C9 H11 N O3' 
181.189 
V23 non-polymer         . '7-methyl-2-(trifluoromethyl)-3~{H}-[1,2,4]triazolo[1,5-a]pyridin-5-one' ?                 
'C8 H6 F3 N3 O'  217.148 
VAL 'L-peptide linking' y VALINE                                                                   ?                 'C5 H11 N O2' 
117.146 
# 
loop_
_pdbx_poly_seq_scheme.asym_id 
_pdbx_poly_seq_scheme.entity_id 
_pdbx_poly_seq_scheme.seq_id 
_pdbx_poly_seq_scheme.mon_id 
_pdbx_poly_seq_scheme.ndb_seq_num 
_pdbx_poly_seq_scheme.pdb_seq_num 
_pdbx_poly_seq_scheme.auth_seq_num 
_pdbx_poly_seq_scheme.pdb_mon_id 
_pdbx_poly_seq_scheme.auth_mon_id 
_pdbx_poly_seq_scheme.pdb_strand_id 
_pdbx_poly_seq_scheme.pdb_ins_code 
_pdbx_poly_seq_scheme.hetero 
A 1 1   GLY 1   -1  ?   ?   ?   A . n 
A 1 2   SER 2   0   ?   ?   ?   A . n 
A 1 3   MET 3   1   1   MET MET A . n 
A 1 4   GLN 4   2   2   GLN GLN A . n 
A 1 5   ARG 5   3   3   ARG ARG A . n 
A 1 6   ALA 6   4   4   ALA ALA A . n 
A 1 7   SER 7   5   5   SER SER A . n 
A 1 8   ARG 8   6   6   ARG ARG A . n 
A 1 9   LEU 9   7   7   LEU LEU A . n 
A 1 10  LYS 10  8   8   LYS LYS A . n 
A 1 11  ARG 11  9   9   ARG ARG A . n 
A 1 12  GLU 12  10  10  GLU GLU A . n 
A 1 13  LEU 13  11  11  LEU LEU A . n 
A 1 14  HIS 14  12  12  HIS HIS A . n 
A 1 15  MET 15  13  13  MET MET A . n 
A 1 16  LEU 16  14  14  LEU LEU A . n 
A 1 17  ALA 17  15  15  ALA ALA A . n 
A 1 18  THR 18  16  16  THR THR A . n 
A 1 19  GLU 19  17  17  GLU GLU A . n 
A 1 20  PRO 20  18  18  PRO PRO A . n 
A 1 21  PRO 21  19  19  PRO PRO A . n 
A 1 22  PRO 22  20  20  PRO PRO A . n 
A 1 23  GLY 23  21  21  GLY GLY A . n 
A 1 24  ILE 24  22  22  ILE ILE A . n 
A 1 25  THR 25  23  23  THR THR A . n 
A 1 26  CYS 26  24  24  CYS CYS A . n 
A 1 27  TRP 27  25  25  TRP TRP A . n 
A 1 28  GLN 28  26  26  GLN GLN A . n 
A 1 29  ASP 29  27  27  ASP ASP A . n 
A 1 30  LYS 30  28  28  LYS LYS A . n 
A 1 31  ASP 31  29  29  ASP ASP A . n 
A 1 32  GLN 32  30  30  GLN GLN A . n 
A 1 33  MET 33  31  31  MET MET A . n 
A 1 34  ASP 34  32  32  ASP ASP A . n 
A 1 35  ASP 35  33  33  ASP ASP A . n 
A 1 36  LEU 36  34  34  LEU LEU A . n 
A 1 37  ARG 37  35  35  ARG ARG A . n 
A 1 38  ALA 38  36  36  ALA ALA A . n 
A 1 39  GLN 39  37  37  GLN GLN A . n 
A 1 40  ILE 40  38  38  ILE ILE A . n 
A 1 41  LEU 41  39  39  LEU LEU A . n 
A 1 42  GLY 42  40  40  GLY GLY A . n 
A 1 43  GLY 43  41  41  GLY GLY A . n 
A 1 44  ALA 44  42  42  ALA ALA A . n 
A 1 45  ASN 45  43  43  ASN ASN A . n 
A 1 46  THR 46  44  44  THR THR A . n 
A 1 47  PRO 47  45  45  PRO PRO A . n 
A 1 48  TYR 48  46  46  TYR TYR A . n 
A 1 49  GLU 49  47  47  GLU GLU A . n 
A 1 50  LYS 50  48  48  LYS LYS A . n 
A 1 51  GLY 51  49  49  GLY GLY A . n 
A 1 52  VAL 52  50  50  VAL VAL A . n 
A 1 53  PHE 53  51  51  PHE PHE A . n 
A 1 54  LYS 54  52  52  LYS LYS A . n 
A 1 55  LEU 55  53  53  LEU LEU A . n 
A 1 56  GLU 56  54  54  GLU GLU A . n 
A 1 57  VAL 57  55  55  VAL VAL A . n 
A 1 58  ILE 58  56  56  ILE ILE A . n 
A 1 59  ILE 59  57  57  ILE ILE A . n 
A 1 60  PRO 60  58  58  PRO PRO A . n 
A 1 61  GLU 61  59  59  GLU GLU A . n 
A 1 62  ARG 62  60  60  ARG ARG A . n 
A 1 63  TYR 63  61  61  TYR TYR A . n 
A 1 64  PRO 64  62  62  PRO PRO A . n 
A 1 65  PHE 65  63  63  PHE PHE A . n 
A 1 66  GLU 66  64  64  GLU GLU A . n 
A 1 67  PRO 67  65  65  PRO PRO A . n 
A 1 68  PRO 68  66  66  PRO PRO A . n 
A 1 69  GLN 69  67  67  GLN GLN A . n 
A 1 70  ILE 70  68  68  ILE ILE A . n 
A 1 71  ARG 71  69  69  ARG ARG A . n 
A 1 72  PHE 72  70  70  PHE PHE A . n 
A 1 73  LEU 73  71  71  LEU LEU A . n 
A 1 74  THR 74  72  72  THR THR A . n 
A 1 75  PRO 75  73  73  PRO PRO A . n 
A 1 76  ILE 76  74  74  ILE ILE A . n 
A 1 77  TYR 77  75  75  TYR TYR A . n 
A 1 78  HIS 78  76  76  HIS HIS A . n 
A 1 79  PRO 79  77  77  PRO PRO A . n 
A 1 80  ASN 80  78  78  ASN ASN A . n 
A 1 81  ILE 81  79  79  ILE ILE A . n 
A 1 82  ASP 82  80  80  ASP ASP A . n 
A 1 83  SER 83  81  81  SER SER A . n 
A 1 84  ALA 84  82  82  ALA ALA A . n 
A 1 85  GLY 85  83  83  GLY GLY A . n 
A 1 86  ARG 86  84  84  ARG ARG A . n 
A 1 87  ILE 87  85  85  ILE ILE A . n 
A 1 88  CYS 88  86  86  CYS CYS A . n 
A 1 89  LEU 89  87  87  LEU LEU A . n 
A 1 90  ASP 90  88  88  ASP ASP A . n 
A 1 91  VAL 91  89  89  VAL VAL A . n 
A 1 92  LEU 92  90  90  LEU LEU A . n 
A 1 93  LYS 93  91  91  LYS LYS A . n 
A 1 94  LEU 94  92  92  LEU LEU A . n 
A 1 95  PRO 95  93  93  PRO PRO A . n 
A 1 96  PRO 96  94  94  PRO PRO A . n 
A 1 97  LYS 97  95  95  LYS LYS A . n 
A 1 98  GLY 98  96  96  GLY GLY A . n 
A 1 99  ALA 99  97  97  ALA ALA A . n 
A 1 100 TRP 100 98  98  TRP TRP A . n 
A 1 101 ARG 101 99  99  ARG ARG A . n 
A 1 102 PRO 102 100 100 PRO PRO A . n 
A 1 103 SER 103 101 101 SER SER A . n 
A 1 104 LEU 104 102 102 LEU LEU A . n 
A 1 105 ASN 105 103 103 ASN ASN A . n 
A 1 106 ILE 106 104 104 ILE ILE A . n 
A 1 107 ALA 107 105 105 ALA ALA A . n 
A 1 108 THR 108 106 106 THR THR A . n 
A 1 109 VAL 109 107 107 VAL VAL A . n 
A 1 110 LEU 110 108 108 LEU LEU A . n 
A 1 111 THR 111 109 109 THR THR A . n 
A 1 112 SER 112 110 110 SER SER A . n 
A 1 113 ILE 113 111 111 ILE ILE A . n 
A 1 114 GLN 114 112 112 GLN GLN A . n 
A 1 115 LEU 115 113 113 LEU LEU A . n 
A 1 116 LEU 116 114 114 LEU LEU A . n 
A 1 117 MET 117 115 115 MET MET A . n 
A 1 118 SER 118 116 116 SER SER A . n 
A 1 119 GLU 119 117 117 GLU GLU A . n 
A 1 120 PRO 120 118 118 PRO PRO A . n 
A 1 121 ASN 121 119 119 ASN ASN A . n 
A 1 122 PRO 122 120 120 PRO PRO A . n 
A 1 123 ASP 123 121 121 ASP ASP A . n 
A 1 124 ASP 124 122 122 ASP ASP A . n 
A 1 125 PRO 125 123 123 PRO PRO A . n 
A 1 126 LEU 126 124 124 LEU LEU A . n 
A 1 127 MET 127 125 125 MET MET A . n 
A 1 128 ALA 128 126 126 ALA ALA A . n 
A 1 129 ASP 129 127 127 ASP ASP A . n 
A 1 130 ILE 130 128 128 ILE ILE A . n 
A 1 131 SER 131 129 129 SER SER A . n 
A 1 132 SER 132 130 130 SER SER A . n 
A 1 133 GLU 133 131 131 GLU GLU A . n 
A 1 134 PHE 134 132 132 PHE PHE A . n 
A 1 135 LYS 135 133 133 LYS LYS A . n 
A 1 136 TYR 136 134 134 TYR TYR A . n 
A 1 137 ASN 137 135 135 ASN ASN A . n 
A 1 138 LYS 138 136 136 LYS LYS A . n 
A 1 139 PRO 139 137 137 PRO PRO A . n 
A 1 140 ALA 140 138 138 ALA ALA A . n 
A 1 141 PHE 141 139 139 PHE PHE A . n 
A 1 142 LEU 142 140 140 LEU LEU A . n 
A 1 143 LYS 143 141 141 LYS LYS A . n 
A 1 144 ASN 144 142 142 ASN ASN A . n 
A 1 145 ALA 145 143 143 ALA ALA A . n 
A 1 146 ARG 146 144 144 ARG ARG A . n 
A 1 147 GLN 147 145 145 GLN GLN A . n 
A 1 148 TRP 148 146 146 TRP TRP A . n 
A 1 149 THR 149 147 147 THR THR A . n 
A 1 150 GLU 150 148 148 GLU GLU A . n 
A 1 151 LYS 151 149 149 LYS LYS A . n 
A 1 152 HIS 152 150 150 HIS HIS A . n 
A 1 153 ALA 153 151 151 ALA ALA A . n 
A 1 154 ARG 154 152 152 ARG ARG A . n 
A 1 155 GLN 155 153 ?   ?   ?   A . n 
A 1 156 LYS 156 154 ?   ?   ?   A . n 
# 
loop_
_pdbx_nonpoly_scheme.asym_id 
_pdbx_nonpoly_scheme.entity_id 
_pdbx_nonpoly_scheme.mon_id 
_pdbx_nonpoly_scheme.ndb_seq_num 
_pdbx_nonpoly_scheme.pdb_seq_num 
_pdbx_nonpoly_scheme.auth_seq_num 
_pdbx_nonpoly_scheme.pdb_mon_id 
_pdbx_nonpoly_scheme.auth_mon_id 
_pdbx_nonpoly_scheme.pdb_strand_id 
_pdbx_nonpoly_scheme.pdb_ins_code 
B 2 V23 1   201 201 V23 37C A . 
C 3 EDO 1   202 301 EDO EDO A . 
D 3 EDO 1   203 401 EDO EDO A . 
E 4 HOH 1   301 23  HOH HOH A . 
E 4 HOH 2   302 57  HOH HOH A . 
E 4 HOH 3   303 38  HOH HOH A . 
E 4 HOH 4   304 35  HOH HOH A . 
E 4 HOH 5   305 78  HOH HOH A . 
E 4 HOH 6   306 39  HOH HOH A . 
E 4 HOH 7   307 65  HOH HOH A . 
E 4 HOH 8   308 55  HOH HOH A . 
E 4 HOH 9   309 21  HOH HOH A . 
E 4 HOH 10  310 105 HOH HOH A . 
E 4 HOH 11  311 29  HOH HOH A . 
E 4 HOH 12  312 32  HOH HOH A . 
E 4 HOH 13  313 4   HOH HOH A . 
E 4 HOH 14  314 54  HOH HOH A . 
E 4 HOH 15  315 56  HOH HOH A . 
E 4 HOH 16  316 33  HOH HOH A . 
E 4 HOH 17  317 85  HOH HOH A . 
E 4 HOH 18  318 2   HOH HOH A . 
E 4 HOH 19  319 41  HOH HOH A . 
E 4 HOH 20  320 6   HOH HOH A . 
E 4 HOH 21  321 5   HOH HOH A . 
E 4 HOH 22  322 1   HOH HOH A . 
E 4 HOH 23  323 93  HOH HOH A . 
E 4 HOH 24  324 3   HOH HOH A . 
E 4 HOH 25  325 8   HOH HOH A . 
E 4 HOH 26  326 13  HOH HOH A . 
E 4 HOH 27  327 18  HOH HOH A . 
E 4 HOH 28  328 68  HOH HOH A . 
E 4 HOH 29  329 109 HOH HOH A . 
E 4 HOH 30  330 44  HOH HOH A . 
E 4 HOH 31  331 62  HOH HOH A . 
E 4 HOH 32  332 72  HOH HOH A . 
E 4 HOH 33  333 27  HOH HOH A . 
E 4 HOH 34  334 77  HOH HOH A . 
E 4 HOH 35  335 24  HOH HOH A . 
E 4 HOH 36  336 76  HOH HOH A . 
E 4 HOH 37  337 47  HOH HOH A . 
E 4 HOH 38  338 60  HOH HOH A . 
E 4 HOH 39  339 113 HOH HOH A . 
E 4 HOH 40  340 17  HOH HOH A . 
E 4 HOH 41  341 103 HOH HOH A . 
E 4 HOH 42  342 96  HOH HOH A . 
E 4 HOH 43  343 19  HOH HOH A . 
E 4 HOH 44  344 31  HOH HOH A . 
E 4 HOH 45  345 40  HOH HOH A . 
E 4 HOH 46  346 11  HOH HOH A . 
E 4 HOH 47  347 15  HOH HOH A . 
E 4 HOH 48  348 28  HOH HOH A . 
E 4 HOH 49  349 82  HOH HOH A . 
E 4 HOH 50  350 91  HOH HOH A . 
E 4 HOH 51  351 20  HOH HOH A . 
E 4 HOH 52  352 10  HOH HOH A . 
E 4 HOH 53  353 102 HOH HOH A . 
E 4 HOH 54  354 42  HOH HOH A . 
E 4 HOH 55  355 95  HOH HOH A . 
E 4 HOH 56  356 46  HOH HOH A . 
E 4 HOH 57  357 16  HOH HOH A . 
E 4 HOH 58  358 74  HOH HOH A . 
E 4 HOH 59  359 12  HOH HOH A . 
E 4 HOH 60  360 25  HOH HOH A . 
E 4 HOH 61  361 30  HOH HOH A . 
E 4 HOH 62  362 81  HOH HOH A . 
E 4 HOH 63  363 9   HOH HOH A . 
E 4 HOH 64  364 108 HOH HOH A . 
E 4 HOH 65  365 98  HOH HOH A . 
E 4 HOH 66  366 53  HOH HOH A . 
E 4 HOH 67  367 84  HOH HOH A . 
E 4 HOH 68  368 48  HOH HOH A . 
E 4 HOH 69  369 80  HOH HOH A . 
E 4 HOH 70  370 22  HOH HOH A . 
E 4 HOH 71  371 7   HOH HOH A . 
E 4 HOH 72  372 112 HOH HOH A . 
E 4 HOH 73  373 43  HOH HOH A . 
E 4 HOH 74  374 37  HOH HOH A . 
E 4 HOH 75  375 34  HOH HOH A . 
E 4 HOH 76  376 73  HOH HOH A . 
E 4 HOH 77  377 26  HOH HOH A . 
E 4 HOH 78  378 110 HOH HOH A . 
E 4 HOH 79  379 52  HOH HOH A . 
E 4 HOH 80  380 92  HOH HOH A . 
E 4 HOH 81  381 104 HOH HOH A . 
E 4 HOH 82  382 107 HOH HOH A . 
E 4 HOH 83  383 94  HOH HOH A . 
E 4 HOH 84  384 45  HOH HOH A . 
E 4 HOH 85  385 58  HOH HOH A . 
E 4 HOH 86  386 61  HOH HOH A . 
E 4 HOH 87  387 88  HOH HOH A . 
E 4 HOH 88  388 86  HOH HOH A . 
E 4 HOH 89  389 66  HOH HOH A . 
E 4 HOH 90  390 14  HOH HOH A . 
E 4 HOH 91  391 97  HOH HOH A . 
E 4 HOH 92  392 75  HOH HOH A . 
E 4 HOH 93  393 100 HOH HOH A . 
E 4 HOH 94  394 106 HOH HOH A . 
E 4 HOH 95  395 59  HOH HOH A . 
E 4 HOH 96  396 89  HOH HOH A . 
E 4 HOH 97  397 67  HOH HOH A . 
E 4 HOH 98  398 49  HOH HOH A . 
E 4 HOH 99  399 90  HOH HOH A . 
E 4 HOH 100 400 63  HOH HOH A . 
E 4 HOH 101 401 36  HOH HOH A . 
E 4 HOH 102 402 64  HOH HOH A . 
E 4 HOH 103 403 101 HOH HOH A . 
E 4 HOH 104 404 70  HOH HOH A . 
E 4 HOH 105 405 50  HOH HOH A . 
E 4 HOH 106 406 69  HOH HOH A . 
E 4 HOH 107 407 71  HOH HOH A . 
E 4 HOH 108 408 99  HOH HOH A . 
E 4 HOH 109 409 51  HOH HOH A . 
E 4 HOH 110 410 87  HOH HOH A . 
E 4 HOH 111 411 79  HOH HOH A . 
E 4 HOH 112 412 83  HOH HOH A . 
E 4 HOH 113 413 111 HOH HOH A . 
# 
loop_
_pdbx_unobs_or_zero_occ_atoms.id 
_pdbx_unobs_or_zero_occ_atoms.PDB_model_num 
_pdbx_unobs_or_zero_occ_atoms.polymer_flag 
_pdbx_unobs_or_zero_occ_atoms.occupancy_flag 
_pdbx_unobs_or_zero_occ_atoms.auth_asym_id 
_pdbx_unobs_or_zero_occ_atoms.auth_comp_id 
_pdbx_unobs_or_zero_occ_atoms.auth_seq_id 
_pdbx_unobs_or_zero_occ_atoms.PDB_ins_code 
_pdbx_unobs_or_zero_occ_atoms.auth_atom_id 
_pdbx_unobs_or_zero_occ_atoms.label_alt_id 
_pdbx_unobs_or_zero_occ_atoms.label_asym_id 
_pdbx_unobs_or_zero_occ_atoms.label_comp_id 
_pdbx_unobs_or_zero_occ_atoms.label_seq_id 
_pdbx_unobs_or_zero_occ_atoms.label_atom_id 
1  1 Y 1 A LYS 28  ? CG  ? A LYS 30  CG  
2  1 Y 1 A LYS 28  ? CD  ? A LYS 30  CD  
3  1 Y 1 A LYS 28  ? CE  ? A LYS 30  CE  
4  1 Y 1 A LYS 28  ? NZ  ? A LYS 30  NZ  
5  1 Y 1 A LYS 48  ? CG  ? A LYS 50  CG  
6  1 Y 1 A LYS 48  ? CD  ? A LYS 50  CD  
7  1 Y 1 A LYS 48  ? CE  ? A LYS 50  CE  
8  1 Y 1 A LYS 48  ? NZ  ? A LYS 50  NZ  
9  1 Y 1 A LYS 52  ? CG  ? A LYS 54  CG  
10 1 Y 1 A LYS 52  ? CD  ? A LYS 54  CD  
11 1 Y 1 A LYS 52  ? CE  ? A LYS 54  CE  
12 1 Y 1 A LYS 52  ? NZ  ? A LYS 54  NZ  
13 1 Y 1 A LYS 95  ? CG  ? A LYS 97  CG  
14 1 Y 1 A LYS 95  ? CD  ? A LYS 97  CD  
15 1 Y 1 A LYS 95  ? CE  ? A LYS 97  CE  
16 1 Y 1 A LYS 95  ? NZ  ? A LYS 97  NZ  
17 1 Y 1 A ASP 121 ? CG  ? A ASP 123 CG  
18 1 Y 1 A ASP 121 ? OD1 ? A ASP 123 OD1 
19 1 Y 1 A ASP 121 ? OD2 ? A ASP 123 OD2 
20 1 Y 1 A ASP 122 ? CG  ? A ASP 124 CG  
21 1 Y 1 A ASP 122 ? OD1 ? A ASP 124 OD1 
22 1 Y 1 A ASP 122 ? OD2 ? A ASP 124 OD2 
# 
loop_
_software.citation_id 
_software.classification 
_software.compiler_name 
_software.compiler_version 
_software.contact_author 
_software.contact_author_email 
_software.date 
_software.description 
_software.dependencies 
_software.hardware 
_software.language 
_software.location 
_software.mods 
_software.name 
_software.os 
_software.os_version 
_software.type 
_software.version 
_software.pdbx_ordinal 
? refinement       ? ? ? ? ? ? ? ? ? ? ? PHENIX ? ? ? '(1.19.2_4158: ???)' 1 
? 'data scaling'   ? ? ? ? ? ? ? ? ? ? ? XDS    ? ? ? .                    2 
? 'data reduction' ? ? ? ? ? ? ? ? ? ? ? XDS    ? ? ? .                    3 
? phasing          ? ? ? ? ? ? ? ? ? ? ? PHASER ? ? ? .                    4 
# 
_cell.angle_alpha                  90.00 
_cell.angle_alpha_esd              ? 
_cell.angle_beta                   90.00 
_cell.angle_beta_esd               ? 
_cell.angle_gamma                  90.00 
_cell.angle_gamma_esd              ? 
_cell.entry_id                     8JUC 
_cell.details                      ? 
_cell.formula_units_Z              ? 
_cell.length_a                     54.667 
_cell.length_a_esd                 ? 
_cell.length_b                     54.667 
_cell.length_b_esd                 ? 
_cell.length_c                     183.196 
_cell.length_c_esd                 ? 
_cell.volume                       ? 
_cell.volume_esd                   ? 
_cell.Z_PDB                        8 
_cell.reciprocal_angle_alpha       ? 
_cell.reciprocal_angle_beta        ? 
_cell.reciprocal_angle_gamma       ? 
_cell.reciprocal_angle_alpha_esd   ? 
_cell.reciprocal_angle_beta_esd    ? 
_cell.reciprocal_angle_gamma_esd   ? 
_cell.reciprocal_length_a          ? 
_cell.reciprocal_length_b          ? 
_cell.reciprocal_length_c          ? 
_cell.reciprocal_length_a_esd      ? 
_cell.reciprocal_length_b_esd      ? 
_cell.reciprocal_length_c_esd      ? 
_cell.pdbx_unique_axis             ? 
_cell.pdbx_esd_method              ? 
# 
_symmetry.entry_id                         8JUC 
_symmetry.cell_setting                     ? 
_symmetry.Int_Tables_number                96 
_symmetry.space_group_name_Hall            ? 
_symmetry.space_group_name_H-M             'P 43 21 2' 
_symmetry.pdbx_full_space_group_name_H-M   ? 
# 
_exptl.absorpt_coefficient_mu     ? 
_exptl.absorpt_correction_T_max   ? 
_exptl.absorpt_correction_T_min   ? 
_exptl.absorpt_correction_type    ? 
_exptl.absorpt_process_details    ? 
_exptl.entry_id                   8JUC 
_exptl.crystals_number            1 
_exptl.details                    ? 
_exptl.method                     'X-RAY DIFFRACTION' 
_exptl.method_details             ? 
# 
_exptl_crystal.colour                       ? 
_exptl_crystal.density_diffrn               ? 
_exptl_crystal.density_Matthews             3.84 
_exptl_crystal.density_method               ? 
_exptl_crystal.density_percent_sol          67.95 
_exptl_crystal.description                  ? 
_exptl_crystal.F_000                        ? 
_exptl_crystal.id                           1 
_exptl_crystal.preparation                  ? 
_exptl_crystal.size_max                     ? 
_exptl_crystal.size_mid                     ? 
_exptl_crystal.size_min                     ? 
_exptl_crystal.size_rad                     ? 
_exptl_crystal.colour_lustre                ? 
_exptl_crystal.colour_modifier              ? 
_exptl_crystal.colour_primary               ? 
_exptl_crystal.density_meas                 ? 
_exptl_crystal.density_meas_esd             ? 
_exptl_crystal.density_meas_gt              ? 
_exptl_crystal.density_meas_lt              ? 
_exptl_crystal.density_meas_temp            ? 
_exptl_crystal.density_meas_temp_esd        ? 
_exptl_crystal.density_meas_temp_gt         ? 
_exptl_crystal.density_meas_temp_lt         ? 
_exptl_crystal.pdbx_crystal_image_url       ? 
_exptl_crystal.pdbx_crystal_image_format    ? 
_exptl_crystal.pdbx_mosaicity               ? 
_exptl_crystal.pdbx_mosaicity_esd           ? 
_exptl_crystal.pdbx_mosaic_method           ? 
_exptl_crystal.pdbx_mosaic_block_size       ? 
_exptl_crystal.pdbx_mosaic_block_size_esd   ? 
# 
_exptl_crystal_grow.apparatus       ? 
_exptl_crystal_grow.atmosphere      ? 
_exptl_crystal_grow.crystal_id      1 
_exptl_crystal_grow.details         ? 
_exptl_crystal_grow.method          'VAPOR DIFFUSION, SITTING DROP' 
_exptl_crystal_grow.method_ref      ? 
_exptl_crystal_grow.pH              ? 
_exptl_crystal_grow.pressure        ? 
_exptl_crystal_grow.pressure_esd    ? 
_exptl_crystal_grow.seeding         ? 
_exptl_crystal_grow.seeding_ref     ? 
_exptl_crystal_grow.temp_details    ? 
_exptl_crystal_grow.temp_esd        ? 
_exptl_crystal_grow.time            ? 
_exptl_crystal_grow.pdbx_details    '3.5 M Sodium formate pH 7.0' 
_exptl_crystal_grow.pdbx_pH_range   ? 
_exptl_crystal_grow.temp            293 
# 
_diffrn.ambient_environment              ? 
_diffrn.ambient_temp                     100 
_diffrn.ambient_temp_details             ? 
_diffrn.ambient_temp_esd                 ? 
_diffrn.crystal_id                       1 
_diffrn.crystal_support                  ? 
_diffrn.crystal_treatment                ? 
_diffrn.details                          ? 
_diffrn.id                               1 
_diffrn.ambient_pressure                 ? 
_diffrn.ambient_pressure_esd             ? 
_diffrn.ambient_pressure_gt              ? 
_diffrn.ambient_pressure_lt              ? 
_diffrn.ambient_temp_gt                  ? 
_diffrn.ambient_temp_lt                  ? 
_diffrn.pdbx_serial_crystal_experiment   N 
# 
_diffrn_detector.details                      ? 
_diffrn_detector.detector                     PIXEL 
_diffrn_detector.diffrn_id                    1 
_diffrn_detector.type                         'DECTRIS PILATUS 6M' 
_diffrn_detector.area_resol_mean              ? 
_diffrn_detector.dtime                        ? 
_diffrn_detector.pdbx_frames_total            ? 
_diffrn_detector.pdbx_collection_time_total   ? 
_diffrn_detector.pdbx_collection_date         2022-07-23 
_diffrn_detector.pdbx_frequency               ? 
_diffrn_detector.id                           ? 
_diffrn_detector.number_of_axes               ? 
# 
_diffrn_radiation.collimation                      ? 
_diffrn_radiation.diffrn_id                        1 
_diffrn_radiation.filter_edge                      ? 
_diffrn_radiation.inhomogeneity                    ? 
_diffrn_radiation.monochromator                    ? 
_diffrn_radiation.polarisn_norm                    ? 
_diffrn_radiation.polarisn_ratio                   ? 
_diffrn_radiation.probe                            ? 
_diffrn_radiation.type                             ? 
_diffrn_radiation.xray_symbol                      ? 
_diffrn_radiation.wavelength_id                    1 
_diffrn_radiation.pdbx_monochromatic_or_laue_m_l   M 
_diffrn_radiation.pdbx_wavelength_list             ? 
_diffrn_radiation.pdbx_wavelength                  ? 
_diffrn_radiation.pdbx_diffrn_protocol             'SINGLE WAVELENGTH' 
_diffrn_radiation.pdbx_analyzer                    ? 
_diffrn_radiation.pdbx_scattering_type             x-ray 
# 
_diffrn_radiation_wavelength.id           1 
_diffrn_radiation_wavelength.wavelength   1.0 
_diffrn_radiation_wavelength.wt           1.0 
# 
_diffrn_source.current                     ? 
_diffrn_source.details                     ? 
_diffrn_source.diffrn_id                   1 
_diffrn_source.power                       ? 
_diffrn_source.size                        ? 
_diffrn_source.source                      SYNCHROTRON 
_diffrn_source.target                      ? 
_diffrn_source.type                        'SPRING-8 BEAMLINE BL45XU' 
_diffrn_source.voltage                     ? 
_diffrn_source.take-off_angle              ? 
_diffrn_source.pdbx_wavelength_list        1.0 
_diffrn_source.pdbx_wavelength             ? 
_diffrn_source.pdbx_synchrotron_beamline   BL45XU 
_diffrn_source.pdbx_synchrotron_site       SPring-8 
# 
_reflns.B_iso_Wilson_estimate                          ? 
_reflns.entry_id                                       8JUC 
_reflns.data_reduction_details                         ? 
_reflns.data_reduction_method                          ? 
_reflns.d_resolution_high                              1.5 
_reflns.d_resolution_low                               46.94 
_reflns.details                                        ? 
_reflns.limit_h_max                                    ? 
_reflns.limit_h_min                                    ? 
_reflns.limit_k_max                                    ? 
_reflns.limit_k_min                                    ? 
_reflns.limit_l_max                                    ? 
_reflns.limit_l_min                                    ? 
_reflns.number_all                                     ? 
_reflns.number_obs                                     78895 
_reflns.observed_criterion                             ? 
_reflns.observed_criterion_F_max                       ? 
_reflns.observed_criterion_F_min                       ? 
_reflns.observed_criterion_I_max                       ? 
_reflns.observed_criterion_I_min                       ? 
_reflns.observed_criterion_sigma_F                     ? 
_reflns.observed_criterion_sigma_I                     ? 
_reflns.percent_possible_obs                           99.95 
_reflns.R_free_details                                 ? 
_reflns.Rmerge_F_all                                   ? 
_reflns.Rmerge_F_obs                                   ? 
_reflns.Friedel_coverage                               ? 
_reflns.number_gt                                      ? 
_reflns.threshold_expression                           ? 
_reflns.pdbx_redundancy                                20 
_reflns.pdbx_netI_over_av_sigmaI                       ? 
_reflns.pdbx_netI_over_sigmaI                          8.75 
_reflns.pdbx_res_netI_over_av_sigmaI_2                 ? 
_reflns.pdbx_res_netI_over_sigmaI_2                    ? 
_reflns.pdbx_chi_squared                               ? 
_reflns.pdbx_scaling_rejects                           ? 
_reflns.pdbx_d_res_high_opt                            ? 
_reflns.pdbx_d_res_low_opt                             ? 
_reflns.pdbx_d_res_opt_method                          ? 
_reflns.phase_calculation_details                      ? 
_reflns.pdbx_Rrim_I_all                                ? 
_reflns.pdbx_Rpim_I_all                                ? 
_reflns.pdbx_d_opt                                     ? 
_reflns.pdbx_number_measured_all                       ? 
_reflns.pdbx_diffrn_id                                 1 
_reflns.pdbx_ordinal                                   1 
_reflns.pdbx_CC_half                                   0.994 
_reflns.pdbx_CC_star                                   ? 
_reflns.pdbx_R_split                                   ? 
_reflns.pdbx_Rmerge_I_obs                              ? 
_reflns.pdbx_Rmerge_I_all                              ? 
_reflns.pdbx_Rsym_value                                ? 
_reflns.pdbx_CC_split_method                           ? 
_reflns.pdbx_aniso_diffraction_limit_axis_1_ortho[1]   ? 
_reflns.pdbx_aniso_diffraction_limit_axis_1_ortho[2]   ? 
_reflns.pdbx_aniso_diffraction_limit_axis_1_ortho[3]   ? 
_reflns.pdbx_aniso_diffraction_limit_axis_2_ortho[1]   ? 
_reflns.pdbx_aniso_diffraction_limit_axis_2_ortho[2]   ? 
_reflns.pdbx_aniso_diffraction_limit_axis_2_ortho[3]   ? 
_reflns.pdbx_aniso_diffraction_limit_axis_3_ortho[1]   ? 
_reflns.pdbx_aniso_diffraction_limit_axis_3_ortho[2]   ? 
_reflns.pdbx_aniso_diffraction_limit_axis_3_ortho[3]   ? 
_reflns.pdbx_aniso_diffraction_limit_1                 ? 
_reflns.pdbx_aniso_diffraction_limit_2                 ? 
_reflns.pdbx_aniso_diffraction_limit_3                 ? 
_reflns.pdbx_aniso_B_tensor_eigenvector_1_ortho[1]     ? 
_reflns.pdbx_aniso_B_tensor_eigenvector_1_ortho[2]     ? 
_reflns.pdbx_aniso_B_tensor_eigenvector_1_ortho[3]     ? 
_reflns.pdbx_aniso_B_tensor_eigenvector_2_ortho[1]     ? 
_reflns.pdbx_aniso_B_tensor_eigenvector_2_ortho[2]     ? 
_reflns.pdbx_aniso_B_tensor_eigenvector_2_ortho[3]     ? 
_reflns.pdbx_aniso_B_tensor_eigenvector_3_ortho[1]     ? 
_reflns.pdbx_aniso_B_tensor_eigenvector_3_ortho[2]     ? 
_reflns.pdbx_aniso_B_tensor_eigenvector_3_ortho[3]     ? 
_reflns.pdbx_aniso_B_tensor_eigenvalue_1               ? 
_reflns.pdbx_aniso_B_tensor_eigenvalue_2               ? 
_reflns.pdbx_aniso_B_tensor_eigenvalue_3               ? 
_reflns.pdbx_orthogonalization_convention              ? 
_reflns.pdbx_percent_possible_ellipsoidal              ? 
_reflns.pdbx_percent_possible_spherical                ? 
_reflns.pdbx_percent_possible_ellipsoidal_anomalous    ? 
_reflns.pdbx_percent_possible_spherical_anomalous      ? 
_reflns.pdbx_redundancy_anomalous                      ? 
_reflns.pdbx_CC_half_anomalous                         ? 
_reflns.pdbx_absDiff_over_sigma_anomalous              ? 
_reflns.pdbx_percent_possible_anomalous                ? 
_reflns.pdbx_observed_signal_threshold                 ? 
_reflns.pdbx_signal_type                               ? 
_reflns.pdbx_signal_details                            ? 
_reflns.pdbx_signal_software_id                        ? 
# 
_reflns_shell.d_res_high                                    1.54 
_reflns_shell.d_res_low                                     1.6 
_reflns_shell.meanI_over_sigI_all                           ? 
_reflns_shell.meanI_over_sigI_obs                           ? 
_reflns_shell.number_measured_all                           ? 
_reflns_shell.number_measured_obs                           ? 
_reflns_shell.number_possible                               ? 
_reflns_shell.number_unique_all                             ? 
_reflns_shell.number_unique_obs                             4133 
_reflns_shell.percent_possible_obs                          ? 
_reflns_shell.Rmerge_F_all                                  ? 
_reflns_shell.Rmerge_F_obs                                  ? 
_reflns_shell.meanI_over_sigI_gt                            ? 
_reflns_shell.meanI_over_uI_all                             ? 
_reflns_shell.meanI_over_uI_gt                              ? 
_reflns_shell.number_measured_gt                            ? 
_reflns_shell.number_unique_gt                              ? 
_reflns_shell.percent_possible_gt                           ? 
_reflns_shell.Rmerge_F_gt                                   ? 
_reflns_shell.Rmerge_I_gt                                   ? 
_reflns_shell.pdbx_redundancy                               ? 
_reflns_shell.pdbx_chi_squared                              ? 
_reflns_shell.pdbx_netI_over_sigmaI_all                     ? 
_reflns_shell.pdbx_netI_over_sigmaI_obs                     ? 
_reflns_shell.pdbx_Rrim_I_all                               ? 
_reflns_shell.pdbx_Rpim_I_all                               ? 
_reflns_shell.pdbx_rejects                                  ? 
_reflns_shell.pdbx_ordinal                                  1 
_reflns_shell.pdbx_diffrn_id                                1 
_reflns_shell.pdbx_CC_half                                  0.649 
_reflns_shell.pdbx_CC_star                                  ? 
_reflns_shell.pdbx_R_split                                  ? 
_reflns_shell.percent_possible_all                          ? 
_reflns_shell.Rmerge_I_all                                  ? 
_reflns_shell.Rmerge_I_obs                                  ? 
_reflns_shell.pdbx_Rsym_value                               ? 
_reflns_shell.pdbx_percent_possible_ellipsoidal             ? 
_reflns_shell.pdbx_percent_possible_spherical               ? 
_reflns_shell.pdbx_percent_possible_ellipsoidal_anomalous   ? 
_reflns_shell.pdbx_percent_possible_spherical_anomalous     ? 
_reflns_shell.pdbx_redundancy_anomalous                     ? 
_reflns_shell.pdbx_CC_half_anomalous                        ? 
_reflns_shell.pdbx_absDiff_over_sigma_anomalous             ? 
_reflns_shell.pdbx_percent_possible_anomalous               ? 
# 
_refine.aniso_B[1][1]                            ? 
_refine.aniso_B[1][2]                            ? 
_refine.aniso_B[1][3]                            ? 
_refine.aniso_B[2][2]                            ? 
_refine.aniso_B[2][3]                            ? 
_refine.aniso_B[3][3]                            ? 
_refine.B_iso_max                                ? 
_refine.B_iso_mean                               ? 
_refine.B_iso_min                                ? 
_refine.correlation_coeff_Fo_to_Fc               ? 
_refine.correlation_coeff_Fo_to_Fc_free          ? 
_refine.details                                  ? 
_refine.diff_density_max                         ? 
_refine.diff_density_max_esd                     ? 
_refine.diff_density_min                         ? 
_refine.diff_density_min_esd                     ? 
_refine.diff_density_rms                         ? 
_refine.diff_density_rms_esd                     ? 
_refine.entry_id                                 8JUC 
_refine.pdbx_refine_id                           'X-RAY DIFFRACTION' 
_refine.ls_abs_structure_details                 ? 
_refine.ls_abs_structure_Flack                   ? 
_refine.ls_abs_structure_Flack_esd               ? 
_refine.ls_abs_structure_Rogers                  ? 
_refine.ls_abs_structure_Rogers_esd              ? 
_refine.ls_d_res_high                            1.54 
_refine.ls_d_res_low                             46.94 
_refine.ls_extinction_coef                       ? 
_refine.ls_extinction_coef_esd                   ? 
_refine.ls_extinction_expression                 ? 
_refine.ls_extinction_method                     ? 
_refine.ls_goodness_of_fit_all                   ? 
_refine.ls_goodness_of_fit_all_esd               ? 
_refine.ls_goodness_of_fit_obs                   ? 
_refine.ls_goodness_of_fit_obs_esd               ? 
_refine.ls_hydrogen_treatment                    ? 
_refine.ls_matrix_type                           ? 
_refine.ls_number_constraints                    ? 
_refine.ls_number_parameters                     ? 
_refine.ls_number_reflns_all                     ? 
_refine.ls_number_reflns_obs                     78705 
_refine.ls_number_reflns_R_free                  3717 
_refine.ls_number_reflns_R_work                  ? 
_refine.ls_number_restraints                     ? 
_refine.ls_percent_reflns_obs                    99.69 
_refine.ls_percent_reflns_R_free                 4.72 
_refine.ls_R_factor_all                          ? 
_refine.ls_R_factor_obs                          0.2188 
_refine.ls_R_factor_R_free                       0.2367 
_refine.ls_R_factor_R_free_error                 ? 
_refine.ls_R_factor_R_free_error_details         ? 
_refine.ls_R_factor_R_work                       0.2179 
_refine.ls_R_Fsqd_factor_obs                     ? 
_refine.ls_R_I_factor_obs                        ? 
_refine.ls_redundancy_reflns_all                 ? 
_refine.ls_redundancy_reflns_obs                 ? 
_refine.ls_restrained_S_all                      ? 
_refine.ls_restrained_S_obs                      ? 
_refine.ls_shift_over_esd_max                    ? 
_refine.ls_shift_over_esd_mean                   ? 
_refine.ls_structure_factor_coef                 ? 
_refine.ls_weighting_details                     ? 
_refine.ls_weighting_scheme                      ? 
_refine.ls_wR_factor_all                         ? 
_refine.ls_wR_factor_obs                         ? 
_refine.ls_wR_factor_R_free                      ? 
_refine.ls_wR_factor_R_work                      ? 
_refine.occupancy_max                            ? 
_refine.occupancy_min                            ? 
_refine.solvent_model_details                    'FLAT BULK SOLVENT MODEL' 
_refine.solvent_model_param_bsol                 ? 
_refine.solvent_model_param_ksol                 ? 
_refine.pdbx_R_complete                          ? 
_refine.ls_R_factor_gt                           ? 
_refine.ls_goodness_of_fit_gt                    ? 
_refine.ls_goodness_of_fit_ref                   ? 
_refine.ls_shift_over_su_max                     ? 
_refine.ls_shift_over_su_max_lt                  ? 
_refine.ls_shift_over_su_mean                    ? 
_refine.ls_shift_over_su_mean_lt                 ? 
_refine.pdbx_ls_sigma_I                          ? 
_refine.pdbx_ls_sigma_F                          1.34 
_refine.pdbx_ls_sigma_Fsqd                       ? 
_refine.pdbx_data_cutoff_high_absF               ? 
_refine.pdbx_data_cutoff_high_rms_absF           ? 
_refine.pdbx_data_cutoff_low_absF                ? 
_refine.pdbx_isotropic_thermal_model             ? 
_refine.pdbx_ls_cross_valid_method               'FREE R-VALUE' 
_refine.pdbx_method_to_determine_struct          'MOLECULAR REPLACEMENT' 
_refine.pdbx_starting_model                      ? 
_refine.pdbx_stereochemistry_target_values       ML 
_refine.pdbx_R_Free_selection_details            ? 
_refine.pdbx_stereochem_target_val_spec_case     ? 
_refine.pdbx_overall_ESU_R                       ? 
_refine.pdbx_overall_ESU_R_Free                  ? 
_refine.pdbx_solvent_vdw_probe_radii             1.11 
_refine.pdbx_solvent_ion_probe_radii             ? 
_refine.pdbx_solvent_shrinkage_radii             0.90 
_refine.pdbx_real_space_R                        ? 
_refine.pdbx_density_correlation                 ? 
_refine.pdbx_pd_number_of_powder_patterns        ? 
_refine.pdbx_pd_number_of_points                 ? 
_refine.pdbx_pd_meas_number_of_points            ? 
_refine.pdbx_pd_proc_ls_prof_R_factor            ? 
_refine.pdbx_pd_proc_ls_prof_wR_factor           ? 
_refine.pdbx_pd_Marquardt_correlation_coeff      ? 
_refine.pdbx_pd_Fsqrd_R_factor                   ? 
_refine.pdbx_pd_ls_matrix_band_width             ? 
_refine.pdbx_overall_phase_error                 30.91 
_refine.pdbx_overall_SU_R_free_Cruickshank_DPI   ? 
_refine.pdbx_overall_SU_R_free_Blow_DPI          ? 
_refine.pdbx_overall_SU_R_Blow_DPI               ? 
_refine.pdbx_TLS_residual_ADP_flag               ? 
_refine.pdbx_diffrn_id                           1 
_refine.overall_SU_B                             ? 
_refine.overall_SU_ML                            0.32 
_refine.overall_SU_R_Cruickshank_DPI             ? 
_refine.overall_SU_R_free                        ? 
_refine.overall_FOM_free_R_set                   ? 
_refine.overall_FOM_work_R_set                   ? 
_refine.pdbx_average_fsc_overall                 ? 
_refine.pdbx_average_fsc_work                    ? 
_refine.pdbx_average_fsc_free                    ? 
# 
_refine_hist.pdbx_refine_id                   'X-RAY DIFFRACTION' 
_refine_hist.cycle_id                         LAST 
_refine_hist.pdbx_number_atoms_protein        1202 
_refine_hist.pdbx_number_atoms_nucleic_acid   0 
_refine_hist.pdbx_number_atoms_ligand         23 
_refine_hist.number_atoms_solvent             113 
_refine_hist.number_atoms_total               1338 
_refine_hist.d_res_high                       1.54 
_refine_hist.d_res_low                        46.94 
# 
loop_
_refine_ls_restr.pdbx_refine_id 
_refine_ls_restr.criterion 
_refine_ls_restr.dev_ideal 
_refine_ls_restr.dev_ideal_target 
_refine_ls_restr.number 
_refine_ls_restr.rejects 
_refine_ls_restr.type 
_refine_ls_restr.weight 
_refine_ls_restr.pdbx_restraint_function 
'X-RAY DIFFRACTION' ? 0.013  ? 1285 ? f_bond_d           ? ? 
'X-RAY DIFFRACTION' ? 1.254  ? 1758 ? f_angle_d          ? ? 
'X-RAY DIFFRACTION' ? 15.000 ? 174  ? f_dihedral_angle_d ? ? 
'X-RAY DIFFRACTION' ? 0.070  ? 187  ? f_chiral_restr     ? ? 
'X-RAY DIFFRACTION' ? 0.012  ? 229  ? f_plane_restr      ? ? 
# 
loop_
_refine_ls_shell.pdbx_refine_id 
_refine_ls_shell.d_res_high 
_refine_ls_shell.d_res_low 
_refine_ls_shell.number_reflns_all 
_refine_ls_shell.number_reflns_obs 
_refine_ls_shell.number_reflns_R_free 
_refine_ls_shell.number_reflns_R_work 
_refine_ls_shell.percent_reflns_obs 
_refine_ls_shell.percent_reflns_R_free 
_refine_ls_shell.R_factor_all 
_refine_ls_shell.R_factor_obs 
_refine_ls_shell.R_factor_R_free_error 
_refine_ls_shell.R_factor_R_work 
_refine_ls_shell.redundancy_reflns_all 
_refine_ls_shell.redundancy_reflns_obs 
_refine_ls_shell.wR_factor_all 
_refine_ls_shell.wR_factor_obs 
_refine_ls_shell.wR_factor_R_free 
_refine_ls_shell.wR_factor_R_work 
_refine_ls_shell.pdbx_R_complete 
_refine_ls_shell.pdbx_total_number_of_bins_used 
_refine_ls_shell.pdbx_phase_error 
_refine_ls_shell.pdbx_fsc_work 
_refine_ls_shell.pdbx_fsc_free 
_refine_ls_shell.R_factor_R_free 
'X-RAY DIFFRACTION' 1.54 1.56  . . 127 2601 93.00  . . . . 0.5332 . . . . . . . . . . . 0.5096 
'X-RAY DIFFRACTION' 1.56 1.58  . . 136 2796 100.00 . . . . 0.5102 . . . . . . . . . . . 0.5305 
'X-RAY DIFFRACTION' 1.58 1.60  . . 139 2764 100.00 . . . . 0.4578 . . . . . . . . . . . 0.4334 
'X-RAY DIFFRACTION' 1.60 1.62  . . 135 2789 100.00 . . . . 0.4217 . . . . . . . . . . . 0.4273 
'X-RAY DIFFRACTION' 1.62 1.65  . . 139 2815 100.00 . . . . 0.3875 . . . . . . . . . . . 0.3762 
'X-RAY DIFFRACTION' 1.65 1.67  . . 141 2766 100.00 . . . . 0.3567 . . . . . . . . . . . 0.4014 
'X-RAY DIFFRACTION' 1.67 1.70  . . 134 2782 100.00 . . . . 0.3342 . . . . . . . . . . . 0.3530 
'X-RAY DIFFRACTION' 1.70 1.73  . . 136 2753 100.00 . . . . 0.3005 . . . . . . . . . . . 0.3085 
'X-RAY DIFFRACTION' 1.73 1.76  . . 137 2854 100.00 . . . . 0.2887 . . . . . . . . . . . 0.2955 
'X-RAY DIFFRACTION' 1.76 1.79  . . 133 2756 100.00 . . . . 0.2691 . . . . . . . . . . . 0.3103 
'X-RAY DIFFRACTION' 1.79 1.83  . . 139 2775 100.00 . . . . 0.2635 . . . . . . . . . . . 0.2525 
'X-RAY DIFFRACTION' 1.83 1.87  . . 139 2746 100.00 . . . . 0.2723 . . . . . . . . . . . 0.3155 
'X-RAY DIFFRACTION' 1.87 1.91  . . 140 2795 100.00 . . . . 0.2681 . . . . . . . . . . . 0.3105 
'X-RAY DIFFRACTION' 1.91 1.96  . . 140 2785 100.00 . . . . 0.2520 . . . . . . . . . . . 0.3112 
'X-RAY DIFFRACTION' 1.96 2.01  . . 139 2799 100.00 . . . . 0.2402 . . . . . . . . . . . 0.2373 
'X-RAY DIFFRACTION' 2.01 2.07  . . 137 2767 100.00 . . . . 0.2250 . . . . . . . . . . . 0.3065 
'X-RAY DIFFRACTION' 2.07 2.14  . . 140 2793 100.00 . . . . 0.2249 . . . . . . . . . . . 0.2736 
'X-RAY DIFFRACTION' 2.14 2.22  . . 140 2790 100.00 . . . . 0.2220 . . . . . . . . . . . 0.2246 
'X-RAY DIFFRACTION' 2.22 2.31  . . 135 2760 100.00 . . . . 0.2273 . . . . . . . . . . . 0.2495 
'X-RAY DIFFRACTION' 2.31 2.41  . . 140 2785 100.00 . . . . 0.2366 . . . . . . . . . . . 0.2615 
'X-RAY DIFFRACTION' 2.41 2.54  . . 141 2798 100.00 . . . . 0.2297 . . . . . . . . . . . 0.2426 
'X-RAY DIFFRACTION' 2.54 2.70  . . 144 2767 100.00 . . . . 0.2265 . . . . . . . . . . . 0.2437 
'X-RAY DIFFRACTION' 2.70 2.90  . . 136 2795 100.00 . . . . 0.2370 . . . . . . . . . . . 0.2295 
'X-RAY DIFFRACTION' 2.90 3.20  . . 141 2798 100.00 . . . . 0.2143 . . . . . . . . . . . 0.3216 
'X-RAY DIFFRACTION' 3.20 3.66  . . 135 2780 100.00 . . . . 0.1938 . . . . . . . . . . . 0.2168 
'X-RAY DIFFRACTION' 3.66 4.61  . . 135 2791 100.00 . . . . 0.1493 . . . . . . . . . . . 0.1554 
'X-RAY DIFFRACTION' 4.61 46.94 . . 139 2788 100.00 . . . . 0.1690 . . . . . . . . . . . 0.1528 
# 
_struct.entry_id                     8JUC 
_struct.title                        
'Identification of small-molecule binding sites of a ubiquitin-conjugating enzyme-UBE2T through fragment-based screening' 
_struct.pdbx_model_details           ? 
_struct.pdbx_formula_weight          ? 
_struct.pdbx_formula_weight_method   ? 
_struct.pdbx_model_type_details      ? 
_struct.pdbx_CASP_flag               N 
# 
_struct_keywords.entry_id        8JUC 
_struct_keywords.text            'UBE2T; ubiquitination; fragment-based drug discovery, LIGASE' 
_struct_keywords.pdbx_keywords   LIGASE 
# 
loop_
_struct_asym.id 
_struct_asym.pdbx_blank_PDB_chainid_flag 
_struct_asym.pdbx_modified 
_struct_asym.entity_id 
_struct_asym.details 
A N N 1 ? 
B N N 2 ? 
C N N 3 ? 
D N N 3 ? 
E N N 4 ? 
# 
_struct_ref.id                         1 
_struct_ref.db_name                    UNP 
_struct_ref.db_code                    UBE2T_HUMAN 
_struct_ref.pdbx_db_accession          Q9NPD8 
_struct_ref.pdbx_db_isoform            ? 
_struct_ref.entity_id                  1 
_struct_ref.pdbx_seq_one_letter_code   
;MQRASRLKRELHMLATEPPPGITCWQDKDQMDDLRAQILGGANTPYEKGVFKLEVIIPERYPFEPPQIRFLTPIYHPNID
SAGRICLDVLKLPPKGAWRPSLNIATVLTSIQLLMSEPNPDDPLMADISSEFKYNKPAFLKNARQWTEKHARQK
;
_struct_ref.pdbx_align_begin           1 
# 
_struct_ref_seq.align_id                      1 
_struct_ref_seq.ref_id                        1 
_struct_ref_seq.pdbx_PDB_id_code              8JUC 
_struct_ref_seq.pdbx_strand_id                A 
_struct_ref_seq.seq_align_beg                 3 
_struct_ref_seq.pdbx_seq_align_beg_ins_code   ? 
_struct_ref_seq.seq_align_end                 156 
_struct_ref_seq.pdbx_seq_align_end_ins_code   ? 
_struct_ref_seq.pdbx_db_accession             Q9NPD8 
_struct_ref_seq.db_align_beg                  1 
_struct_ref_seq.pdbx_db_align_beg_ins_code    ? 
_struct_ref_seq.db_align_end                  154 
_struct_ref_seq.pdbx_db_align_end_ins_code    ? 
_struct_ref_seq.pdbx_auth_seq_align_beg       1 
_struct_ref_seq.pdbx_auth_seq_align_end       154 
# 
loop_
_struct_ref_seq_dif.align_id 
_struct_ref_seq_dif.pdbx_pdb_id_code 
_struct_ref_seq_dif.mon_id 
_struct_ref_seq_dif.pdbx_pdb_strand_id 
_struct_ref_seq_dif.seq_num 
_struct_ref_seq_dif.pdbx_pdb_ins_code 
_struct_ref_seq_dif.pdbx_seq_db_name 
_struct_ref_seq_dif.pdbx_seq_db_accession_code 
_struct_ref_seq_dif.db_mon_id 
_struct_ref_seq_dif.pdbx_seq_db_seq_num 
_struct_ref_seq_dif.details 
_struct_ref_seq_dif.pdbx_auth_seq_num 
_struct_ref_seq_dif.pdbx_ordinal 
1 8JUC GLY A 1 ? UNP Q9NPD8 ? ? 'expression tag' -1 1 
1 8JUC SER A 2 ? UNP Q9NPD8 ? ? 'expression tag' 0  2 
# 
_pdbx_struct_assembly.id                   1 
_pdbx_struct_assembly.details              author_defined_assembly 
_pdbx_struct_assembly.method_details       ? 
_pdbx_struct_assembly.oligomeric_details   monomeric 
_pdbx_struct_assembly.oligomeric_count     1 
# 
loop_
_pdbx_struct_assembly_prop.biol_id 
_pdbx_struct_assembly_prop.type 
_pdbx_struct_assembly_prop.value 
_pdbx_struct_assembly_prop.details 
1 'ABSA (A^2)' 280  ? 
1 MORE         3    ? 
1 'SSA (A^2)'  8260 ? 
# 
_pdbx_struct_assembly_gen.assembly_id       1 
_pdbx_struct_assembly_gen.oper_expression   1 
_pdbx_struct_assembly_gen.asym_id_list      A,B,C,D,E 
# 
_pdbx_struct_assembly_auth_evidence.id                     1 
_pdbx_struct_assembly_auth_evidence.assembly_id            1 
_pdbx_struct_assembly_auth_evidence.experimental_support   'gel filtration' 
_pdbx_struct_assembly_auth_evidence.details                ? 
# 
_pdbx_struct_oper_list.id                   1 
_pdbx_struct_oper_list.type                 'identity operation' 
_pdbx_struct_oper_list.name                 1_555 
_pdbx_struct_oper_list.symmetry_operation   x,y,z 
_pdbx_struct_oper_list.matrix[1][1]         1.0000000000 
_pdbx_struct_oper_list.matrix[1][2]         0.0000000000 
_pdbx_struct_oper_list.matrix[1][3]         0.0000000000 
_pdbx_struct_oper_list.vector[1]            0.0000000000 
_pdbx_struct_oper_list.matrix[2][1]         0.0000000000 
_pdbx_struct_oper_list.matrix[2][2]         1.0000000000 
_pdbx_struct_oper_list.matrix[2][3]         0.0000000000 
_pdbx_struct_oper_list.vector[2]            0.0000000000 
_pdbx_struct_oper_list.matrix[3][1]         0.0000000000 
_pdbx_struct_oper_list.matrix[3][2]         0.0000000000 
_pdbx_struct_oper_list.matrix[3][3]         1.0000000000 
_pdbx_struct_oper_list.vector[3]            0.0000000000 
# 
loop_
_struct_conf.conf_type_id 
_struct_conf.id 
_struct_conf.pdbx_PDB_helix_id 
_struct_conf.beg_label_comp_id 
_struct_conf.beg_label_asym_id 
_struct_conf.beg_label_seq_id 
_struct_conf.pdbx_beg_PDB_ins_code 
_struct_conf.end_label_comp_id 
_struct_conf.end_label_asym_id 
_struct_conf.end_label_seq_id 
_struct_conf.pdbx_end_PDB_ins_code 
_struct_conf.beg_auth_comp_id 
_struct_conf.beg_auth_asym_id 
_struct_conf.beg_auth_seq_id 
_struct_conf.end_auth_comp_id 
_struct_conf.end_auth_asym_id 
_struct_conf.end_auth_seq_id 
_struct_conf.pdbx_PDB_helix_class 
_struct_conf.details 
_struct_conf.pdbx_PDB_helix_length 
HELX_P HELX_P1 AA1 MET A 3   ? GLU A 19  ? MET A 1   GLU A 17  1 ? 17 
HELX_P HELX_P2 AA2 LEU A 89  ? LYS A 93  ? LEU A 87  LYS A 91  5 ? 5  
HELX_P HELX_P3 AA3 ASN A 105 ? GLU A 119 ? ASN A 103 GLU A 117 1 ? 15 
HELX_P HELX_P4 AA4 MET A 127 ? ASN A 137 ? MET A 125 ASN A 135 1 ? 11 
HELX_P HELX_P5 AA5 ASN A 137 ? ALA A 153 ? ASN A 135 ALA A 151 1 ? 17 
# 
_struct_conf_type.id          HELX_P 
_struct_conf_type.criteria    ? 
_struct_conf_type.reference   ? 
# 
loop_
_struct_mon_prot_cis.pdbx_id 
_struct_mon_prot_cis.label_comp_id 
_struct_mon_prot_cis.label_seq_id 
_struct_mon_prot_cis.label_asym_id 
_struct_mon_prot_cis.label_alt_id 
_struct_mon_prot_cis.pdbx_PDB_ins_code 
_struct_mon_prot_cis.auth_comp_id 
_struct_mon_prot_cis.auth_seq_id 
_struct_mon_prot_cis.auth_asym_id 
_struct_mon_prot_cis.pdbx_label_comp_id_2 
_struct_mon_prot_cis.pdbx_label_seq_id_2 
_struct_mon_prot_cis.pdbx_label_asym_id_2 
_struct_mon_prot_cis.pdbx_PDB_ins_code_2 
_struct_mon_prot_cis.pdbx_auth_comp_id_2 
_struct_mon_prot_cis.pdbx_auth_seq_id_2 
_struct_mon_prot_cis.pdbx_auth_asym_id_2 
_struct_mon_prot_cis.pdbx_PDB_model_num 
_struct_mon_prot_cis.pdbx_omega_angle 
1 TYR 63 A . ? TYR 61 A PRO 64 A ? PRO 62 A 1 6.40 
2 PRO 95 A . ? PRO 93 A PRO 96 A ? PRO 94 A 1 6.18 
# 
_struct_sheet.id               AA1 
_struct_sheet.type             ? 
_struct_sheet.number_strands   4 
_struct_sheet.details          ? 
# 
loop_
_struct_sheet_order.sheet_id 
_struct_sheet_order.range_id_1 
_struct_sheet_order.range_id_2 
_struct_sheet_order.offset 
_struct_sheet_order.sense 
AA1 1 2 ? anti-parallel 
AA1 2 3 ? anti-parallel 
AA1 3 4 ? anti-parallel 
# 
loop_
_struct_sheet_range.sheet_id 
_struct_sheet_range.id 
_struct_sheet_range.beg_label_comp_id 
_struct_sheet_range.beg_label_asym_id 
_struct_sheet_range.beg_label_seq_id 
_struct_sheet_range.pdbx_beg_PDB_ins_code 
_struct_sheet_range.end_label_comp_id 
_struct_sheet_range.end_label_asym_id 
_struct_sheet_range.end_label_seq_id 
_struct_sheet_range.pdbx_end_PDB_ins_code 
_struct_sheet_range.beg_auth_comp_id 
_struct_sheet_range.beg_auth_asym_id 
_struct_sheet_range.beg_auth_seq_id 
_struct_sheet_range.end_auth_comp_id 
_struct_sheet_range.end_auth_asym_id 
_struct_sheet_range.end_auth_seq_id 
AA1 1 ILE A 24 ? GLN A 28 ? ILE A 22 GLN A 26 
AA1 2 ASP A 35 ? LEU A 41 ? ASP A 33 LEU A 39 
AA1 3 VAL A 52 ? ILE A 58 ? VAL A 50 ILE A 56 
AA1 4 GLN A 69 ? PHE A 72 ? GLN A 67 PHE A 70 
# 
loop_
_pdbx_struct_sheet_hbond.sheet_id 
_pdbx_struct_sheet_hbond.range_id_1 
_pdbx_struct_sheet_hbond.range_id_2 
_pdbx_struct_sheet_hbond.range_1_label_atom_id 
_pdbx_struct_sheet_hbond.range_1_label_comp_id 
_pdbx_struct_sheet_hbond.range_1_label_asym_id 
_pdbx_struct_sheet_hbond.range_1_label_seq_id 
_pdbx_struct_sheet_hbond.range_1_PDB_ins_code 
_pdbx_struct_sheet_hbond.range_1_auth_atom_id 
_pdbx_struct_sheet_hbond.range_1_auth_comp_id 
_pdbx_struct_sheet_hbond.range_1_auth_asym_id 
_pdbx_struct_sheet_hbond.range_1_auth_seq_id 
_pdbx_struct_sheet_hbond.range_2_label_atom_id 
_pdbx_struct_sheet_hbond.range_2_label_comp_id 
_pdbx_struct_sheet_hbond.range_2_label_asym_id 
_pdbx_struct_sheet_hbond.range_2_label_seq_id 
_pdbx_struct_sheet_hbond.range_2_PDB_ins_code 
_pdbx_struct_sheet_hbond.range_2_auth_atom_id 
_pdbx_struct_sheet_hbond.range_2_auth_comp_id 
_pdbx_struct_sheet_hbond.range_2_auth_asym_id 
_pdbx_struct_sheet_hbond.range_2_auth_seq_id 
AA1 1 2 N TRP A 27 ? N TRP A 25 O ARG A 37 ? O ARG A 35 
AA1 2 3 N ALA A 38 ? N ALA A 36 O LEU A 55 ? O LEU A 53 
AA1 3 4 N ILE A 58 ? N ILE A 56 O GLN A 69 ? O GLN A 67 
# 
loop_
_pdbx_validate_rmsd_angle.id 
_pdbx_validate_rmsd_angle.PDB_model_num 
_pdbx_validate_rmsd_angle.auth_atom_id_1 
_pdbx_validate_rmsd_angle.auth_asym_id_1 
_pdbx_validate_rmsd_angle.auth_comp_id_1 
_pdbx_validate_rmsd_angle.auth_seq_id_1 
_pdbx_validate_rmsd_angle.PDB_ins_code_1 
_pdbx_validate_rmsd_angle.label_alt_id_1 
_pdbx_validate_rmsd_angle.auth_atom_id_2 
_pdbx_validate_rmsd_angle.auth_asym_id_2 
_pdbx_validate_rmsd_angle.auth_comp_id_2 
_pdbx_validate_rmsd_angle.auth_seq_id_2 
_pdbx_validate_rmsd_angle.PDB_ins_code_2 
_pdbx_validate_rmsd_angle.label_alt_id_2 
_pdbx_validate_rmsd_angle.auth_atom_id_3 
_pdbx_validate_rmsd_angle.auth_asym_id_3 
_pdbx_validate_rmsd_angle.auth_comp_id_3 
_pdbx_validate_rmsd_angle.auth_seq_id_3 
_pdbx_validate_rmsd_angle.PDB_ins_code_3 
_pdbx_validate_rmsd_angle.label_alt_id_3 
_pdbx_validate_rmsd_angle.angle_value 
_pdbx_validate_rmsd_angle.angle_target_value 
_pdbx_validate_rmsd_angle.angle_deviation 
_pdbx_validate_rmsd_angle.angle_standard_deviation 
_pdbx_validate_rmsd_angle.linker_flag 
1 1 CB A ASP 88 ? ? CG A ASP 88 ? ? OD1 A ASP 88 ? ? 126.18 118.30 7.88  0.90 N 
2 1 CB A ASP 88 ? ? CG A ASP 88 ? ? OD2 A ASP 88 ? ? 111.69 118.30 -6.61 0.90 N 
# 
_pdbx_validate_torsion.id              1 
_pdbx_validate_torsion.PDB_model_num   1 
_pdbx_validate_torsion.auth_comp_id    LYS 
_pdbx_validate_torsion.auth_asym_id    A 
_pdbx_validate_torsion.auth_seq_id     28 
_pdbx_validate_torsion.PDB_ins_code    ? 
_pdbx_validate_torsion.label_alt_id    ? 
_pdbx_validate_torsion.phi             -139.43 
_pdbx_validate_torsion.psi             -99.15 
# 
loop_
_pdbx_struct_special_symmetry.id 
_pdbx_struct_special_symmetry.PDB_model_num 
_pdbx_struct_special_symmetry.auth_asym_id 
_pdbx_struct_special_symmetry.auth_comp_id 
_pdbx_struct_special_symmetry.auth_seq_id 
_pdbx_struct_special_symmetry.PDB_ins_code 
_pdbx_struct_special_symmetry.label_asym_id 
_pdbx_struct_special_symmetry.label_comp_id 
_pdbx_struct_special_symmetry.label_seq_id 
1 1 A HOH 322 ? E HOH . 
2 1 A HOH 401 ? E HOH . 
# 
_pdbx_entry_details.entry_id                 8JUC 
_pdbx_entry_details.has_ligand_of_interest   Y 
_pdbx_entry_details.compound_details         ? 
_pdbx_entry_details.source_details           ? 
_pdbx_entry_details.nonpolymer_details       ? 
_pdbx_entry_details.sequence_details         ? 
# 
loop_
_pdbx_unobs_or_zero_occ_residues.id 
_pdbx_unobs_or_zero_occ_residues.PDB_model_num 
_pdbx_unobs_or_zero_occ_residues.polymer_flag 
_pdbx_unobs_or_zero_occ_residues.occupancy_flag 
_pdbx_unobs_or_zero_occ_residues.auth_asym_id 
_pdbx_unobs_or_zero_occ_residues.auth_comp_id 
_pdbx_unobs_or_zero_occ_residues.auth_seq_id 
_pdbx_unobs_or_zero_occ_residues.PDB_ins_code 
_pdbx_unobs_or_zero_occ_residues.label_asym_id 
_pdbx_unobs_or_zero_occ_residues.label_comp_id 
_pdbx_unobs_or_zero_occ_residues.label_seq_id 
1 1 Y 1 A GLY -1  ? A GLY 1   
2 1 Y 1 A SER 0   ? A SER 2   
3 1 Y 1 A GLN 153 ? A GLN 155 
4 1 Y 1 A LYS 154 ? A LYS 156 
# 
loop_
_chem_comp_atom.comp_id 
_chem_comp_atom.atom_id 
_chem_comp_atom.type_symbol 
_chem_comp_atom.pdbx_aromatic_flag 
_chem_comp_atom.pdbx_stereo_config 
_chem_comp_atom.pdbx_ordinal 
ALA N    N N N 1   
ALA CA   C N S 2   
ALA C    C N N 3   
ALA O    O N N 4   
ALA CB   C N N 5   
ALA OXT  O N N 6   
ALA H    H N N 7   
ALA H2   H N N 8   
ALA HA   H N N 9   
ALA HB1  H N N 10  
ALA HB2  H N N 11  
ALA HB3  H N N 12  
ALA HXT  H N N 13  
ARG N    N N N 14  
ARG CA   C N S 15  
ARG C    C N N 16  
ARG O    O N N 17  
ARG CB   C N N 18  
ARG CG   C N N 19  
ARG CD   C N N 20  
ARG NE   N N N 21  
ARG CZ   C N N 22  
ARG NH1  N N N 23  
ARG NH2  N N N 24  
ARG OXT  O N N 25  
ARG H    H N N 26  
ARG H2   H N N 27  
ARG HA   H N N 28  
ARG HB2  H N N 29  
ARG HB3  H N N 30  
ARG HG2  H N N 31  
ARG HG3  H N N 32  
ARG HD2  H N N 33  
ARG HD3  H N N 34  
ARG HE   H N N 35  
ARG HH11 H N N 36  
ARG HH12 H N N 37  
ARG HH21 H N N 38  
ARG HH22 H N N 39  
ARG HXT  H N N 40  
ASN N    N N N 41  
ASN CA   C N S 42  
ASN C    C N N 43  
ASN O    O N N 44  
ASN CB   C N N 45  
ASN CG   C N N 46  
ASN OD1  O N N 47  
ASN ND2  N N N 48  
ASN OXT  O N N 49  
ASN H    H N N 50  
ASN H2   H N N 51  
ASN HA   H N N 52  
ASN HB2  H N N 53  
ASN HB3  H N N 54  
ASN HD21 H N N 55  
ASN HD22 H N N 56  
ASN HXT  H N N 57  
ASP N    N N N 58  
ASP CA   C N S 59  
ASP C    C N N 60  
ASP O    O N N 61  
ASP CB   C N N 62  
ASP CG   C N N 63  
ASP OD1  O N N 64  
ASP OD2  O N N 65  
ASP OXT  O N N 66  
ASP H    H N N 67  
ASP H2   H N N 68  
ASP HA   H N N 69  
ASP HB2  H N N 70  
ASP HB3  H N N 71  
ASP HD2  H N N 72  
ASP HXT  H N N 73  
CYS N    N N N 74  
CYS CA   C N R 75  
CYS C    C N N 76  
CYS O    O N N 77  
CYS CB   C N N 78  
CYS SG   S N N 79  
CYS OXT  O N N 80  
CYS H    H N N 81  
CYS H2   H N N 82  
CYS HA   H N N 83  
CYS HB2  H N N 84  
CYS HB3  H N N 85  
CYS HG   H N N 86  
CYS HXT  H N N 87  
EDO C1   C N N 88  
EDO O1   O N N 89  
EDO C2   C N N 90  
EDO O2   O N N 91  
EDO H11  H N N 92  
EDO H12  H N N 93  
EDO HO1  H N N 94  
EDO H21  H N N 95  
EDO H22  H N N 96  
EDO HO2  H N N 97  
GLN N    N N N 98  
GLN CA   C N S 99  
GLN C    C N N 100 
GLN O    O N N 101 
GLN CB   C N N 102 
GLN CG   C N N 103 
GLN CD   C N N 104 
GLN OE1  O N N 105 
GLN NE2  N N N 106 
GLN OXT  O N N 107 
GLN H    H N N 108 
GLN H2   H N N 109 
GLN HA   H N N 110 
GLN HB2  H N N 111 
GLN HB3  H N N 112 
GLN HG2  H N N 113 
GLN HG3  H N N 114 
GLN HE21 H N N 115 
GLN HE22 H N N 116 
GLN HXT  H N N 117 
GLU N    N N N 118 
GLU CA   C N S 119 
GLU C    C N N 120 
GLU O    O N N 121 
GLU CB   C N N 122 
GLU CG   C N N 123 
GLU CD   C N N 124 
GLU OE1  O N N 125 
GLU OE2  O N N 126 
GLU OXT  O N N 127 
GLU H    H N N 128 
GLU H2   H N N 129 
GLU HA   H N N 130 
GLU HB2  H N N 131 
GLU HB3  H N N 132 
GLU HG2  H N N 133 
GLU HG3  H N N 134 
GLU HE2  H N N 135 
GLU HXT  H N N 136 
GLY N    N N N 137 
GLY CA   C N N 138 
GLY C    C N N 139 
GLY O    O N N 140 
GLY OXT  O N N 141 
GLY H    H N N 142 
GLY H2   H N N 143 
GLY HA2  H N N 144 
GLY HA3  H N N 145 
GLY HXT  H N N 146 
HIS N    N N N 147 
HIS CA   C N S 148 
HIS C    C N N 149 
HIS O    O N N 150 
HIS CB   C N N 151 
HIS CG   C Y N 152 
HIS ND1  N Y N 153 
HIS CD2  C Y N 154 
HIS CE1  C Y N 155 
HIS NE2  N Y N 156 
HIS OXT  O N N 157 
HIS H    H N N 158 
HIS H2   H N N 159 
HIS HA   H N N 160 
HIS HB2  H N N 161 
HIS HB3  H N N 162 
HIS HD1  H N N 163 
HIS HD2  H N N 164 
HIS HE1  H N N 165 
HIS HE2  H N N 166 
HIS HXT  H N N 167 
HOH O    O N N 168 
HOH H1   H N N 169 
HOH H2   H N N 170 
ILE N    N N N 171 
ILE CA   C N S 172 
ILE C    C N N 173 
ILE O    O N N 174 
ILE CB   C N S 175 
ILE CG1  C N N 176 
ILE CG2  C N N 177 
ILE CD1  C N N 178 
ILE OXT  O N N 179 
ILE H    H N N 180 
ILE H2   H N N 181 
ILE HA   H N N 182 
ILE HB   H N N 183 
ILE HG12 H N N 184 
ILE HG13 H N N 185 
ILE HG21 H N N 186 
ILE HG22 H N N 187 
ILE HG23 H N N 188 
ILE HD11 H N N 189 
ILE HD12 H N N 190 
ILE HD13 H N N 191 
ILE HXT  H N N 192 
LEU N    N N N 193 
LEU CA   C N S 194 
LEU C    C N N 195 
LEU O    O N N 196 
LEU CB   C N N 197 
LEU CG   C N N 198 
LEU CD1  C N N 199 
LEU CD2  C N N 200 
LEU OXT  O N N 201 
LEU H    H N N 202 
LEU H2   H N N 203 
LEU HA   H N N 204 
LEU HB2  H N N 205 
LEU HB3  H N N 206 
LEU HG   H N N 207 
LEU HD11 H N N 208 
LEU HD12 H N N 209 
LEU HD13 H N N 210 
LEU HD21 H N N 211 
LEU HD22 H N N 212 
LEU HD23 H N N 213 
LEU HXT  H N N 214 
LYS N    N N N 215 
LYS CA   C N S 216 
LYS C    C N N 217 
LYS O    O N N 218 
LYS CB   C N N 219 
LYS CG   C N N 220 
LYS CD   C N N 221 
LYS CE   C N N 222 
LYS NZ   N N N 223 
LYS OXT  O N N 224 
LYS H    H N N 225 
LYS H2   H N N 226 
LYS HA   H N N 227 
LYS HB2  H N N 228 
LYS HB3  H N N 229 
LYS HG2  H N N 230 
LYS HG3  H N N 231 
LYS HD2  H N N 232 
LYS HD3  H N N 233 
LYS HE2  H N N 234 
LYS HE3  H N N 235 
LYS HZ1  H N N 236 
LYS HZ2  H N N 237 
LYS HZ3  H N N 238 
LYS HXT  H N N 239 
MET N    N N N 240 
MET CA   C N S 241 
MET C    C N N 242 
MET O    O N N 243 
MET CB   C N N 244 
MET CG   C N N 245 
MET SD   S N N 246 
MET CE   C N N 247 
MET OXT  O N N 248 
MET H    H N N 249 
MET H2   H N N 250 
MET HA   H N N 251 
MET HB2  H N N 252 
MET HB3  H N N 253 
MET HG2  H N N 254 
MET HG3  H N N 255 
MET HE1  H N N 256 
MET HE2  H N N 257 
MET HE3  H N N 258 
MET HXT  H N N 259 
PHE N    N N N 260 
PHE CA   C N S 261 
PHE C    C N N 262 
PHE O    O N N 263 
PHE CB   C N N 264 
PHE CG   C Y N 265 
PHE CD1  C Y N 266 
PHE CD2  C Y N 267 
PHE CE1  C Y N 268 
PHE CE2  C Y N 269 
PHE CZ   C Y N 270 
PHE OXT  O N N 271 
PHE H    H N N 272 
PHE H2   H N N 273 
PHE HA   H N N 274 
PHE HB2  H N N 275 
PHE HB3  H N N 276 
PHE HD1  H N N 277 
PHE HD2  H N N 278 
PHE HE1  H N N 279 
PHE HE2  H N N 280 
PHE HZ   H N N 281 
PHE HXT  H N N 282 
PRO N    N N N 283 
PRO CA   C N S 284 
PRO C    C N N 285 
PRO O    O N N 286 
PRO CB   C N N 287 
PRO CG   C N N 288 
PRO CD   C N N 289 
PRO OXT  O N N 290 
PRO H    H N N 291 
PRO HA   H N N 292 
PRO HB2  H N N 293 
PRO HB3  H N N 294 
PRO HG2  H N N 295 
PRO HG3  H N N 296 
PRO HD2  H N N 297 
PRO HD3  H N N 298 
PRO HXT  H N N 299 
SER N    N N N 300 
SER CA   C N S 301 
SER C    C N N 302 
SER O    O N N 303 
SER CB   C N N 304 
SER OG   O N N 305 
SER OXT  O N N 306 
SER H    H N N 307 
SER H2   H N N 308 
SER HA   H N N 309 
SER HB2  H N N 310 
SER HB3  H N N 311 
SER HG   H N N 312 
SER HXT  H N N 313 
THR N    N N N 314 
THR CA   C N S 315 
THR C    C N N 316 
THR O    O N N 317 
THR CB   C N R 318 
THR OG1  O N N 319 
THR CG2  C N N 320 
THR OXT  O N N 321 
THR H    H N N 322 
THR H2   H N N 323 
THR HA   H N N 324 
THR HB   H N N 325 
THR HG1  H N N 326 
THR HG21 H N N 327 
THR HG22 H N N 328 
THR HG23 H N N 329 
THR HXT  H N N 330 
TRP N    N N N 331 
TRP CA   C N S 332 
TRP C    C N N 333 
TRP O    O N N 334 
TRP CB   C N N 335 
TRP CG   C Y N 336 
TRP CD1  C Y N 337 
TRP CD2  C Y N 338 
TRP NE1  N Y N 339 
TRP CE2  C Y N 340 
TRP CE3  C Y N 341 
TRP CZ2  C Y N 342 
TRP CZ3  C Y N 343 
TRP CH2  C Y N 344 
TRP OXT  O N N 345 
TRP H    H N N 346 
TRP H2   H N N 347 
TRP HA   H N N 348 
TRP HB2  H N N 349 
TRP HB3  H N N 350 
TRP HD1  H N N 351 
TRP HE1  H N N 352 
TRP HE3  H N N 353 
TRP HZ2  H N N 354 
TRP HZ3  H N N 355 
TRP HH2  H N N 356 
TRP HXT  H N N 357 
TYR N    N N N 358 
TYR CA   C N S 359 
TYR C    C N N 360 
TYR O    O N N 361 
TYR CB   C N N 362 
TYR CG   C Y N 363 
TYR CD1  C Y N 364 
TYR CD2  C Y N 365 
TYR CE1  C Y N 366 
TYR CE2  C Y N 367 
TYR CZ   C Y N 368 
TYR OH   O N N 369 
TYR OXT  O N N 370 
TYR H    H N N 371 
TYR H2   H N N 372 
TYR HA   H N N 373 
TYR HB2  H N N 374 
TYR HB3  H N N 375 
TYR HD1  H N N 376 
TYR HD2  H N N 377 
TYR HE1  H N N 378 
TYR HE2  H N N 379 
TYR HH   H N N 380 
TYR HXT  H N N 381 
V23 C01  C N N 382 
V23 C02  C N N 383 
V23 C03  C N N 384 
V23 C04  C N N 385 
V23 C06  C N N 386 
V23 C09  C N N 387 
V23 C11  C N N 388 
V23 C12  C N N 389 
V23 F13  F N N 390 
V23 F14  F N N 391 
V23 F15  F N N 392 
V23 N05  N N N 393 
V23 N07  N N N 394 
V23 N08  N N N 395 
V23 O10  O N N 396 
V23 H1   H N N 397 
V23 H2   H N N 398 
V23 H3   H N N 399 
V23 H4   H N N 400 
V23 H5   H N N 401 
V23 H7   H N N 402 
VAL N    N N N 403 
VAL CA   C N S 404 
VAL C    C N N 405 
VAL O    O N N 406 
VAL CB   C N N 407 
VAL CG1  C N N 408 
VAL CG2  C N N 409 
VAL OXT  O N N 410 
VAL H    H N N 411 
VAL H2   H N N 412 
VAL HA   H N N 413 
VAL HB   H N N 414 
VAL HG11 H N N 415 
VAL HG12 H N N 416 
VAL HG13 H N N 417 
VAL HG21 H N N 418 
VAL HG22 H N N 419 
VAL HG23 H N N 420 
VAL HXT  H N N 421 
# 
loop_
_chem_comp_bond.comp_id 
_chem_comp_bond.atom_id_1 
_chem_comp_bond.atom_id_2 
_chem_comp_bond.value_order 
_chem_comp_bond.pdbx_aromatic_flag 
_chem_comp_bond.pdbx_stereo_config 
_chem_comp_bond.pdbx_ordinal 
ALA N   CA   sing N N 1   
ALA N   H    sing N N 2   
ALA N   H2   sing N N 3   
ALA CA  C    sing N N 4   
ALA CA  CB   sing N N 5   
ALA CA  HA   sing N N 6   
ALA C   O    doub N N 7   
ALA C   OXT  sing N N 8   
ALA CB  HB1  sing N N 9   
ALA CB  HB2  sing N N 10  
ALA CB  HB3  sing N N 11  
ALA OXT HXT  sing N N 12  
ARG N   CA   sing N N 13  
ARG N   H    sing N N 14  
ARG N   H2   sing N N 15  
ARG CA  C    sing N N 16  
ARG CA  CB   sing N N 17  
ARG CA  HA   sing N N 18  
ARG C   O    doub N N 19  
ARG C   OXT  sing N N 20  
ARG CB  CG   sing N N 21  
ARG CB  HB2  sing N N 22  
ARG CB  HB3  sing N N 23  
ARG CG  CD   sing N N 24  
ARG CG  HG2  sing N N 25  
ARG CG  HG3  sing N N 26  
ARG CD  NE   sing N N 27  
ARG CD  HD2  sing N N 28  
ARG CD  HD3  sing N N 29  
ARG NE  CZ   sing N N 30  
ARG NE  HE   sing N N 31  
ARG CZ  NH1  sing N N 32  
ARG CZ  NH2  doub N N 33  
ARG NH1 HH11 sing N N 34  
ARG NH1 HH12 sing N N 35  
ARG NH2 HH21 sing N N 36  
ARG NH2 HH22 sing N N 37  
ARG OXT HXT  sing N N 38  
ASN N   CA   sing N N 39  
ASN N   H    sing N N 40  
ASN N   H2   sing N N 41  
ASN CA  C    sing N N 42  
ASN CA  CB   sing N N 43  
ASN CA  HA   sing N N 44  
ASN C   O    doub N N 45  
ASN C   OXT  sing N N 46  
ASN CB  CG   sing N N 47  
ASN CB  HB2  sing N N 48  
ASN CB  HB3  sing N N 49  
ASN CG  OD1  doub N N 50  
ASN CG  ND2  sing N N 51  
ASN ND2 HD21 sing N N 52  
ASN ND2 HD22 sing N N 53  
ASN OXT HXT  sing N N 54  
ASP N   CA   sing N N 55  
ASP N   H    sing N N 56  
ASP N   H2   sing N N 57  
ASP CA  C    sing N N 58  
ASP CA  CB   sing N N 59  
ASP CA  HA   sing N N 60  
ASP C   O    doub N N 61  
ASP C   OXT  sing N N 62  
ASP CB  CG   sing N N 63  
ASP CB  HB2  sing N N 64  
ASP CB  HB3  sing N N 65  
ASP CG  OD1  doub N N 66  
ASP CG  OD2  sing N N 67  
ASP OD2 HD2  sing N N 68  
ASP OXT HXT  sing N N 69  
CYS N   CA   sing N N 70  
CYS N   H    sing N N 71  
CYS N   H2   sing N N 72  
CYS CA  C    sing N N 73  
CYS CA  CB   sing N N 74  
CYS CA  HA   sing N N 75  
CYS C   O    doub N N 76  
CYS C   OXT  sing N N 77  
CYS CB  SG   sing N N 78  
CYS CB  HB2  sing N N 79  
CYS CB  HB3  sing N N 80  
CYS SG  HG   sing N N 81  
CYS OXT HXT  sing N N 82  
EDO C1  O1   sing N N 83  
EDO C1  C2   sing N N 84  
EDO C1  H11  sing N N 85  
EDO C1  H12  sing N N 86  
EDO O1  HO1  sing N N 87  
EDO C2  O2   sing N N 88  
EDO C2  H21  sing N N 89  
EDO C2  H22  sing N N 90  
EDO O2  HO2  sing N N 91  
GLN N   CA   sing N N 92  
GLN N   H    sing N N 93  
GLN N   H2   sing N N 94  
GLN CA  C    sing N N 95  
GLN CA  CB   sing N N 96  
GLN CA  HA   sing N N 97  
GLN C   O    doub N N 98  
GLN C   OXT  sing N N 99  
GLN CB  CG   sing N N 100 
GLN CB  HB2  sing N N 101 
GLN CB  HB3  sing N N 102 
GLN CG  CD   sing N N 103 
GLN CG  HG2  sing N N 104 
GLN CG  HG3  sing N N 105 
GLN CD  OE1  doub N N 106 
GLN CD  NE2  sing N N 107 
GLN NE2 HE21 sing N N 108 
GLN NE2 HE22 sing N N 109 
GLN OXT HXT  sing N N 110 
GLU N   CA   sing N N 111 
GLU N   H    sing N N 112 
GLU N   H2   sing N N 113 
GLU CA  C    sing N N 114 
GLU CA  CB   sing N N 115 
GLU CA  HA   sing N N 116 
GLU C   O    doub N N 117 
GLU C   OXT  sing N N 118 
GLU CB  CG   sing N N 119 
GLU CB  HB2  sing N N 120 
GLU CB  HB3  sing N N 121 
GLU CG  CD   sing N N 122 
GLU CG  HG2  sing N N 123 
GLU CG  HG3  sing N N 124 
GLU CD  OE1  doub N N 125 
GLU CD  OE2  sing N N 126 
GLU OE2 HE2  sing N N 127 
GLU OXT HXT  sing N N 128 
GLY N   CA   sing N N 129 
GLY N   H    sing N N 130 
GLY N   H2   sing N N 131 
GLY CA  C    sing N N 132 
GLY CA  HA2  sing N N 133 
GLY CA  HA3  sing N N 134 
GLY C   O    doub N N 135 
GLY C   OXT  sing N N 136 
GLY OXT HXT  sing N N 137 
HIS N   CA   sing N N 138 
HIS N   H    sing N N 139 
HIS N   H2   sing N N 140 
HIS CA  C    sing N N 141 
HIS CA  CB   sing N N 142 
HIS CA  HA   sing N N 143 
HIS C   O    doub N N 144 
HIS C   OXT  sing N N 145 
HIS CB  CG   sing N N 146 
HIS CB  HB2  sing N N 147 
HIS CB  HB3  sing N N 148 
HIS CG  ND1  sing Y N 149 
HIS CG  CD2  doub Y N 150 
HIS ND1 CE1  doub Y N 151 
HIS ND1 HD1  sing N N 152 
HIS CD2 NE2  sing Y N 153 
HIS CD2 HD2  sing N N 154 
HIS CE1 NE2  sing Y N 155 
HIS CE1 HE1  sing N N 156 
HIS NE2 HE2  sing N N 157 
HIS OXT HXT  sing N N 158 
HOH O   H1   sing N N 159 
HOH O   H2   sing N N 160 
ILE N   CA   sing N N 161 
ILE N   H    sing N N 162 
ILE N   H2   sing N N 163 
ILE CA  C    sing N N 164 
ILE CA  CB   sing N N 165 
ILE CA  HA   sing N N 166 
ILE C   O    doub N N 167 
ILE C   OXT  sing N N 168 
ILE CB  CG1  sing N N 169 
ILE CB  CG2  sing N N 170 
ILE CB  HB   sing N N 171 
ILE CG1 CD1  sing N N 172 
ILE CG1 HG12 sing N N 173 
ILE CG1 HG13 sing N N 174 
ILE CG2 HG21 sing N N 175 
ILE CG2 HG22 sing N N 176 
ILE CG2 HG23 sing N N 177 
ILE CD1 HD11 sing N N 178 
ILE CD1 HD12 sing N N 179 
ILE CD1 HD13 sing N N 180 
ILE OXT HXT  sing N N 181 
LEU N   CA   sing N N 182 
LEU N   H    sing N N 183 
LEU N   H2   sing N N 184 
LEU CA  C    sing N N 185 
LEU CA  CB   sing N N 186 
LEU CA  HA   sing N N 187 
LEU C   O    doub N N 188 
LEU C   OXT  sing N N 189 
LEU CB  CG   sing N N 190 
LEU CB  HB2  sing N N 191 
LEU CB  HB3  sing N N 192 
LEU CG  CD1  sing N N 193 
LEU CG  CD2  sing N N 194 
LEU CG  HG   sing N N 195 
LEU CD1 HD11 sing N N 196 
LEU CD1 HD12 sing N N 197 
LEU CD1 HD13 sing N N 198 
LEU CD2 HD21 sing N N 199 
LEU CD2 HD22 sing N N 200 
LEU CD2 HD23 sing N N 201 
LEU OXT HXT  sing N N 202 
LYS N   CA   sing N N 203 
LYS N   H    sing N N 204 
LYS N   H2   sing N N 205 
LYS CA  C    sing N N 206 
LYS CA  CB   sing N N 207 
LYS CA  HA   sing N N 208 
LYS C   O    doub N N 209 
LYS C   OXT  sing N N 210 
LYS CB  CG   sing N N 211 
LYS CB  HB2  sing N N 212 
LYS CB  HB3  sing N N 213 
LYS CG  CD   sing N N 214 
LYS CG  HG2  sing N N 215 
LYS CG  HG3  sing N N 216 
LYS CD  CE   sing N N 217 
LYS CD  HD2  sing N N 218 
LYS CD  HD3  sing N N 219 
LYS CE  NZ   sing N N 220 
LYS CE  HE2  sing N N 221 
LYS CE  HE3  sing N N 222 
LYS NZ  HZ1  sing N N 223 
LYS NZ  HZ2  sing N N 224 
LYS NZ  HZ3  sing N N 225 
LYS OXT HXT  sing N N 226 
MET N   CA   sing N N 227 
MET N   H    sing N N 228 
MET N   H2   sing N N 229 
MET CA  C    sing N N 230 
MET CA  CB   sing N N 231 
MET CA  HA   sing N N 232 
MET C   O    doub N N 233 
MET C   OXT  sing N N 234 
MET CB  CG   sing N N 235 
MET CB  HB2  sing N N 236 
MET CB  HB3  sing N N 237 
MET CG  SD   sing N N 238 
MET CG  HG2  sing N N 239 
MET CG  HG3  sing N N 240 
MET SD  CE   sing N N 241 
MET CE  HE1  sing N N 242 
MET CE  HE2  sing N N 243 
MET CE  HE3  sing N N 244 
MET OXT HXT  sing N N 245 
PHE N   CA   sing N N 246 
PHE N   H    sing N N 247 
PHE N   H2   sing N N 248 
PHE CA  C    sing N N 249 
PHE CA  CB   sing N N 250 
PHE CA  HA   sing N N 251 
PHE C   O    doub N N 252 
PHE C   OXT  sing N N 253 
PHE CB  CG   sing N N 254 
PHE CB  HB2  sing N N 255 
PHE CB  HB3  sing N N 256 
PHE CG  CD1  doub Y N 257 
PHE CG  CD2  sing Y N 258 
PHE CD1 CE1  sing Y N 259 
PHE CD1 HD1  sing N N 260 
PHE CD2 CE2  doub Y N 261 
PHE CD2 HD2  sing N N 262 
PHE CE1 CZ   doub Y N 263 
PHE CE1 HE1  sing N N 264 
PHE CE2 CZ   sing Y N 265 
PHE CE2 HE2  sing N N 266 
PHE CZ  HZ   sing N N 267 
PHE OXT HXT  sing N N 268 
PRO N   CA   sing N N 269 
PRO N   CD   sing N N 270 
PRO N   H    sing N N 271 
PRO CA  C    sing N N 272 
PRO CA  CB   sing N N 273 
PRO CA  HA   sing N N 274 
PRO C   O    doub N N 275 
PRO C   OXT  sing N N 276 
PRO CB  CG   sing N N 277 
PRO CB  HB2  sing N N 278 
PRO CB  HB3  sing N N 279 
PRO CG  CD   sing N N 280 
PRO CG  HG2  sing N N 281 
PRO CG  HG3  sing N N 282 
PRO CD  HD2  sing N N 283 
PRO CD  HD3  sing N N 284 
PRO OXT HXT  sing N N 285 
SER N   CA   sing N N 286 
SER N   H    sing N N 287 
SER N   H2   sing N N 288 
SER CA  C    sing N N 289 
SER CA  CB   sing N N 290 
SER CA  HA   sing N N 291 
SER C   O    doub N N 292 
SER C   OXT  sing N N 293 
SER CB  OG   sing N N 294 
SER CB  HB2  sing N N 295 
SER CB  HB3  sing N N 296 
SER OG  HG   sing N N 297 
SER OXT HXT  sing N N 298 
THR N   CA   sing N N 299 
THR N   H    sing N N 300 
THR N   H2   sing N N 301 
THR CA  C    sing N N 302 
THR CA  CB   sing N N 303 
THR CA  HA   sing N N 304 
THR C   O    doub N N 305 
THR C   OXT  sing N N 306 
THR CB  OG1  sing N N 307 
THR CB  CG2  sing N N 308 
THR CB  HB   sing N N 309 
THR OG1 HG1  sing N N 310 
THR CG2 HG21 sing N N 311 
THR CG2 HG22 sing N N 312 
THR CG2 HG23 sing N N 313 
THR OXT HXT  sing N N 314 
TRP N   CA   sing N N 315 
TRP N   H    sing N N 316 
TRP N   H2   sing N N 317 
TRP CA  C    sing N N 318 
TRP CA  CB   sing N N 319 
TRP CA  HA   sing N N 320 
TRP C   O    doub N N 321 
TRP C   OXT  sing N N 322 
TRP CB  CG   sing N N 323 
TRP CB  HB2  sing N N 324 
TRP CB  HB3  sing N N 325 
TRP CG  CD1  doub Y N 326 
TRP CG  CD2  sing Y N 327 
TRP CD1 NE1  sing Y N 328 
TRP CD1 HD1  sing N N 329 
TRP CD2 CE2  doub Y N 330 
TRP CD2 CE3  sing Y N 331 
TRP NE1 CE2  sing Y N 332 
TRP NE1 HE1  sing N N 333 
TRP CE2 CZ2  sing Y N 334 
TRP CE3 CZ3  doub Y N 335 
TRP CE3 HE3  sing N N 336 
TRP CZ2 CH2  doub Y N 337 
TRP CZ2 HZ2  sing N N 338 
TRP CZ3 CH2  sing Y N 339 
TRP CZ3 HZ3  sing N N 340 
TRP CH2 HH2  sing N N 341 
TRP OXT HXT  sing N N 342 
TYR N   CA   sing N N 343 
TYR N   H    sing N N 344 
TYR N   H2   sing N N 345 
TYR CA  C    sing N N 346 
TYR CA  CB   sing N N 347 
TYR CA  HA   sing N N 348 
TYR C   O    doub N N 349 
TYR C   OXT  sing N N 350 
TYR CB  CG   sing N N 351 
TYR CB  HB2  sing N N 352 
TYR CB  HB3  sing N N 353 
TYR CG  CD1  doub Y N 354 
TYR CG  CD2  sing Y N 355 
TYR CD1 CE1  sing Y N 356 
TYR CD1 HD1  sing N N 357 
TYR CD2 CE2  doub Y N 358 
TYR CD2 HD2  sing N N 359 
TYR CE1 CZ   doub Y N 360 
TYR CE1 HE1  sing N N 361 
TYR CE2 CZ   sing Y N 362 
TYR CE2 HE2  sing N N 363 
TYR CZ  OH   sing N N 364 
TYR OH  HH   sing N N 365 
TYR OXT HXT  sing N N 366 
V23 F13 C12  sing N N 367 
V23 F14 C12  sing N N 368 
V23 C12 C06  sing N N 369 
V23 C12 F15  sing N N 370 
V23 N07 C06  sing N N 371 
V23 N07 N08  sing N N 372 
V23 C06 N05  doub N N 373 
V23 O10 C09  doub N N 374 
V23 N08 C09  sing N N 375 
V23 N08 C04  sing N N 376 
V23 C09 C11  sing N N 377 
V23 N05 C04  sing N N 378 
V23 C04 C03  doub N N 379 
V23 C11 C02  doub N N 380 
V23 C03 C02  sing N N 381 
V23 C02 C01  sing N N 382 
V23 C01 H1   sing N N 383 
V23 C01 H2   sing N N 384 
V23 C01 H3   sing N N 385 
V23 C03 H4   sing N N 386 
V23 C11 H5   sing N N 387 
V23 N07 H7   sing N N 388 
VAL N   CA   sing N N 389 
VAL N   H    sing N N 390 
VAL N   H2   sing N N 391 
VAL CA  C    sing N N 392 
VAL CA  CB   sing N N 393 
VAL CA  HA   sing N N 394 
VAL C   O    doub N N 395 
VAL C   OXT  sing N N 396 
VAL CB  CG1  sing N N 397 
VAL CB  CG2  sing N N 398 
VAL CB  HB   sing N N 399 
VAL CG1 HG11 sing N N 400 
VAL CG1 HG12 sing N N 401 
VAL CG1 HG13 sing N N 402 
VAL CG2 HG21 sing N N 403 
VAL CG2 HG22 sing N N 404 
VAL CG2 HG23 sing N N 405 
VAL OXT HXT  sing N N 406 
# 
_pdbx_audit_support.funding_organization   'Not funded' 
_pdbx_audit_support.country                ? 
_pdbx_audit_support.grant_number           ? 
_pdbx_audit_support.ordinal                1 
# 
_pdbx_entity_instance_feature.ordinal        1 
_pdbx_entity_instance_feature.comp_id        V23 
_pdbx_entity_instance_feature.asym_id        ? 
_pdbx_entity_instance_feature.seq_num        ? 
_pdbx_entity_instance_feature.auth_comp_id   V23 
_pdbx_entity_instance_feature.auth_asym_id   ? 
_pdbx_entity_instance_feature.auth_seq_num   ? 
_pdbx_entity_instance_feature.feature_type   'SUBJECT OF INVESTIGATION' 
_pdbx_entity_instance_feature.details        ? 
# 
_pdbx_initial_refinement_model.id               1 
_pdbx_initial_refinement_model.entity_id_list   ? 
_pdbx_initial_refinement_model.type             'experimental model' 
_pdbx_initial_refinement_model.source_name      PDB 
_pdbx_initial_refinement_model.accession_code   5NGZ 
_pdbx_initial_refinement_model.details          ? 
# 
_atom_sites.entry_id                    8JUC 
_atom_sites.Cartn_transf_matrix[1][1]   ? 
_atom_sites.Cartn_transf_matrix[1][2]   ? 
_atom_sites.Cartn_transf_matrix[1][3]   ? 
_atom_sites.Cartn_transf_matrix[2][1]   ? 
_atom_sites.Cartn_transf_matrix[2][2]   ? 
_atom_sites.Cartn_transf_matrix[2][3]   ? 
_atom_sites.Cartn_transf_matrix[3][1]   ? 
_atom_sites.Cartn_transf_matrix[3][2]   ? 
_atom_sites.Cartn_transf_matrix[3][3]   ? 
_atom_sites.Cartn_transf_vector[1]      ? 
_atom_sites.Cartn_transf_vector[2]      ? 
_atom_sites.Cartn_transf_vector[3]      ? 
_atom_sites.fract_transf_matrix[1][1]   -0.01144058 
_atom_sites.fract_transf_matrix[1][2]   -0.00335957 
_atom_sites.fract_transf_matrix[1][3]   0.01387300 
_atom_sites.fract_transf_matrix[2][1]   -0.00399509 
_atom_sites.fract_transf_matrix[2][2]   0.01782218 
_atom_sites.fract_transf_matrix[2][3]   0.00102132 
_atom_sites.fract_transf_matrix[3][1]   -0.00408940 
_atom_sites.fract_transf_matrix[3][2]   -0.00071354 
_atom_sites.fract_transf_matrix[3][3]   -0.00354518 
_atom_sites.fract_transf_vector[1]      -0.323130 
_atom_sites.fract_transf_vector[2]      -0.058151 
_atom_sites.fract_transf_vector[3]      -0.060401 
_atom_sites.solution_primary            ? 
_atom_sites.solution_secondary          ? 
_atom_sites.solution_hydrogens          ? 
_atom_sites.special_details             ? 
# 
loop_
_atom_type.symbol 
C 
F 
N 
O 
S 
# 
loop_
_atom_site.group_PDB 
_atom_site.id 
_atom_site.type_symbol 
_atom_site.label_atom_id 
_atom_site.label_alt_id 
_atom_site.label_comp_id 
_atom_site.label_asym_id 
_atom_site.label_entity_id 
_atom_site.label_seq_id 
_atom_site.pdbx_PDB_ins_code 
_atom_site.Cartn_x 
_atom_site.Cartn_y 
_atom_site.Cartn_z 
_atom_site.occupancy 
_atom_site.B_iso_or_equiv 
_atom_site.pdbx_formal_charge 
_atom_site.auth_seq_id 
_atom_site.auth_comp_id 
_atom_site.auth_asym_id 
_atom_site.auth_atom_id 
_atom_site.pdbx_PDB_model_num 
ATOM   1    N N   . MET A 1 3   ? 9.655   -5.823  24.381  1.00 58.87  ? 1   MET A N   1 
ATOM   2    C CA  . MET A 1 3   ? 10.836  -4.960  24.436  1.00 57.88  ? 1   MET A CA  1 
ATOM   3    C C   . MET A 1 3   ? 11.577  -5.004  23.102  1.00 52.87  ? 1   MET A C   1 
ATOM   4    O O   . MET A 1 3   ? 12.086  -3.987  22.607  1.00 41.28  ? 1   MET A O   1 
ATOM   5    C CB  . MET A 1 3   ? 11.764  -5.371  25.587  1.00 66.47  ? 1   MET A CB  1 
ATOM   6    C CG  . MET A 1 3   ? 13.121  -4.642  25.608  1.00 72.72  ? 1   MET A CG  1 
ATOM   7    S SD  . MET A 1 3   ? 13.068  -2.883  26.051  1.00 105.89 ? 1   MET A SD  1 
ATOM   8    C CE  . MET A 1 3   ? 14.614  -2.282  25.342  1.00 72.42  ? 1   MET A CE  1 
ATOM   9    N N   . GLN A 1 4   ? 11.613  -6.198  22.510  1.00 50.75  ? 2   GLN A N   1 
ATOM   10   C CA  . GLN A 1 4   ? 12.183  -6.348  21.179  1.00 42.70  ? 2   GLN A CA  1 
ATOM   11   C C   . GLN A 1 4   ? 11.382  -5.542  20.154  1.00 32.39  ? 2   GLN A C   1 
ATOM   12   O O   . GLN A 1 4   ? 11.943  -4.771  19.366  1.00 38.06  ? 2   GLN A O   1 
ATOM   13   C CB  . GLN A 1 4   ? 12.181  -7.833  20.819  1.00 47.57  ? 2   GLN A CB  1 
ATOM   14   C CG  . GLN A 1 4   ? 13.150  -8.226  19.744  1.00 53.28  ? 2   GLN A CG  1 
ATOM   15   C CD  . GLN A 1 4   ? 13.190  -9.730  19.554  1.00 70.96  ? 2   GLN A CD  1 
ATOM   16   O OE1 . GLN A 1 4   ? 14.000  -10.225 18.801  1.00 46.83  ? 2   GLN A OE1 1 
ATOM   17   N NE2 . GLN A 1 4   ? 12.277  -10.452 20.201  1.00 48.02  ? 2   GLN A NE2 1 
ATOM   18   N N   . ARG A 1 5   ? 10.072  -5.758  20.129  1.00 35.33  ? 3   ARG A N   1 
ATOM   19   C CA  . ARG A 1 5   ? 9.205   -5.045  19.200  1.00 36.84  ? 3   ARG A CA  1 
ATOM   20   C C   . ARG A 1 5   ? 9.281   -3.548  19.436  1.00 40.48  ? 3   ARG A C   1 
ATOM   21   O O   . ARG A 1 5   ? 9.328   -2.765  18.478  1.00 37.01  ? 3   ARG A O   1 
ATOM   22   C CB  . ARG A 1 5   ? 7.783   -5.558  19.354  1.00 34.55  ? 3   ARG A CB  1 
ATOM   23   C CG  . ARG A 1 5   ? 6.748   -4.990  18.458  1.00 36.41  ? 3   ARG A CG  1 
ATOM   24   C CD  . ARG A 1 5   ? 5.534   -5.786  18.757  1.00 36.23  ? 3   ARG A CD  1 
ATOM   25   N NE  . ARG A 1 5   ? 4.302   -5.292  18.198  1.00 43.95  ? 3   ARG A NE  1 
ATOM   26   C CZ  . ARG A 1 5   ? 3.519   -4.427  18.811  1.00 42.13  ? 3   ARG A CZ  1 
ATOM   27   N NH1 . ARG A 1 5   ? 3.905   -3.828  19.930  1.00 40.21  ? 3   ARG A NH1 1 
ATOM   28   N NH2 . ARG A 1 5   ? 2.295   -4.219  18.338  1.00 37.56  ? 3   ARG A NH2 1 
ATOM   29   N N   . ALA A 1 6   ? 9.299   -3.140  20.709  1.00 35.59  ? 4   ALA A N   1 
ATOM   30   C CA  . ALA A 1 6   ? 9.355   -1.715  21.049  1.00 37.78  ? 4   ALA A CA  1 
ATOM   31   C C   . ALA A 1 6   ? 10.595  -1.051  20.477  1.00 35.45  ? 4   ALA A C   1 
ATOM   32   O O   . ALA A 1 6   ? 10.512  0.025   19.868  1.00 31.08  ? 4   ALA A O   1 
ATOM   33   C CB  . ALA A 1 6   ? 9.315   -1.535  22.569  1.00 38.20  ? 4   ALA A CB  1 
ATOM   34   N N   . SER A 1 7   ? 11.762  -1.654  20.686  1.00 31.99  ? 5   SER A N   1 
ATOM   35   C CA  . SER A 1 7   ? 12.996  -1.074  20.171  1.00 28.62  ? 5   SER A CA  1 
ATOM   36   C C   . SER A 1 7   ? 12.988  -1.015  18.646  1.00 26.38  ? 5   SER A C   1 
ATOM   37   O O   . SER A 1 7   ? 13.537  -0.082  18.036  1.00 27.25  ? 5   SER A O   1 
ATOM   38   C CB  . SER A 1 7   ? 14.181  -1.891  20.659  1.00 35.66  ? 5   SER A CB  1 
ATOM   39   O OG  . SER A 1 7   ? 14.190  -1.868  22.076  1.00 50.30  ? 5   SER A OG  1 
ATOM   40   N N   . ARG A 1 8   ? 12.455  -2.056  18.011  1.00 33.63  ? 6   ARG A N   1 
ATOM   41   C CA  . ARG A 1 8   ? 12.422  -2.076  16.556  1.00 29.98  ? 6   ARG A CA  1 
ATOM   42   C C   . ARG A 1 8   ? 11.524  -0.952  16.031  1.00 27.82  ? 6   ARG A C   1 
ATOM   43   O O   . ARG A 1 8   ? 11.892  -0.236  15.092  1.00 29.83  ? 6   ARG A O   1 
ATOM   44   C CB  . ARG A 1 8   ? 11.939  -3.455  16.085  1.00 30.93  ? 6   ARG A CB  1 
ATOM   45   C CG  . ARG A 1 8   ? 11.476  -3.505  14.634  1.00 31.82  ? 6   ARG A CG  1 
ATOM   46   C CD  . ARG A 1 8   ? 12.634  -3.552  13.689  1.00 31.73  ? 6   ARG A CD  1 
ATOM   47   N NE  . ARG A 1 8   ? 12.145  -3.792  12.337  1.00 34.54  ? 6   ARG A NE  1 
ATOM   48   C CZ  . ARG A 1 8   ? 12.334  -4.900  11.629  1.00 36.74  ? 6   ARG A CZ  1 
ATOM   49   N NH1 . ARG A 1 8   ? 13.056  -5.924  12.100  1.00 32.79  ? 6   ARG A NH1 1 
ATOM   50   N NH2 . ARG A 1 8   ? 11.809  -4.975  10.412  1.00 32.76  ? 6   ARG A NH2 1 
ATOM   51   N N   . LEU A 1 9   ? 10.371  -0.762  16.665  1.00 26.79  ? 7   LEU A N   1 
ATOM   52   C CA  . LEU A 1 9   ? 9.435   0.272   16.222  1.00 26.63  ? 7   LEU A CA  1 
ATOM   53   C C   . LEU A 1 9   ? 10.008  1.676   16.433  1.00 28.65  ? 7   LEU A C   1 
ATOM   54   O O   . LEU A 1 9   ? 9.785   2.577   15.612  1.00 27.79  ? 7   LEU A O   1 
ATOM   55   C CB  . LEU A 1 9   ? 8.119   0.110   16.965  1.00 26.01  ? 7   LEU A CB  1 
ATOM   56   C CG  . LEU A 1 9   ? 7.252   -1.065  16.434  1.00 25.30  ? 7   LEU A CG  1 
ATOM   57   C CD1 . LEU A 1 9   ? 6.024   -1.243  17.251  1.00 27.51  ? 7   LEU A CD1 1 
ATOM   58   C CD2 . LEU A 1 9   ? 6.902   -0.847  14.939  1.00 29.26  ? 7   LEU A CD2 1 
ATOM   59   N N   . LYS A 1 10  ? 10.741  1.896   17.532  1.00 26.34  ? 8   LYS A N   1 
ATOM   60   C CA  . LYS A 1 10  ? 11.355  3.208   17.710  1.00 22.22  ? 8   LYS A CA  1 
ATOM   61   C C   . LYS A 1 10  ? 12.296  3.515   16.577  1.00 25.88  ? 8   LYS A C   1 
ATOM   62   O O   . LYS A 1 10  ? 12.322  4.642   16.054  1.00 26.21  ? 8   LYS A O   1 
ATOM   63   C CB  . LYS A 1 10  ? 12.103  3.270   19.052  1.00 24.98  ? 8   LYS A CB  1 
ATOM   64   C CG  . LYS A 1 10  ? 11.153  3.313   20.223  1.00 26.33  ? 8   LYS A CG  1 
ATOM   65   C CD  . LYS A 1 10  ? 11.992  3.437   21.525  1.00 32.67  ? 8   LYS A CD  1 
ATOM   66   C CE  . LYS A 1 10  ? 11.248  2.824   22.659  1.00 37.12  ? 8   LYS A CE  1 
ATOM   67   N NZ  . LYS A 1 10  ? 12.100  2.776   23.886  1.00 49.20  ? 8   LYS A NZ  1 
ATOM   68   N N   . ARG A 1 11  ? 13.079  2.523   16.147  1.00 24.74  ? 9   ARG A N   1 
ATOM   69   C CA  . ARG A 1 11  ? 14.004  2.794   15.064  1.00 23.15  ? 9   ARG A CA  1 
ATOM   70   C C   . ARG A 1 11  ? 13.252  3.022   13.758  1.00 28.51  ? 9   ARG A C   1 
ATOM   71   O O   . ARG A 1 11  ? 13.630  3.888   12.948  1.00 24.99  ? 9   ARG A O   1 
ATOM   72   C CB  . ARG A 1 11  ? 14.999  1.643   14.921  1.00 31.56  ? 9   ARG A CB  1 
ATOM   73   C CG  . ARG A 1 11  ? 16.114  1.885   13.911  1.00 36.28  ? 9   ARG A CG  1 
ATOM   74   C CD  . ARG A 1 11  ? 16.879  0.568   13.585  1.00 53.34  ? 9   ARG A CD  1 
ATOM   75   N NE  . ARG A 1 11  ? 16.790  -0.406  14.670  1.00 73.36  ? 9   ARG A NE  1 
ATOM   76   C CZ  . ARG A 1 11  ? 16.269  -1.624  14.543  1.00 85.24  ? 9   ARG A CZ  1 
ATOM   77   N NH1 . ARG A 1 11  ? 16.136  -2.437  15.588  1.00 67.61  ? 9   ARG A NH1 1 
ATOM   78   N NH2 . ARG A 1 11  ? 15.856  -2.032  13.341  1.00 67.36  ? 9   ARG A NH2 1 
ATOM   79   N N   . GLU A 1 12  ? 12.214  2.222   13.511  1.00 28.95  ? 10  GLU A N   1 
ATOM   80   C CA  . GLU A 1 12  ? 11.457  2.421   12.280  1.00 24.74  ? 10  GLU A CA  1 
ATOM   81   C C   . GLU A 1 12  ? 10.806  3.792   12.266  1.00 24.60  ? 10  GLU A C   1 
ATOM   82   O O   . GLU A 1 12  ? 10.819  4.476   11.230  1.00 24.60  ? 10  GLU A O   1 
ATOM   83   C CB  . GLU A 1 12  ? 10.421  1.322   12.111  1.00 24.70  ? 10  GLU A CB  1 
ATOM   84   C CG  . GLU A 1 12  ? 11.108  -0.019  11.901  1.00 29.15  ? 10  GLU A CG  1 
ATOM   85   C CD  . GLU A 1 12  ? 10.306  -0.948  10.993  1.00 29.75  ? 10  GLU A CD  1 
ATOM   86   O OE1 . GLU A 1 12  ? 9.605   -0.444  10.071  1.00 27.55  ? 10  GLU A OE1 1 
ATOM   87   O OE2 . GLU A 1 12  ? 10.381  -2.182  11.225  1.00 33.07  ? 10  GLU A OE2 1 
ATOM   88   N N   . LEU A 1 13  ? 10.199  4.194   13.383  1.00 23.22  ? 11  LEU A N   1 
ATOM   89   C CA  . LEU A 1 13  ? 9.563   5.517   13.379  1.00 25.89  ? 11  LEU A CA  1 
ATOM   90   C C   . LEU A 1 13  ? 10.582  6.624   13.158  1.00 26.14  ? 11  LEU A C   1 
ATOM   91   O O   . LEU A 1 13  ? 10.302  7.613   12.465  1.00 23.21  ? 11  LEU A O   1 
ATOM   92   C CB  . LEU A 1 13  ? 8.799   5.770   14.661  1.00 23.35  ? 11  LEU A CB  1 
ATOM   93   C CG  . LEU A 1 13  ? 7.484   5.003   14.619  1.00 27.71  ? 11  LEU A CG  1 
ATOM   94   C CD1 . LEU A 1 13  ? 6.841   5.069   15.977  1.00 33.79  ? 11  LEU A CD1 1 
ATOM   95   C CD2 . LEU A 1 13  ? 6.519   5.494   13.529  1.00 28.63  ? 11  LEU A CD2 1 
ATOM   96   N N   . HIS A 1 14  ? 11.781  6.496   13.744  1.00 24.19  ? 12  HIS A N   1 
ATOM   97   C CA  . HIS A 1 14  ? 12.806  7.480   13.461  1.00 24.30  ? 12  HIS A CA  1 
ATOM   98   C C   . HIS A 1 14  ? 13.125  7.534   11.972  1.00 26.10  ? 12  HIS A C   1 
ATOM   99   O O   . HIS A 1 14  ? 13.243  8.611   11.382  1.00 27.29  ? 12  HIS A O   1 
ATOM   100  C CB  . HIS A 1 14  ? 14.068  7.153   14.283  1.00 21.91  ? 12  HIS A CB  1 
ATOM   101  C CG  . HIS A 1 14  ? 15.228  8.011   13.886  1.00 28.78  ? 12  HIS A CG  1 
ATOM   102  N ND1 . HIS A 1 14  ? 15.390  9.287   14.376  1.00 27.35  ? 12  HIS A ND1 1 
ATOM   103  C CD2 . HIS A 1 14  ? 16.181  7.847   12.941  1.00 29.29  ? 12  HIS A CD2 1 
ATOM   104  C CE1 . HIS A 1 14  ? 16.423  9.856   13.787  1.00 27.83  ? 12  HIS A CE1 1 
ATOM   105  N NE2 . HIS A 1 14  ? 16.927  9.003   12.915  1.00 31.36  ? 12  HIS A NE2 1 
ATOM   106  N N   . MET A 1 15  ? 13.302  6.365   11.338  1.00 22.86  ? 13  MET A N   1 
ATOM   107  C CA  . MET A 1 15  ? 13.691  6.367   9.947   1.00 23.29  ? 13  MET A CA  1 
ATOM   108  C C   . MET A 1 15  ? 12.548  6.854   9.060   1.00 24.78  ? 13  MET A C   1 
ATOM   109  O O   . MET A 1 15  ? 12.788  7.525   8.055   1.00 25.83  ? 13  MET A O   1 
ATOM   110  C CB  . MET A 1 15  ? 14.135  4.972   9.509   1.00 25.78  ? 13  MET A CB  1 
ATOM   111  C CG  . MET A 1 15  ? 15.366  4.402   10.260  1.00 33.35  ? 13  MET A CG  1 
ATOM   112  S SD  . MET A 1 15  ? 16.795  5.406   9.835   1.00 33.68  ? 13  MET A SD  1 
ATOM   113  C CE  . MET A 1 15  ? 16.807  5.449   8.054   1.00 39.93  ? 13  MET A CE  1 
ATOM   114  N N   . LEU A 1 16  ? 11.322  6.547   9.438   1.00 22.15  ? 14  LEU A N   1 
ATOM   115  C CA  . LEU A 1 16  ? 10.211  7.027   8.607   1.00 22.72  ? 14  LEU A CA  1 
ATOM   116  C C   . LEU A 1 16  ? 10.069  8.538   8.698   1.00 29.14  ? 14  LEU A C   1 
ATOM   117  O O   . LEU A 1 16  ? 9.668   9.179   7.710   1.00 26.76  ? 14  LEU A O   1 
ATOM   118  C CB  . LEU A 1 16  ? 8.896   6.350   8.996   1.00 23.31  ? 14  LEU A CB  1 
ATOM   119  C CG  . LEU A 1 16  ? 8.850   4.850   8.658   1.00 26.14  ? 14  LEU A CG  1 
ATOM   120  C CD1 . LEU A 1 16  ? 7.871   4.174   9.564   1.00 25.52  ? 14  LEU A CD1 1 
ATOM   121  C CD2 . LEU A 1 16  ? 8.503   4.635   7.186   1.00 24.87  ? 14  LEU A CD2 1 
ATOM   122  N N   . ALA A 1 17  ? 10.397  9.113   9.861   1.00 27.28  ? 15  ALA A N   1 
ATOM   123  C CA  . ALA A 1 17  ? 10.308  10.549  10.087  1.00 34.58  ? 15  ALA A CA  1 
ATOM   124  C C   . ALA A 1 17  ? 11.442  11.313  9.422   1.00 33.69  ? 15  ALA A C   1 
ATOM   125  O O   . ALA A 1 17  ? 11.240  12.454  8.995   1.00 38.08  ? 15  ALA A O   1 
ATOM   126  C CB  . ALA A 1 17  ? 10.292  10.846  11.592  1.00 29.71  ? 15  ALA A CB  1 
ATOM   127  N N   . THR A 1 18  ? 12.621  10.709  9.286   1.00 29.82  ? 16  THR A N   1 
ATOM   128  C CA  . THR A 1 18  ? 13.781  11.433  8.814   1.00 33.90  ? 16  THR A CA  1 
ATOM   129  C C   . THR A 1 18  ? 14.256  11.047  7.433   1.00 37.03  ? 16  THR A C   1 
ATOM   130  O O   . THR A 1 18  ? 14.884  11.874  6.761   1.00 33.52  ? 16  THR A O   1 
ATOM   131  C CB  . THR A 1 18  ? 14.933  11.232  9.809   1.00 31.43  ? 16  THR A CB  1 
ATOM   132  O OG1 . THR A 1 18  ? 15.361  9.859   9.769   1.00 29.06  ? 16  THR A OG1 1 
ATOM   133  C CG2 . THR A 1 18  ? 14.442  11.566  11.202  1.00 32.72  ? 16  THR A CG2 1 
ATOM   134  N N   . GLU A 1 19  ? 13.984  9.828   6.968   1.00 29.63  ? 17  GLU A N   1 
ATOM   135  C CA  . GLU A 1 19  ? 14.372  9.437   5.613   1.00 28.36  ? 17  GLU A CA  1 
ATOM   136  C C   . GLU A 1 19  ? 13.205  8.743   4.920   1.00 29.35  ? 17  GLU A C   1 
ATOM   137  O O   . GLU A 1 19  ? 13.337  7.623   4.432   1.00 35.19  ? 17  GLU A O   1 
ATOM   138  C CB  . GLU A 1 19  ? 15.589  8.516   5.626   1.00 40.31  ? 17  GLU A CB  1 
ATOM   139  C CG  . GLU A 1 19  ? 16.956  9.142   5.942   1.00 41.10  ? 17  GLU A CG  1 
ATOM   140  C CD  . GLU A 1 19  ? 18.072  8.075   5.944   1.00 55.93  ? 17  GLU A CD  1 
ATOM   141  O OE1 . GLU A 1 19  ? 17.838  6.979   5.341   1.00 50.35  ? 17  GLU A OE1 1 
ATOM   142  O OE2 . GLU A 1 19  ? 19.177  8.318   6.499   1.00 45.50  ? 17  GLU A OE2 1 
ATOM   143  N N   . PRO A 1 20  ? 12.042  9.363   4.886   1.00 28.87  ? 18  PRO A N   1 
ATOM   144  C CA  . PRO A 1 20  ? 10.909  8.701   4.220   1.00 26.13  ? 18  PRO A CA  1 
ATOM   145  C C   . PRO A 1 20  ? 11.208  8.503   2.743   1.00 32.73  ? 18  PRO A C   1 
ATOM   146  O O   . PRO A 1 20  ? 11.833  9.361   2.096   1.00 30.22  ? 18  PRO A O   1 
ATOM   147  C CB  . PRO A 1 20  ? 9.755   9.688   4.443   1.00 30.89  ? 18  PRO A CB  1 
ATOM   148  C CG  . PRO A 1 20  ? 10.381  10.981  4.577   1.00 35.90  ? 18  PRO A CG  1 
ATOM   149  C CD  . PRO A 1 20  ? 11.655  10.697  5.379   1.00 28.22  ? 18  PRO A CD  1 
ATOM   150  N N   . PRO A 1 21  ? 10.754  7.397   2.147   1.00 33.52  ? 19  PRO A N   1 
ATOM   151  C CA  . PRO A 1 21  ? 10.905  7.244   0.698   1.00 32.31  ? 19  PRO A CA  1 
ATOM   152  C C   . PRO A 1 21  ? 10.162  8.348   -0.024  1.00 27.85  ? 19  PRO A C   1 
ATOM   153  O O   . PRO A 1 21  ? 9.124   8.844   0.455   1.00 29.59  ? 19  PRO A O   1 
ATOM   154  C CB  . PRO A 1 21  ? 10.278  5.864   0.415   1.00 32.06  ? 19  PRO A CB  1 
ATOM   155  C CG  . PRO A 1 21  ? 10.332  5.128   1.764   1.00 31.65  ? 19  PRO A CG  1 
ATOM   156  C CD  . PRO A 1 21  ? 10.089  6.244   2.778   1.00 29.87  ? 19  PRO A CD  1 
ATOM   157  N N   . PRO A 1 22  ? 10.642  8.751   -1.194  1.00 28.30  ? 20  PRO A N   1 
ATOM   158  C CA  . PRO A 1 22  ? 9.922   9.748   -1.985  1.00 32.19  ? 20  PRO A CA  1 
ATOM   159  C C   . PRO A 1 22  ? 8.466   9.345   -2.174  1.00 34.14  ? 20  PRO A C   1 
ATOM   160  O O   . PRO A 1 22  ? 8.164   8.188   -2.454  1.00 33.62  ? 20  PRO A O   1 
ATOM   161  C CB  . PRO A 1 22  ? 10.682  9.745   -3.312  1.00 36.21  ? 20  PRO A CB  1 
ATOM   162  C CG  . PRO A 1 22  ? 12.026  9.290   -2.961  1.00 43.41  ? 20  PRO A CG  1 
ATOM   163  C CD  . PRO A 1 22  ? 11.907  8.343   -1.815  1.00 35.96  ? 20  PRO A CD  1 
ATOM   164  N N   . GLY A 1 23  ? 7.562   10.299  -1.964  1.00 27.90  ? 21  GLY A N   1 
ATOM   165  C CA  . GLY A 1 23  ? 6.137   10.093  -2.152  1.00 30.72  ? 21  GLY A CA  1 
ATOM   166  C C   . GLY A 1 23  ? 5.416   9.452   -0.992  1.00 30.12  ? 21  GLY A C   1 
ATOM   167  O O   . GLY A 1 23  ? 4.185   9.336   -1.033  1.00 30.25  ? 21  GLY A O   1 
ATOM   168  N N   . ILE A 1 24  ? 6.140   9.030   0.050   1.00 26.78  ? 22  ILE A N   1 
ATOM   169  C CA  . ILE A 1 24  ? 5.585   8.241   1.148   1.00 27.42  ? 22  ILE A CA  1 
ATOM   170  C C   . ILE A 1 24  ? 5.820   8.961   2.461   1.00 28.22  ? 22  ILE A C   1 
ATOM   171  O O   . ILE A 1 24  ? 6.922   9.477   2.713   1.00 26.82  ? 22  ILE A O   1 
ATOM   172  C CB  . ILE A 1 24  ? 6.208   6.830   1.196   1.00 28.04  ? 22  ILE A CB  1 
ATOM   173  C CG1 . ILE A 1 24  ? 5.821   6.103   -0.098  1.00 29.54  ? 22  ILE A CG1 1 
ATOM   174  C CG2 . ILE A 1 24  ? 5.633   6.044   2.356   1.00 27.01  ? 22  ILE A CG2 1 
ATOM   175  C CD1 . ILE A 1 24  ? 6.595   4.879   -0.367  1.00 31.20  ? 22  ILE A CD1 1 
ATOM   176  N N   . THR A 1 25  ? 4.790   8.952   3.303   1.00 23.04  ? 23  THR A N   1 
ATOM   177  C CA  . THR A 1 25  ? 4.819   9.489   4.661   1.00 28.96  ? 23  THR A CA  1 
ATOM   178  C C   . THR A 1 25  ? 4.194   8.460   5.583   1.00 25.37  ? 23  THR A C   1 
ATOM   179  O O   . THR A 1 25  ? 3.232   7.803   5.202   1.00 24.69  ? 23  THR A O   1 
ATOM   180  C CB  . THR A 1 25  ? 4.017   10.802  4.717   1.00 34.78  ? 23  THR A CB  1 
ATOM   181  O OG1 . THR A 1 25  ? 4.533   11.683  3.715   1.00 40.88  ? 23  THR A OG1 1 
ATOM   182  C CG2 . THR A 1 25  ? 4.126   11.457  6.093   1.00 31.98  ? 23  THR A CG2 1 
ATOM   183  N N   . CYS A 1 26  ? 4.758   8.255   6.772   1.00 25.69  ? 24  CYS A N   1 
ATOM   184  C CA  . CYS A 1 26  ? 4.111   7.367   7.725   1.00 21.10  ? 24  CYS A CA  1 
ATOM   185  C C   . CYS A 1 26  ? 4.298   7.919   9.132   1.00 24.58  ? 24  CYS A C   1 
ATOM   186  O O   . CYS A 1 26  ? 5.408   8.334   9.496   1.00 27.42  ? 24  CYS A O   1 
ATOM   187  C CB  . CYS A 1 26  ? 4.733   5.949   7.669   1.00 23.19  ? 24  CYS A CB  1 
ATOM   188  S SG  . CYS A 1 26  ? 3.975   4.729   8.724   1.00 27.84  ? 24  CYS A SG  1 
ATOM   189  N N   . TRP A 1 27  ? 3.242   7.854   9.942   1.00 22.71  ? 25  TRP A N   1 
ATOM   190  C CA  . TRP A 1 27  ? 3.291   8.520   11.244  1.00 26.43  ? 25  TRP A CA  1 
ATOM   191  C C   . TRP A 1 27  ? 2.388   7.830   12.263  1.00 25.86  ? 25  TRP A C   1 
ATOM   192  O O   . TRP A 1 27  ? 1.519   7.029   11.933  1.00 26.19  ? 25  TRP A O   1 
ATOM   193  C CB  . TRP A 1 27  ? 2.879   9.996   11.094  1.00 25.77  ? 25  TRP A CB  1 
ATOM   194  C CG  . TRP A 1 27  ? 1.455   10.147  10.692  1.00 24.47  ? 25  TRP A CG  1 
ATOM   195  C CD1 . TRP A 1 27  ? 0.366   10.264  11.521  1.00 28.09  ? 25  TRP A CD1 1 
ATOM   196  C CD2 . TRP A 1 27  ? 0.937   10.143  9.353   1.00 27.03  ? 25  TRP A CD2 1 
ATOM   197  N NE1 . TRP A 1 27  ? -0.795  10.376  10.770  1.00 26.03  ? 25  TRP A NE1 1 
ATOM   198  C CE2 . TRP A 1 27  ? -0.466  10.303  9.445   1.00 27.19  ? 25  TRP A CE2 1 
ATOM   199  C CE3 . TRP A 1 27  ? 1.525   10.017  8.077   1.00 27.05  ? 25  TRP A CE3 1 
ATOM   200  C CZ2 . TRP A 1 27  ? -1.290  10.298  8.328   1.00 25.77  ? 25  TRP A CZ2 1 
ATOM   201  C CZ3 . TRP A 1 27  ? 0.692   10.064  6.953   1.00 25.64  ? 25  TRP A CZ3 1 
ATOM   202  C CH2 . TRP A 1 27  ? -0.692  10.182  7.097   1.00 27.06  ? 25  TRP A CH2 1 
ATOM   203  N N   . GLN A 1 28  ? 2.597   8.168   13.543  1.00 26.88  ? 26  GLN A N   1 
ATOM   204  C CA  . GLN A 1 28  ? 1.743   7.662   14.609  1.00 26.37  ? 26  GLN A CA  1 
ATOM   205  C C   . GLN A 1 28  ? 0.401   8.370   14.624  1.00 34.64  ? 26  GLN A C   1 
ATOM   206  O O   . GLN A 1 28  ? 0.357   9.600   14.621  1.00 46.45  ? 26  GLN A O   1 
ATOM   207  C CB  . GLN A 1 28  ? 2.420   7.851   15.969  1.00 32.52  ? 26  GLN A CB  1 
ATOM   208  C CG  . GLN A 1 28  ? 3.253   6.735   16.366  1.00 31.14  ? 26  GLN A CG  1 
ATOM   209  C CD  . GLN A 1 28  ? 4.074   6.977   17.669  1.00 30.12  ? 26  GLN A CD  1 
ATOM   210  O OE1 . GLN A 1 28  ? 5.233   7.330   17.606  1.00 42.82  ? 26  GLN A OE1 1 
ATOM   211  N NE2 . GLN A 1 28  ? 3.475   6.747   18.802  1.00 36.31  ? 26  GLN A NE2 1 
ATOM   212  N N   . ASP A 1 29  ? -0.686  7.605   14.695  1.00 36.50  ? 27  ASP A N   1 
ATOM   213  C CA  . ASP A 1 29  ? -2.007  8.227   14.784  1.00 37.04  ? 27  ASP A CA  1 
ATOM   214  C C   . ASP A 1 29  ? -2.117  9.042   16.061  1.00 40.43  ? 27  ASP A C   1 
ATOM   215  O O   . ASP A 1 29  ? -2.614  10.173  16.055  1.00 39.81  ? 27  ASP A O   1 
ATOM   216  C CB  . ASP A 1 29  ? -3.106  7.175   14.737  1.00 35.04  ? 27  ASP A CB  1 
ATOM   217  C CG  . ASP A 1 29  ? -4.476  7.787   14.684  1.00 40.96  ? 27  ASP A CG  1 
ATOM   218  O OD1 . ASP A 1 29  ? -4.747  8.561   13.745  1.00 38.97  ? 27  ASP A OD1 1 
ATOM   219  O OD2 . ASP A 1 29  ? -5.306  7.478   15.554  1.00 48.21  ? 27  ASP A OD2 1 
ATOM   220  N N   . LYS A 1 30  ? -1.644  8.489   17.162  1.00 35.82  ? 28  LYS A N   1 
ATOM   221  C CA  . LYS A 1 30  ? -1.668  9.218   18.414  1.00 34.41  ? 28  LYS A CA  1 
ATOM   222  C C   . LYS A 1 30  ? -0.365  8.969   19.162  1.00 38.15  ? 28  LYS A C   1 
ATOM   223  O O   . LYS A 1 30  ? 0.673   9.582   18.860  1.00 41.92  ? 28  LYS A O   1 
ATOM   224  C CB  . LYS A 1 30  ? -2.894  8.792   19.221  1.00 38.89  ? 28  LYS A CB  1 
ATOM   225  N N   . ASP A 1 31  ? -0.396  8.057   20.123  1.00 38.65  ? 29  ASP A N   1 
ATOM   226  C CA  . ASP A 1 31  ? 0.771   7.853   20.977  1.00 39.84  ? 29  ASP A CA  1 
ATOM   227  C C   . ASP A 1 31  ? 1.160   6.380   21.084  1.00 42.47  ? 29  ASP A C   1 
ATOM   228  O O   . ASP A 1 31  ? 1.956   6.008   21.957  1.00 42.17  ? 29  ASP A O   1 
ATOM   229  C CB  . ASP A 1 31  ? 0.514   8.461   22.361  1.00 39.21  ? 29  ASP A CB  1 
ATOM   230  C CG  . ASP A 1 31  ? -0.656  7.824   23.047  1.00 46.67  ? 29  ASP A CG  1 
ATOM   231  O OD1 . ASP A 1 31  ? -0.782  7.984   24.277  1.00 59.45  ? 29  ASP A OD1 1 
ATOM   232  O OD2 . ASP A 1 31  ? -1.436  7.127   22.358  1.00 48.79  ? 29  ASP A OD2 1 
ATOM   233  N N   . GLN A 1 32  ? 0.642   5.537   20.198  1.00 38.82  ? 30  GLN A N   1 
ATOM   234  C CA  . GLN A 1 32  ? 0.964   4.114   20.167  1.00 37.28  ? 30  GLN A CA  1 
ATOM   235  C C   . GLN A 1 32  ? 1.767   3.840   18.904  1.00 40.12  ? 30  GLN A C   1 
ATOM   236  O O   . GLN A 1 32  ? 1.299   4.138   17.802  1.00 34.51  ? 30  GLN A O   1 
ATOM   237  C CB  . GLN A 1 32  ? -0.308  3.263   20.176  1.00 37.97  ? 30  GLN A CB  1 
ATOM   238  C CG  . GLN A 1 32  ? -1.168  3.499   21.407  1.00 46.60  ? 30  GLN A CG  1 
ATOM   239  C CD  . GLN A 1 32  ? -0.416  3.320   22.720  1.00 56.39  ? 30  GLN A CD  1 
ATOM   240  O OE1 . GLN A 1 32  ? 0.495   2.490   22.837  1.00 57.71  ? 30  GLN A OE1 1 
ATOM   241  N NE2 . GLN A 1 32  ? -0.793  4.113   23.720  1.00 56.92  ? 30  GLN A NE2 1 
ATOM   242  N N   . MET A 1 33  ? 2.964   3.267   19.071  1.00 36.20  ? 31  MET A N   1 
ATOM   243  C CA  . MET A 1 33  ? 3.862   3.005   17.953  1.00 31.29  ? 31  MET A CA  1 
ATOM   244  C C   . MET A 1 33  ? 3.345   1.928   17.013  1.00 31.15  ? 31  MET A C   1 
ATOM   245  O O   . MET A 1 33  ? 3.956   1.724   15.965  1.00 33.82  ? 31  MET A O   1 
ATOM   246  C CB  . MET A 1 33  ? 5.240   2.604   18.478  1.00 31.62  ? 31  MET A CB  1 
ATOM   247  C CG  . MET A 1 33  ? 5.991   3.753   19.125  1.00 33.99  ? 31  MET A CG  1 
ATOM   248  S SD  . MET A 1 33  ? 7.710   3.323   19.437  1.00 38.67  ? 31  MET A SD  1 
ATOM   249  C CE  . MET A 1 33  ? 7.499   1.849   20.469  1.00 38.60  ? 31  MET A CE  1 
ATOM   250  N N   . ASP A 1 34  ? 2.271   1.225   17.363  1.00 29.08  ? 32  ASP A N   1 
ATOM   251  C CA  . ASP A 1 34  ? 1.786   0.156   16.514  1.00 33.21  ? 32  ASP A CA  1 
ATOM   252  C C   . ASP A 1 34  ? 0.430   0.473   15.877  1.00 32.37  ? 32  ASP A C   1 
ATOM   253  O O   . ASP A 1 34  ? -0.205  -0.420  15.313  1.00 31.99  ? 32  ASP A O   1 
ATOM   254  C CB  . ASP A 1 34  ? 1.736   -1.147  17.312  1.00 35.78  ? 32  ASP A CB  1 
ATOM   255  C CG  . ASP A 1 34  ? 0.962   -1.013  18.597  1.00 47.32  ? 32  ASP A CG  1 
ATOM   256  O OD1 . ASP A 1 34  ? 0.461   0.106   18.891  1.00 41.36  ? 32  ASP A OD1 1 
ATOM   257  O OD2 . ASP A 1 34  ? 0.851   -2.039  19.301  1.00 42.00  ? 32  ASP A OD2 1 
ATOM   258  N N   . ASP A 1 35  ? -0.035  1.719   15.977  1.00 29.70  ? 33  ASP A N   1 
ATOM   259  C CA  . ASP A 1 35  ? -1.267  2.207   15.338  1.00 31.85  ? 33  ASP A CA  1 
ATOM   260  C C   . ASP A 1 35  ? -0.854  3.392   14.480  1.00 33.30  ? 33  ASP A C   1 
ATOM   261  O O   . ASP A 1 35  ? -0.722  4.520   14.960  1.00 33.06  ? 33  ASP A O   1 
ATOM   262  C CB  . ASP A 1 35  ? -2.314  2.581   16.397  1.00 36.05  ? 33  ASP A CB  1 
ATOM   263  C CG  . ASP A 1 35  ? -3.658  2.977   15.804  1.00 41.99  ? 33  ASP A CG  1 
ATOM   264  O OD1 . ASP A 1 35  ? -4.457  3.598   16.539  1.00 47.67  ? 33  ASP A OD1 1 
ATOM   265  O OD2 . ASP A 1 35  ? -3.931  2.682   14.617  1.00 37.64  ? 33  ASP A OD2 1 
ATOM   266  N N   . LEU A 1 36  ? -0.553  3.128   13.219  1.00 25.76  ? 34  LEU A N   1 
ATOM   267  C CA  . LEU A 1 36  ? 0.097   4.106   12.383  1.00 21.51  ? 34  LEU A CA  1 
ATOM   268  C C   . LEU A 1 36  ? -0.814  4.443   11.217  1.00 24.63  ? 34  LEU A C   1 
ATOM   269  O O   . LEU A 1 36  ? -1.741  3.689   10.876  1.00 25.66  ? 34  LEU A O   1 
ATOM   270  C CB  . LEU A 1 36  ? 1.447   3.604   11.838  1.00 23.06  ? 34  LEU A CB  1 
ATOM   271  C CG  . LEU A 1 36  ? 2.384   3.025   12.898  1.00 25.22  ? 34  LEU A CG  1 
ATOM   272  C CD1 . LEU A 1 36  ? 3.636   2.520   12.233  1.00 23.18  ? 34  LEU A CD1 1 
ATOM   273  C CD2 . LEU A 1 36  ? 2.722   4.147   13.906  1.00 25.38  ? 34  LEU A CD2 1 
ATOM   274  N N   . ARG A 1 37  ? -0.524  5.564   10.582  1.00 24.04  ? 35  ARG A N   1 
ATOM   275  C CA  . ARG A 1 37  ? -1.181  5.923   9.332   1.00 25.14  ? 35  ARG A CA  1 
ATOM   276  C C   . ARG A 1 37  ? -0.090  6.209   8.313   1.00 26.51  ? 35  ARG A C   1 
ATOM   277  O O   . ARG A 1 37  ? 1.065   6.482   8.671   1.00 25.55  ? 35  ARG A O   1 
ATOM   278  C CB  . ARG A 1 37  ? -2.112  7.143   9.522   1.00 26.46  ? 35  ARG A CB  1 
ATOM   279  C CG  . ARG A 1 37  ? -3.205  6.920   10.535  1.00 28.32  ? 35  ARG A CG  1 
ATOM   280  C CD  . ARG A 1 37  ? -4.282  5.904   10.010  1.00 28.96  ? 35  ARG A CD  1 
ATOM   281  N NE  . ARG A 1 37  ? -5.369  5.713   10.970  1.00 34.01  ? 35  ARG A NE  1 
ATOM   282  C CZ  . ARG A 1 37  ? -5.267  4.987   12.081  1.00 34.64  ? 35  ARG A CZ  1 
ATOM   283  N NH1 . ARG A 1 37  ? -4.155  4.346   12.391  1.00 31.69  ? 35  ARG A NH1 1 
ATOM   284  N NH2 . ARG A 1 37  ? -6.296  4.920   12.913  1.00 36.98  ? 35  ARG A NH2 1 
ATOM   285  N N   . ALA A 1 38  ? -0.431  6.100   7.029   1.00 21.86  ? 36  ALA A N   1 
ATOM   286  C CA  . ALA A 1 38  ? 0.523   6.451   6.008   1.00 22.06  ? 36  ALA A CA  1 
ATOM   287  C C   . ALA A 1 38  ? -0.186  7.166   4.879   1.00 22.88  ? 36  ALA A C   1 
ATOM   288  O O   . ALA A 1 38  ? -1.424  7.151   4.752   1.00 24.52  ? 36  ALA A O   1 
ATOM   289  C CB  . ALA A 1 38  ? 1.300   5.229   5.487   1.00 25.24  ? 36  ALA A CB  1 
ATOM   290  N N   . GLN A 1 39  ? 0.619   7.765   4.018   1.00 22.76  ? 37  GLN A N   1 
ATOM   291  C CA  . GLN A 1 39  ? 0.077   8.384   2.826   1.00 25.19  ? 37  GLN A CA  1 
ATOM   292  C C   . GLN A 1 39  ? 1.038   8.126   1.675   1.00 24.08  ? 37  GLN A C   1 
ATOM   293  O O   . GLN A 1 39  ? 2.264   8.236   1.840   1.00 25.00  ? 37  GLN A O   1 
ATOM   294  C CB  . GLN A 1 39  ? -0.119  9.888   3.118   1.00 35.57  ? 37  GLN A CB  1 
ATOM   295  C CG  . GLN A 1 39  ? -0.036  10.792  1.943   1.00 44.64  ? 37  GLN A CG  1 
ATOM   296  C CD  . GLN A 1 39  ? -0.124  12.258  2.361   1.00 32.79  ? 37  GLN A CD  1 
ATOM   297  O OE1 . GLN A 1 39  ? -1.053  12.656  3.049   1.00 30.62  ? 37  GLN A OE1 1 
ATOM   298  N NE2 . GLN A 1 39  ? 0.820   13.035  1.914   1.00 31.42  ? 37  GLN A NE2 1 
ATOM   299  N N   . ILE A 1 40  ? 0.483   7.766   0.506   1.00 24.48  ? 38  ILE A N   1 
ATOM   300  C CA  . ILE A 1 40  ? 1.259   7.625   -0.717  1.00 23.06  ? 38  ILE A CA  1 
ATOM   301  C C   . ILE A 1 40  ? 0.688   8.609   -1.726  1.00 26.61  ? 38  ILE A C   1 
ATOM   302  O O   . ILE A 1 40  ? -0.514  8.581   -2.010  1.00 27.42  ? 38  ILE A O   1 
ATOM   303  C CB  . ILE A 1 40  ? 1.210   6.190   -1.300  1.00 20.38  ? 38  ILE A CB  1 
ATOM   304  C CG1 . ILE A 1 40  ? 1.787   5.191   -0.278  1.00 23.59  ? 38  ILE A CG1 1 
ATOM   305  C CG2 . ILE A 1 40  ? 2.004   6.101   -2.609  1.00 24.79  ? 38  ILE A CG2 1 
ATOM   306  C CD1 . ILE A 1 40  ? 1.585   3.690   -0.637  1.00 25.56  ? 38  ILE A CD1 1 
ATOM   307  N N   . LEU A 1 41  ? 1.557   9.443   -2.284  1.00 26.19  ? 39  LEU A N   1 
ATOM   308  C CA  . LEU A 1 41  ? 1.156   10.320  -3.384  1.00 29.48  ? 39  LEU A CA  1 
ATOM   309  C C   . LEU A 1 41  ? 0.957   9.531   -4.671  1.00 28.83  ? 39  LEU A C   1 
ATOM   310  O O   . LEU A 1 41  ? 1.801   8.717   -5.042  1.00 31.78  ? 39  LEU A O   1 
ATOM   311  C CB  . LEU A 1 41  ? 2.235   11.384  -3.626  1.00 30.59  ? 39  LEU A CB  1 
ATOM   312  C CG  . LEU A 1 41  ? 2.545   12.238  -2.417  1.00 34.61  ? 39  LEU A CG  1 
ATOM   313  C CD1 . LEU A 1 41  ? 3.622   13.242  -2.763  1.00 32.90  ? 39  LEU A CD1 1 
ATOM   314  C CD2 . LEU A 1 41  ? 1.282   12.859  -1.794  1.00 34.40  ? 39  LEU A CD2 1 
ATOM   315  N N   . GLY A 1 42  ? -0.140  9.806   -5.385  1.00 31.86  ? 40  GLY A N   1 
ATOM   316  C CA  . GLY A 1 42  ? -0.271  9.254   -6.730  1.00 35.12  ? 40  GLY A CA  1 
ATOM   317  C C   . GLY A 1 42  ? 0.957   9.513   -7.581  1.00 35.76  ? 40  GLY A C   1 
ATOM   318  O O   . GLY A 1 42  ? 1.465   10.640  -7.582  1.00 38.73  ? 40  GLY A O   1 
ATOM   319  N N   . GLY A 1 43  ? 1.490   8.490   -8.258  1.00 36.97  ? 41  GLY A N   1 
ATOM   320  C CA  . GLY A 1 43  ? 2.723   8.664   -9.028  1.00 31.49  ? 41  GLY A CA  1 
ATOM   321  C C   . GLY A 1 43  ? 2.483   9.362   -10.359 1.00 41.85  ? 41  GLY A C   1 
ATOM   322  O O   . GLY A 1 43  ? 1.438   9.222   -10.977 1.00 40.88  ? 41  GLY A O   1 
ATOM   323  N N   . ALA A 1 44  ? 3.463   10.155  -10.815 1.00 42.62  ? 42  ALA A N   1 
ATOM   324  C CA  . ALA A 1 44  ? 3.301   10.697  -12.168 1.00 54.77  ? 42  ALA A CA  1 
ATOM   325  C C   . ALA A 1 44  ? 3.428   9.561   -13.187 1.00 53.53  ? 42  ALA A C   1 
ATOM   326  O O   . ALA A 1 44  ? 4.159   8.572   -12.954 1.00 49.66  ? 42  ALA A O   1 
ATOM   327  C CB  . ALA A 1 44  ? 4.342   11.776  -12.452 1.00 57.56  ? 42  ALA A CB  1 
ATOM   328  N N   . ASN A 1 45  ? 2.743   9.706   -14.324 1.00 54.04  ? 43  ASN A N   1 
ATOM   329  C CA  . ASN A 1 45  ? 2.684   8.678   -15.362 1.00 53.86  ? 43  ASN A CA  1 
ATOM   330  C C   . ASN A 1 45  ? 1.936   7.447   -14.883 1.00 45.38  ? 43  ASN A C   1 
ATOM   331  O O   . ASN A 1 45  ? 2.255   6.332   -15.295 1.00 50.21  ? 43  ASN A O   1 
ATOM   332  C CB  . ASN A 1 45  ? 4.078   8.247   -15.839 1.00 56.13  ? 43  ASN A CB  1 
ATOM   333  C CG  . ASN A 1 45  ? 4.968   9.417   -16.197 1.00 68.53  ? 43  ASN A CG  1 
ATOM   334  O OD1 . ASN A 1 45  ? 4.529   10.380  -16.844 1.00 65.06  ? 43  ASN A OD1 1 
ATOM   335  N ND2 . ASN A 1 45  ? 6.222   9.358   -15.748 1.00 71.03  ? 43  ASN A ND2 1 
ATOM   336  N N   . THR A 1 46  ? 1.017   7.636   -13.944 1.00 47.66  ? 44  THR A N   1 
ATOM   337  C CA  . THR A 1 46  ? 0.058   6.639   -13.501 1.00 40.55  ? 44  THR A CA  1 
ATOM   338  C C   . THR A 1 46  ? -1.279  7.346   -13.490 1.00 36.70  ? 44  THR A C   1 
ATOM   339  O O   . THR A 1 46  ? -1.328  8.576   -13.396 1.00 38.62  ? 44  THR A O   1 
ATOM   340  C CB  . THR A 1 46  ? 0.354   6.077   -12.094 1.00 36.98  ? 44  THR A CB  1 
ATOM   341  O OG1 . THR A 1 46  ? -0.085  7.007   -11.094 1.00 34.22  ? 44  THR A OG1 1 
ATOM   342  C CG2 . THR A 1 46  ? 1.804   5.771   -11.917 1.00 38.03  ? 44  THR A CG2 1 
ATOM   343  N N   . PRO A 1 47  ? -2.386  6.603   -13.572 1.00 33.26  ? 45  PRO A N   1 
ATOM   344  C CA  . PRO A 1 47  ? -3.700  7.251   -13.482 1.00 30.29  ? 45  PRO A CA  1 
ATOM   345  C C   . PRO A 1 47  ? -4.034  7.780   -12.112 1.00 35.02  ? 45  PRO A C   1 
ATOM   346  O O   . PRO A 1 47  ? -5.087  8.421   -11.956 1.00 32.81  ? 45  PRO A O   1 
ATOM   347  C CB  . PRO A 1 47  ? -4.689  6.133   -13.885 1.00 32.11  ? 45  PRO A CB  1 
ATOM   348  C CG  . PRO A 1 47  ? -3.932  4.858   -13.591 1.00 33.13  ? 45  PRO A CG  1 
ATOM   349  C CD  . PRO A 1 47  ? -2.480  5.165   -13.885 1.00 33.81  ? 45  PRO A CD  1 
ATOM   350  N N   . TYR A 1 48  ? -3.192  7.527   -11.095 1.00 30.06  ? 46  TYR A N   1 
ATOM   351  C CA  . TYR A 1 48  ? -3.473  8.007   -9.759  1.00 29.52  ? 46  TYR A CA  1 
ATOM   352  C C   . TYR A 1 48  ? -2.782  9.335   -9.509  1.00 36.03  ? 46  TYR A C   1 
ATOM   353  O O   . TYR A 1 48  ? -2.866  9.862   -8.399  1.00 32.65  ? 46  TYR A O   1 
ATOM   354  C CB  . TYR A 1 48  ? -3.007  6.969   -8.718  1.00 30.43  ? 46  TYR A CB  1 
ATOM   355  C CG  . TYR A 1 48  ? -3.459  5.581   -9.120  1.00 26.05  ? 46  TYR A CG  1 
ATOM   356  C CD1 . TYR A 1 48  ? -4.795  5.253   -9.045  1.00 27.32  ? 46  TYR A CD1 1 
ATOM   357  C CD2 . TYR A 1 48  ? -2.554  4.645   -9.603  1.00 26.06  ? 46  TYR A CD2 1 
ATOM   358  C CE1 . TYR A 1 48  ? -5.251  3.977   -9.423  1.00 24.59  ? 46  TYR A CE1 1 
ATOM   359  C CE2 . TYR A 1 48  ? -2.989  3.371   -9.987  1.00 29.71  ? 46  TYR A CE2 1 
ATOM   360  C CZ  . TYR A 1 48  ? -4.341  3.061   -9.889  1.00 27.44  ? 46  TYR A CZ  1 
ATOM   361  O OH  . TYR A 1 48  ? -4.820  1.821   -10.263 1.00 27.78  ? 46  TYR A OH  1 
ATOM   362  N N   . GLU A 1 49  ? -2.142  9.892   -10.540 1.00 37.10  ? 47  GLU A N   1 
ATOM   363  C CA  . GLU A 1 49  ? -1.358  11.113  -10.408 1.00 40.07  ? 47  GLU A CA  1 
ATOM   364  C C   . GLU A 1 49  ? -2.166  12.220  -9.755  1.00 38.68  ? 47  GLU A C   1 
ATOM   365  O O   . GLU A 1 49  ? -3.346  12.415  -10.047 1.00 46.18  ? 47  GLU A O   1 
ATOM   366  C CB  . GLU A 1 49  ? -0.890  11.560  -11.786 1.00 47.53  ? 47  GLU A CB  1 
ATOM   367  C CG  . GLU A 1 49  ? 0.278   12.514  -11.796 1.00 56.64  ? 47  GLU A CG  1 
ATOM   368  C CD  . GLU A 1 49  ? 0.422   13.128  -13.165 1.00 66.57  ? 47  GLU A CD  1 
ATOM   369  O OE1 . GLU A 1 49  ? -0.019  14.287  -13.342 1.00 80.36  ? 47  GLU A OE1 1 
ATOM   370  O OE2 . GLU A 1 49  ? 0.931   12.427  -14.071 1.00 63.95  ? 47  GLU A OE2 1 
ATOM   371  N N   . LYS A 1 50  ? -1.531  12.939  -8.848  1.00 44.73  ? 48  LYS A N   1 
ATOM   372  C CA  . LYS A 1 50  ? -2.203  14.046  -8.180  1.00 54.53  ? 48  LYS A CA  1 
ATOM   373  C C   . LYS A 1 50  ? -3.439  13.599  -7.386  1.00 55.90  ? 48  LYS A C   1 
ATOM   374  O O   . LYS A 1 50  ? -4.347  14.395  -7.155  1.00 58.51  ? 48  LYS A O   1 
ATOM   375  C CB  . LYS A 1 50  ? -2.577  15.148  -9.189  1.00 62.36  ? 48  LYS A CB  1 
ATOM   376  N N   . GLY A 1 51  ? -3.521  12.329  -6.979  1.00 44.56  ? 49  GLY A N   1 
ATOM   377  C CA  . GLY A 1 51  ? -4.331  11.948  -5.848  1.00 37.45  ? 49  GLY A CA  1 
ATOM   378  C C   . GLY A 1 51  ? -3.410  11.717  -4.646  1.00 28.36  ? 49  GLY A C   1 
ATOM   379  O O   . GLY A 1 51  ? -2.222  11.488  -4.799  1.00 34.96  ? 49  GLY A O   1 
ATOM   380  N N   . VAL A 1 52  ? -3.983  11.798  -3.454  1.00 27.49  ? 50  VAL A N   1 
ATOM   381  C CA  . VAL A 1 52  ? -3.272  11.458  -2.225  1.00 30.51  ? 50  VAL A CA  1 
ATOM   382  C C   . VAL A 1 52  ? -4.011  10.303  -1.576  1.00 29.08  ? 50  VAL A C   1 
ATOM   383  O O   . VAL A 1 52  ? -5.218  10.397  -1.340  1.00 29.12  ? 50  VAL A O   1 
ATOM   384  C CB  . VAL A 1 52  ? -3.189  12.671  -1.281  1.00 37.45  ? 50  VAL A CB  1 
ATOM   385  C CG1 . VAL A 1 52  ? -2.572  12.282  0.082   1.00 32.34  ? 50  VAL A CG1 1 
ATOM   386  C CG2 . VAL A 1 52  ? -2.363  13.759  -1.941  1.00 40.44  ? 50  VAL A CG2 1 
ATOM   387  N N   . PHE A 1 53  ? -3.294  9.208   -1.264  1.00 26.80  ? 51  PHE A N   1 
ATOM   388  C CA  . PHE A 1 53  ? -3.959  7.997   -0.791  1.00 26.07  ? 51  PHE A CA  1 
ATOM   389  C C   . PHE A 1 53  ? -3.551  7.729   0.647   1.00 24.26  ? 51  PHE A C   1 
ATOM   390  O O   . PHE A 1 53  ? -2.359  7.621   0.941   1.00 28.49  ? 51  PHE A O   1 
ATOM   391  C CB  . PHE A 1 53  ? -3.622  6.808   -1.685  1.00 23.89  ? 51  PHE A CB  1 
ATOM   392  C CG  . PHE A 1 53  ? -4.123  7.000   -3.081  1.00 29.57  ? 51  PHE A CG  1 
ATOM   393  C CD1 . PHE A 1 53  ? -5.389  6.521   -3.450  1.00 28.41  ? 51  PHE A CD1 1 
ATOM   394  C CD2 . PHE A 1 53  ? -3.365  7.709   -4.012  1.00 29.23  ? 51  PHE A CD2 1 
ATOM   395  C CE1 . PHE A 1 53  ? -5.893  6.724   -4.765  1.00 26.05  ? 51  PHE A CE1 1 
ATOM   396  C CE2 . PHE A 1 53  ? -3.847  7.918   -5.319  1.00 28.82  ? 51  PHE A CE2 1 
ATOM   397  C CZ  . PHE A 1 53  ? -5.109  7.413   -5.691  1.00 29.57  ? 51  PHE A CZ  1 
ATOM   398  N N   . LYS A 1 54  ? -4.534  7.694   1.538   1.00 24.42  ? 52  LYS A N   1 
ATOM   399  C CA  . LYS A 1 54  ? -4.269  7.425   2.946   1.00 27.57  ? 52  LYS A CA  1 
ATOM   400  C C   . LYS A 1 54  ? -4.403  5.928   3.199   1.00 25.55  ? 52  LYS A C   1 
ATOM   401  O O   . LYS A 1 54  ? -5.248  5.239   2.594   1.00 23.98  ? 52  LYS A O   1 
ATOM   402  C CB  . LYS A 1 54  ? -5.251  8.197   3.832   1.00 33.08  ? 52  LYS A CB  1 
ATOM   403  N N   . LEU A 1 55  ? -3.574  5.423   4.096   1.00 22.36  ? 53  LEU A N   1 
ATOM   404  C CA  . LEU A 1 55  ? -3.579  4.013   4.465   1.00 25.46  ? 53  LEU A CA  1 
ATOM   405  C C   . LEU A 1 55  ? -3.535  3.886   5.974   1.00 25.99  ? 53  LEU A C   1 
ATOM   406  O O   . LEU A 1 55  ? -3.018  4.769   6.683   1.00 23.36  ? 53  LEU A O   1 
ATOM   407  C CB  . LEU A 1 55  ? -2.359  3.273   3.850   1.00 24.85  ? 53  LEU A CB  1 
ATOM   408  C CG  . LEU A 1 55  ? -2.244  3.337   2.309   1.00 24.82  ? 53  LEU A CG  1 
ATOM   409  C CD1 . LEU A 1 55  ? -1.265  4.494   1.894   1.00 26.01  ? 53  LEU A CD1 1 
ATOM   410  C CD2 . LEU A 1 55  ? -1.778  1.995   1.720   1.00 26.91  ? 53  LEU A CD2 1 
ATOM   411  N N   . GLU A 1 56  ? -4.066  2.775   6.466   1.00 21.92  ? 54  GLU A N   1 
ATOM   412  C CA  . GLU A 1 56  ? -3.949  2.388   7.868   1.00 24.45  ? 54  GLU A CA  1 
ATOM   413  C C   . GLU A 1 56  ? -2.853  1.333   8.005   1.00 26.25  ? 54  GLU A C   1 
ATOM   414  O O   . GLU A 1 56  ? -2.819  0.387   7.215   1.00 23.94  ? 54  GLU A O   1 
ATOM   415  C CB  . GLU A 1 56  ? -5.288  1.846   8.352   1.00 25.53  ? 54  GLU A CB  1 
ATOM   416  C CG  . GLU A 1 56  ? -5.266  1.407   9.804   1.00 31.35  ? 54  GLU A CG  1 
ATOM   417  C CD  . GLU A 1 56  ? -6.507  0.615   10.168  1.00 41.55  ? 54  GLU A CD  1 
ATOM   418  O OE1 . GLU A 1 56  ? -6.685  -0.481  9.611   1.00 42.03  ? 54  GLU A OE1 1 
ATOM   419  O OE2 . GLU A 1 56  ? -7.317  1.102   10.992  1.00 47.51  ? 54  GLU A OE2 1 
ATOM   420  N N   . VAL A 1 57  ? -1.937  1.517   8.962   1.00 24.22  ? 55  VAL A N   1 
ATOM   421  C CA  . VAL A 1 57  ? -0.799  0.617   9.138   1.00 24.92  ? 55  VAL A CA  1 
ATOM   422  C C   . VAL A 1 57  ? -0.847  0.094   10.568  1.00 27.42  ? 55  VAL A C   1 
ATOM   423  O O   . VAL A 1 57  ? -0.520  0.822   11.506  1.00 26.49  ? 55  VAL A O   1 
ATOM   424  C CB  . VAL A 1 57  ? 0.541   1.292   8.853   1.00 21.26  ? 55  VAL A CB  1 
ATOM   425  C CG1 . VAL A 1 57  ? 1.705   0.307   9.177   1.00 25.28  ? 55  VAL A CG1 1 
ATOM   426  C CG2 . VAL A 1 57  ? 0.589   1.822   7.415   1.00 21.99  ? 55  VAL A CG2 1 
ATOM   427  N N   . ILE A 1 58  ? -1.289  -1.158  10.743  1.00 26.50  ? 56  ILE A N   1 
ATOM   428  C CA  . ILE A 1 58  ? -1.419  -1.760  12.063  1.00 28.16  ? 56  ILE A CA  1 
ATOM   429  C C   . ILE A 1 58  ? -0.270  -2.738  12.265  1.00 27.78  ? 56  ILE A C   1 
ATOM   430  O O   . ILE A 1 58  ? -0.017  -3.601  11.414  1.00 27.93  ? 56  ILE A O   1 
ATOM   431  C CB  . ILE A 1 58  ? -2.777  -2.456  12.248  1.00 28.87  ? 56  ILE A CB  1 
ATOM   432  C CG1 . ILE A 1 58  ? -3.943  -1.491  11.971  1.00 33.97  ? 56  ILE A CG1 1 
ATOM   433  C CG2 . ILE A 1 58  ? -2.853  -3.063  13.661  1.00 32.07  ? 56  ILE A CG2 1 
ATOM   434  C CD1 . ILE A 1 58  ? -3.868  -0.195  12.821  1.00 34.07  ? 56  ILE A CD1 1 
ATOM   435  N N   . ILE A 1 59  ? 0.444   -2.607  13.379  1.00 27.67  ? 57  ILE A N   1 
ATOM   436  C CA  . ILE A 1 59  ? 1.626   -3.427  13.630  1.00 27.19  ? 57  ILE A CA  1 
ATOM   437  C C   . ILE A 1 59  ? 1.217   -4.543  14.590  1.00 34.91  ? 57  ILE A C   1 
ATOM   438  O O   . ILE A 1 59  ? 0.876   -4.252  15.748  1.00 34.82  ? 57  ILE A O   1 
ATOM   439  C CB  . ILE A 1 59  ? 2.781   -2.597  14.202  1.00 29.54  ? 57  ILE A CB  1 
ATOM   440  C CG1 . ILE A 1 59  ? 3.093   -1.386  13.305  1.00 28.45  ? 57  ILE A CG1 1 
ATOM   441  C CG2 . ILE A 1 59  ? 4.045   -3.443  14.373  1.00 28.78  ? 57  ILE A CG2 1 
ATOM   442  C CD1 . ILE A 1 59  ? 3.586   -1.711  11.924  1.00 27.38  ? 57  ILE A CD1 1 
ATOM   443  N N   . PRO A 1 60  ? 1.235   -5.802  14.168  1.00 31.38  ? 58  PRO A N   1 
ATOM   444  C CA  . PRO A 1 60  ? 0.721   -6.880  15.029  1.00 34.11  ? 58  PRO A CA  1 
ATOM   445  C C   . PRO A 1 60  ? 1.673   -7.187  16.177  1.00 35.25  ? 58  PRO A C   1 
ATOM   446  O O   . PRO A 1 60  ? 2.822   -6.748  16.213  1.00 29.38  ? 58  PRO A O   1 
ATOM   447  C CB  . PRO A 1 60  ? 0.593   -8.068  14.075  1.00 35.79  ? 58  PRO A CB  1 
ATOM   448  C CG  . PRO A 1 60  ? 1.657   -7.812  13.039  1.00 37.24  ? 58  PRO A CG  1 
ATOM   449  C CD  . PRO A 1 60  ? 1.704   -6.289  12.860  1.00 34.61  ? 58  PRO A CD  1 
ATOM   450  N N   . GLU A 1 61  ? 1.168   -7.983  17.124  1.00 39.38  ? 59  GLU A N   1 
ATOM   451  C CA  . GLU A 1 61  ? 1.925   -8.230  18.354  1.00 41.60  ? 59  GLU A CA  1 
ATOM   452  C C   . GLU A 1 61  ? 3.250   -8.912  18.073  1.00 37.25  ? 59  GLU A C   1 
ATOM   453  O O   . GLU A 1 61  ? 4.235   -8.642  18.757  1.00 38.52  ? 59  GLU A O   1 
ATOM   454  C CB  . GLU A 1 61  ? 1.088   -9.067  19.320  1.00 50.06  ? 59  GLU A CB  1 
ATOM   455  C CG  . GLU A 1 61  ? -0.041  -8.253  19.962  1.00 59.85  ? 59  GLU A CG  1 
ATOM   456  C CD  . GLU A 1 61  ? 0.452   -6.979  20.681  1.00 67.50  ? 59  GLU A CD  1 
ATOM   457  O OE1 . GLU A 1 61  ? -0.264  -5.941  20.609  1.00 66.39  ? 59  GLU A OE1 1 
ATOM   458  O OE2 . GLU A 1 61  ? 1.527   -7.021  21.343  1.00 65.61  ? 59  GLU A OE2 1 
ATOM   459  N N   . ARG A 1 62  ? 3.311   -9.770  17.061  1.00 37.72  ? 60  ARG A N   1 
ATOM   460  C CA  . ARG A 1 62  ? 4.520   -10.535 16.778  1.00 32.88  ? 60  ARG A CA  1 
ATOM   461  C C   . ARG A 1 62  ? 5.460   -9.851  15.794  1.00 33.25  ? 60  ARG A C   1 
ATOM   462  O O   . ARG A 1 62  ? 6.448   -10.463 15.367  1.00 34.31  ? 60  ARG A O   1 
ATOM   463  C CB  . ARG A 1 62  ? 4.130   -11.925 16.256  1.00 40.96  ? 60  ARG A CB  1 
ATOM   464  C CG  . ARG A 1 62  ? 3.536   -12.838 17.317  1.00 45.47  ? 60  ARG A CG  1 
ATOM   465  C CD  . ARG A 1 62  ? 3.269   -14.255 16.761  1.00 45.42  ? 60  ARG A CD  1 
ATOM   466  N NE  . ARG A 1 62  ? 4.467   -14.900 16.228  1.00 55.24  ? 60  ARG A NE  1 
ATOM   467  C CZ  . ARG A 1 62  ? 5.369   -15.538 16.970  1.00 56.26  ? 60  ARG A CZ  1 
ATOM   468  N NH1 . ARG A 1 62  ? 5.232   -15.657 18.281  1.00 43.70  ? 60  ARG A NH1 1 
ATOM   469  N NH2 . ARG A 1 62  ? 6.435   -16.071 16.380  1.00 53.15  ? 60  ARG A NH2 1 
ATOM   470  N N   . TYR A 1 63  ? 5.165   -8.608  15.384  1.00 30.85  ? 61  TYR A N   1 
ATOM   471  C CA  . TYR A 1 63  ? 6.118   -7.859  14.581  1.00 32.49  ? 61  TYR A CA  1 
ATOM   472  C C   . TYR A 1 63  ? 7.499   -7.868  15.250  1.00 31.48  ? 61  TYR A C   1 
ATOM   473  O O   . TYR A 1 63  ? 7.599   -7.685  16.469  1.00 32.36  ? 61  TYR A O   1 
ATOM   474  C CB  . TYR A 1 63  ? 5.622   -6.412  14.398  1.00 27.35  ? 61  TYR A CB  1 
ATOM   475  C CG  . TYR A 1 63  ? 6.401   -5.658  13.349  1.00 28.78  ? 61  TYR A CG  1 
ATOM   476  C CD1 . TYR A 1 63  ? 6.097   -5.823  12.007  1.00 27.26  ? 61  TYR A CD1 1 
ATOM   477  C CD2 . TYR A 1 63  ? 7.404   -4.742  13.693  1.00 28.05  ? 61  TYR A CD2 1 
ATOM   478  C CE1 . TYR A 1 63  ? 6.797   -5.168  11.044  1.00 26.74  ? 61  TYR A CE1 1 
ATOM   479  C CE2 . TYR A 1 63  ? 8.122   -4.075  12.718  1.00 29.15  ? 61  TYR A CE2 1 
ATOM   480  C CZ  . TYR A 1 63  ? 7.780   -4.287  11.387  1.00 26.22  ? 61  TYR A CZ  1 
ATOM   481  O OH  . TYR A 1 63  ? 8.442   -3.659  10.358  1.00 27.93  ? 61  TYR A OH  1 
ATOM   482  N N   . PRO A 1 64  ? 8.594   -8.017  14.494  1.00 28.93  ? 62  PRO A N   1 
ATOM   483  C CA  . PRO A 1 64  ? 8.726   -8.058  13.043  1.00 27.20  ? 62  PRO A CA  1 
ATOM   484  C C   . PRO A 1 64  ? 8.577   -9.438  12.394  1.00 31.01  ? 62  PRO A C   1 
ATOM   485  O O   . PRO A 1 64  ? 9.022   -9.582  11.274  1.00 33.09  ? 62  PRO A O   1 
ATOM   486  C CB  . PRO A 1 64  ? 10.134  -7.540  12.824  1.00 31.74  ? 62  PRO A CB  1 
ATOM   487  C CG  . PRO A 1 64  ? 10.913  -8.035  14.065  1.00 32.66  ? 62  PRO A CG  1 
ATOM   488  C CD  . PRO A 1 64  ? 9.908   -8.026  15.185  1.00 30.05  ? 62  PRO A CD  1 
ATOM   489  N N   . PHE A 1 65  ? 8.033   -10.413 13.090  1.00 29.28  ? 63  PHE A N   1 
ATOM   490  C CA  . PHE A 1 65  ? 7.963   -11.746 12.504  1.00 37.56  ? 63  PHE A CA  1 
ATOM   491  C C   . PHE A 1 65  ? 6.641   -11.996 11.804  1.00 39.05  ? 63  PHE A C   1 
ATOM   492  O O   . PHE A 1 65  ? 6.467   -13.035 11.147  1.00 38.37  ? 63  PHE A O   1 
ATOM   493  C CB  . PHE A 1 65  ? 8.236   -12.795 13.583  1.00 40.62  ? 63  PHE A CB  1 
ATOM   494  C CG  . PHE A 1 65  ? 9.502   -12.526 14.331  1.00 33.08  ? 63  PHE A CG  1 
ATOM   495  C CD1 . PHE A 1 65  ? 10.761  -12.703 13.730  1.00 31.74  ? 63  PHE A CD1 1 
ATOM   496  C CD2 . PHE A 1 65  ? 9.460   -12.022 15.629  1.00 39.02  ? 63  PHE A CD2 1 
ATOM   497  C CE1 . PHE A 1 65  ? 11.922  -12.421 14.403  1.00 40.73  ? 63  PHE A CE1 1 
ATOM   498  C CE2 . PHE A 1 65  ? 10.617  -11.748 16.308  1.00 35.17  ? 63  PHE A CE2 1 
ATOM   499  C CZ  . PHE A 1 65  ? 11.861  -11.928 15.709  1.00 37.57  ? 63  PHE A CZ  1 
ATOM   500  N N   . GLU A 1 66  ? 5.701   -11.078 11.941  1.00 36.75  ? 64  GLU A N   1 
ATOM   501  C CA  . GLU A 1 66  ? 4.490   -11.036 11.157  1.00 31.23  ? 64  GLU A CA  1 
ATOM   502  C C   . GLU A 1 66  ? 4.469   -9.698  10.430  1.00 31.91  ? 64  GLU A C   1 
ATOM   503  O O   . GLU A 1 66  ? 4.978   -8.702  10.957  1.00 28.07  ? 64  GLU A O   1 
ATOM   504  C CB  . GLU A 1 66  ? 3.244   -11.158 12.045  1.00 39.07  ? 64  GLU A CB  1 
ATOM   505  C CG  . GLU A 1 66  ? 3.025   -12.563 12.590  1.00 48.11  ? 64  GLU A CG  1 
ATOM   506  C CD  . GLU A 1 66  ? 1.733   -12.716 13.370  1.00 52.94  ? 64  GLU A CD  1 
ATOM   507  O OE1 . GLU A 1 66  ? 1.406   -13.866 13.747  1.00 63.07  ? 64  GLU A OE1 1 
ATOM   508  O OE2 . GLU A 1 66  ? 1.014   -11.710 13.561  1.00 55.88  ? 64  GLU A OE2 1 
ATOM   509  N N   . PRO A 1 67  ? 3.905   -9.622  9.234   1.00 30.17  ? 65  PRO A N   1 
ATOM   510  C CA  . PRO A 1 67  ? 3.991   -8.367  8.476   1.00 27.77  ? 65  PRO A CA  1 
ATOM   511  C C   . PRO A 1 67  ? 3.064   -7.302  9.049   1.00 25.34  ? 65  PRO A C   1 
ATOM   512  O O   . PRO A 1 67  ? 2.054   -7.605  9.704   1.00 27.81  ? 65  PRO A O   1 
ATOM   513  C CB  . PRO A 1 67  ? 3.553   -8.777  7.052   1.00 27.15  ? 65  PRO A CB  1 
ATOM   514  C CG  . PRO A 1 67  ? 2.714   -9.976  7.239   1.00 25.44  ? 65  PRO A CG  1 
ATOM   515  C CD  . PRO A 1 67  ? 3.402   -10.734 8.411   1.00 28.74  ? 65  PRO A CD  1 
ATOM   516  N N   . PRO A 1 68  ? 3.356   -6.029  8.776   1.00 25.85  ? 66  PRO A N   1 
ATOM   517  C CA  . PRO A 1 68  ? 2.347   -4.982  9.026   1.00 24.79  ? 66  PRO A CA  1 
ATOM   518  C C   . PRO A 1 68  ? 1.050   -5.331  8.320   1.00 25.26  ? 66  PRO A C   1 
ATOM   519  O O   . PRO A 1 68  ? 1.050   -5.918  7.236   1.00 27.58  ? 66  PRO A O   1 
ATOM   520  C CB  . PRO A 1 68  ? 2.959   -3.719  8.398   1.00 27.30  ? 66  PRO A CB  1 
ATOM   521  C CG  . PRO A 1 68  ? 4.433   -4.080  8.101   1.00 32.60  ? 66  PRO A CG  1 
ATOM   522  C CD  . PRO A 1 68  ? 4.433   -5.581  7.890   1.00 25.98  ? 66  PRO A CD  1 
ATOM   523  N N   . GLN A 1 69  ? -0.057  -4.925  8.925   1.00 27.12  ? 67  GLN A N   1 
ATOM   524  C CA  . GLN A 1 69  ? -1.383  -5.084  8.337   1.00 28.00  ? 67  GLN A CA  1 
ATOM   525  C C   . GLN A 1 69  ? -1.793  -3.734  7.754   1.00 24.60  ? 67  GLN A C   1 
ATOM   526  O O   . GLN A 1 69  ? -2.008  -2.772  8.505   1.00 26.15  ? 67  GLN A O   1 
ATOM   527  C CB  . GLN A 1 69  ? -2.362  -5.588  9.398   1.00 33.39  ? 67  GLN A CB  1 
ATOM   528  C CG  . GLN A 1 69  ? -1.875  -6.922  10.024  1.00 36.44  ? 67  GLN A CG  1 
ATOM   529  C CD  . GLN A 1 69  ? -2.499  -7.290  11.386  1.00 55.27  ? 67  GLN A CD  1 
ATOM   530  O OE1 . GLN A 1 69  ? -3.201  -6.497  12.023  1.00 60.48  ? 67  GLN A OE1 1 
ATOM   531  N NE2 . GLN A 1 69  ? -2.230  -8.517  11.828  1.00 55.30  ? 67  GLN A NE2 1 
ATOM   532  N N   . ILE A 1 70  ? -1.810  -3.635  6.421   1.00 24.23  ? 68  ILE A N   1 
ATOM   533  C CA  . ILE A 1 70  ? -1.944  -2.348  5.740   1.00 22.17  ? 68  ILE A CA  1 
ATOM   534  C C   . ILE A 1 70  ? -3.149  -2.413  4.819   1.00 25.34  ? 68  ILE A C   1 
ATOM   535  O O   . ILE A 1 70  ? -3.257  -3.339  4.007   1.00 24.61  ? 68  ILE A O   1 
ATOM   536  C CB  . ILE A 1 70  ? -0.668  -1.974  4.963   1.00 21.39  ? 68  ILE A CB  1 
ATOM   537  C CG1 . ILE A 1 70  ? 0.577   -1.932  5.927   1.00 19.73  ? 68  ILE A CG1 1 
ATOM   538  C CG2 . ILE A 1 70  ? -0.859  -0.607  4.190   1.00 23.30  ? 68  ILE A CG2 1 
ATOM   539  C CD1 . ILE A 1 70  ? 1.871   -1.605  5.198   1.00 21.28  ? 68  ILE A CD1 1 
ATOM   540  N N   . ARG A 1 71  ? -4.047  -1.427  4.928   1.00 22.88  ? 69  ARG A N   1 
ATOM   541  C CA  . ARG A 1 71  ? -5.175  -1.319  3.997   1.00 23.26  ? 69  ARG A CA  1 
ATOM   542  C C   . ARG A 1 71  ? -5.292  0.136   3.554   1.00 24.91  ? 69  ARG A C   1 
ATOM   543  O O   . ARG A 1 71  ? -4.930  1.059   4.298   1.00 24.40  ? 69  ARG A O   1 
ATOM   544  C CB  . ARG A 1 71  ? -6.491  -1.816  4.644   1.00 26.06  ? 69  ARG A CB  1 
ATOM   545  C CG  . ARG A 1 71  ? -6.867  -1.090  5.927   1.00 33.29  ? 69  ARG A CG  1 
ATOM   546  C CD  . ARG A 1 71  ? -8.292  -1.396  6.450   1.00 40.59  ? 69  ARG A CD  1 
ATOM   547  N NE  . ARG A 1 71  ? -8.517  -0.697  7.721   1.00 47.64  ? 69  ARG A NE  1 
ATOM   548  C CZ  . ARG A 1 71  ? -9.627  -0.036  8.041   1.00 53.64  ? 69  ARG A CZ  1 
ATOM   549  N NH1 . ARG A 1 71  ? -10.655 0.035   7.207   1.00 44.00  ? 69  ARG A NH1 1 
ATOM   550  N NH2 . ARG A 1 71  ? -9.711  0.554   9.236   1.00 46.62  ? 69  ARG A NH2 1 
ATOM   551  N N   . PHE A 1 72  ? -5.734  0.341   2.315   1.00 22.83  ? 70  PHE A N   1 
ATOM   552  C CA  . PHE A 1 72  ? -6.089  1.687   1.882   1.00 21.94  ? 70  PHE A CA  1 
ATOM   553  C C   . PHE A 1 72  ? -7.339  2.150   2.626   1.00 28.07  ? 70  PHE A C   1 
ATOM   554  O O   . PHE A 1 72  ? -8.324  1.409   2.757   1.00 29.53  ? 70  PHE A O   1 
ATOM   555  C CB  . PHE A 1 72  ? -6.334  1.749   0.366   1.00 21.96  ? 70  PHE A CB  1 
ATOM   556  C CG  . PHE A 1 72  ? -5.100  1.767   -0.455  1.00 21.11  ? 70  PHE A CG  1 
ATOM   557  C CD1 . PHE A 1 72  ? -4.625  2.955   -1.003  1.00 25.12  ? 70  PHE A CD1 1 
ATOM   558  C CD2 . PHE A 1 72  ? -4.392  0.607   -0.698  1.00 17.50  ? 70  PHE A CD2 1 
ATOM   559  C CE1 . PHE A 1 72  ? -3.490  2.984   -1.745  1.00 24.40  ? 70  PHE A CE1 1 
ATOM   560  C CE2 . PHE A 1 72  ? -3.219  0.629   -1.462  1.00 21.07  ? 70  PHE A CE2 1 
ATOM   561  C CZ  . PHE A 1 72  ? -2.768  1.809   -1.996  1.00 23.64  ? 70  PHE A CZ  1 
ATOM   562  N N   . LEU A 1 73  ? -7.293  3.381   3.113   1.00 24.65  ? 71  LEU A N   1 
ATOM   563  C CA  . LEU A 1 73  ? -8.469  4.096   3.579   1.00 23.61  ? 71  LEU A CA  1 
ATOM   564  C C   . LEU A 1 73  ? -9.100  4.914   2.459   1.00 27.84  ? 71  LEU A C   1 
ATOM   565  O O   . LEU A 1 73  ? -10.328 5.024   2.385   1.00 33.97  ? 71  LEU A O   1 
ATOM   566  C CB  . LEU A 1 73  ? -8.074  5.001   4.764   1.00 26.43  ? 71  LEU A CB  1 
ATOM   567  C CG  . LEU A 1 73  ? -7.498  4.301   5.997   1.00 27.15  ? 71  LEU A CG  1 
ATOM   568  C CD1 . LEU A 1 73  ? -6.964  5.290   6.984   1.00 28.35  ? 71  LEU A CD1 1 
ATOM   569  C CD2 . LEU A 1 73  ? -8.602  3.523   6.637   1.00 27.29  ? 71  LEU A CD2 1 
ATOM   570  N N   . THR A 1 74  ? -8.292  5.437   1.567   1.00 24.89  ? 72  THR A N   1 
ATOM   571  C CA  . THR A 1 74  ? -8.797  6.117   0.399   1.00 23.57  ? 72  THR A CA  1 
ATOM   572  C C   . THR A 1 74  ? -9.193  5.075   -0.643  1.00 27.41  ? 72  THR A C   1 
ATOM   573  O O   . THR A 1 74  ? -8.377  4.206   -0.971  1.00 28.08  ? 72  THR A O   1 
ATOM   574  C CB  . THR A 1 74  ? -7.716  7.016   -0.182  1.00 27.05  ? 72  THR A CB  1 
ATOM   575  O OG1 . THR A 1 74  ? -7.218  7.909   0.837   1.00 27.65  ? 72  THR A OG1 1 
ATOM   576  C CG2 . THR A 1 74  ? -8.255  7.796   -1.388  1.00 28.36  ? 72  THR A CG2 1 
ATOM   577  N N   . PRO A 1 75  ? -10.402 5.138   -1.204  1.00 27.73  ? 73  PRO A N   1 
ATOM   578  C CA  . PRO A 1 75  ? -10.744 4.206   -2.289  1.00 26.08  ? 73  PRO A CA  1 
ATOM   579  C C   . PRO A 1 75  ? -9.779  4.339   -3.451  1.00 26.22  ? 73  PRO A C   1 
ATOM   580  O O   . PRO A 1 75  ? -9.329  5.434   -3.785  1.00 26.98  ? 73  PRO A O   1 
ATOM   581  C CB  . PRO A 1 75  ? -12.163 4.634   -2.694  1.00 28.02  ? 73  PRO A CB  1 
ATOM   582  C CG  . PRO A 1 75  ? -12.697 5.334   -1.489  1.00 29.19  ? 73  PRO A CG  1 
ATOM   583  C CD  . PRO A 1 75  ? -11.526 6.014   -0.836  1.00 28.95  ? 73  PRO A CD  1 
ATOM   584  N N   . ILE A 1 76  ? -9.443  3.211   -4.076  1.00 25.32  ? 74  ILE A N   1 
ATOM   585  C CA  . ILE A 1 76  ? -8.556  3.212   -5.237  1.00 24.02  ? 74  ILE A CA  1 
ATOM   586  C C   . ILE A 1 76  ? -9.028  2.127   -6.213  1.00 27.07  ? 74  ILE A C   1 
ATOM   587  O O   . ILE A 1 76  ? -9.451  1.044   -5.798  1.00 25.43  ? 74  ILE A O   1 
ATOM   588  C CB  . ILE A 1 76  ? -7.080  3.041   -4.825  1.00 25.24  ? 74  ILE A CB  1 
ATOM   589  C CG1 . ILE A 1 76  ? -6.185  3.143   -6.046  1.00 25.40  ? 74  ILE A CG1 1 
ATOM   590  C CG2 . ILE A 1 76  ? -6.875  1.706   -4.075  1.00 27.35  ? 74  ILE A CG2 1 
ATOM   591  C CD1 . ILE A 1 76  ? -4.673  3.165   -5.688  1.00 26.86  ? 74  ILE A CD1 1 
ATOM   592  N N   . TYR A 1 77  ? -8.943  2.415   -7.507  1.00 27.18  ? 75  TYR A N   1 
ATOM   593  C CA  . TYR A 1 77  ? -9.420  1.504   -8.550  1.00 24.04  ? 75  TYR A CA  1 
ATOM   594  C C   . TYR A 1 77  ? -8.218  0.761   -9.103  1.00 21.01  ? 75  TYR A C   1 
ATOM   595  O O   . TYR A 1 77  ? -7.403  1.349   -9.803  1.00 26.22  ? 75  TYR A O   1 
ATOM   596  C CB  . TYR A 1 77  ? -10.138 2.332   -9.628  1.00 22.47  ? 75  TYR A CB  1 
ATOM   597  C CG  . TYR A 1 77  ? -10.783 1.572   -10.761 1.00 24.60  ? 75  TYR A CG  1 
ATOM   598  C CD1 . TYR A 1 77  ? -12.107 1.176   -10.667 1.00 31.67  ? 75  TYR A CD1 1 
ATOM   599  C CD2 . TYR A 1 77  ? -10.084 1.314   -11.940 1.00 29.12  ? 75  TYR A CD2 1 
ATOM   600  C CE1 . TYR A 1 77  ? -12.729 0.513   -11.717 1.00 27.78  ? 75  TYR A CE1 1 
ATOM   601  C CE2 . TYR A 1 77  ? -10.724 0.632   -13.008 1.00 30.39  ? 75  TYR A CE2 1 
ATOM   602  C CZ  . TYR A 1 77  ? -12.020 0.235   -12.856 1.00 27.08  ? 75  TYR A CZ  1 
ATOM   603  O OH  . TYR A 1 77  ? -12.724 -0.433  -13.906 1.00 28.85  ? 75  TYR A OH  1 
ATOM   604  N N   . HIS A 1 78  ? -8.090  -0.552  -8.788  1.00 21.86  ? 76  HIS A N   1 
ATOM   605  C CA  . HIS A 1 78  ? -6.843  -1.264  -9.031  1.00 23.77  ? 76  HIS A CA  1 
ATOM   606  C C   . HIS A 1 78  ? -7.101  -2.766  -9.044  1.00 22.33  ? 76  HIS A C   1 
ATOM   607  O O   . HIS A 1 78  ? -7.861  -3.246  -8.209  1.00 24.77  ? 76  HIS A O   1 
ATOM   608  C CB  . HIS A 1 78  ? -5.808  -0.923  -7.915  1.00 21.04  ? 76  HIS A CB  1 
ATOM   609  C CG  . HIS A 1 78  ? -4.412  -1.366  -8.211  1.00 23.82  ? 76  HIS A CG  1 
ATOM   610  N ND1 . HIS A 1 78  ? -3.988  -2.670  -8.047  1.00 23.03  ? 76  HIS A ND1 1 
ATOM   611  C CD2 . HIS A 1 78  ? -3.310  -0.662  -8.569  1.00 23.45  ? 76  HIS A CD2 1 
ATOM   612  C CE1 . HIS A 1 78  ? -2.711  -2.761  -8.352  1.00 24.24  ? 76  HIS A CE1 1 
ATOM   613  N NE2 . HIS A 1 78  ? -2.272  -1.553  -8.663  1.00 24.53  ? 76  HIS A NE2 1 
ATOM   614  N N   . PRO A 1 79  ? -6.444  -3.524  -9.912  1.00 20.26  ? 77  PRO A N   1 
ATOM   615  C CA  . PRO A 1 79  ? -6.634  -4.991  -9.951  1.00 24.05  ? 77  PRO A CA  1 
ATOM   616  C C   . PRO A 1 79  ? -6.325  -5.711  -8.655  1.00 25.31  ? 77  PRO A C   1 
ATOM   617  O O   . PRO A 1 79  ? -6.922  -6.759  -8.371  1.00 22.59  ? 77  PRO A O   1 
ATOM   618  C CB  . PRO A 1 79  ? -5.651  -5.420  -11.039 1.00 27.21  ? 77  PRO A CB  1 
ATOM   619  C CG  . PRO A 1 79  ? -5.487  -4.218  -11.894 1.00 30.32  ? 77  PRO A CG  1 
ATOM   620  C CD  . PRO A 1 79  ? -5.525  -3.055  -10.961 1.00 24.91  ? 77  PRO A CD  1 
ATOM   621  N N   . ASN A 1 80  ? -5.388  -5.201  -7.845  1.00 20.73  ? 78  ASN A N   1 
ATOM   622  C CA  . ASN A 1 80  ? -4.921  -5.927  -6.665  1.00 24.44  ? 78  ASN A CA  1 
ATOM   623  C C   . ASN A 1 80  ? -5.407  -5.351  -5.347  1.00 24.34  ? 78  ASN A C   1 
ATOM   624  O O   . ASN A 1 80  ? -4.896  -5.737  -4.282  1.00 23.93  ? 78  ASN A O   1 
ATOM   625  C CB  . ASN A 1 80  ? -3.388  -5.964  -6.649  1.00 23.30  ? 78  ASN A CB  1 
ATOM   626  C CG  . ASN A 1 80  ? -2.811  -6.524  -7.933  1.00 27.82  ? 78  ASN A CG  1 
ATOM   627  O OD1 . ASN A 1 80  ? -2.249  -5.800  -8.729  1.00 28.88  ? 78  ASN A OD1 1 
ATOM   628  N ND2 . ASN A 1 80  ? -3.007  -7.829  -8.162  1.00 28.25  ? 78  ASN A ND2 1 
ATOM   629  N N   . ILE A 1 81  ? -6.334  -4.400  -5.378  1.00 22.29  ? 79  ILE A N   1 
ATOM   630  C CA  . ILE A 1 81  ? -6.840  -3.741  -4.188  1.00 22.80  ? 79  ILE A CA  1 
ATOM   631  C C   . ILE A 1 81  ? -8.361  -3.802  -4.218  1.00 23.40  ? 79  ILE A C   1 
ATOM   632  O O   . ILE A 1 81  ? -8.979  -3.402  -5.207  1.00 23.53  ? 79  ILE A O   1 
ATOM   633  C CB  . ILE A 1 81  ? -6.336  -2.282  -4.120  1.00 22.22  ? 79  ILE A CB  1 
ATOM   634  C CG1 . ILE A 1 81  ? -4.793  -2.256  -4.204  1.00 24.24  ? 79  ILE A CG1 1 
ATOM   635  C CG2 . ILE A 1 81  ? -6.837  -1.612  -2.856  1.00 22.38  ? 79  ILE A CG2 1 
ATOM   636  C CD1 . ILE A 1 81  ? -4.188  -0.866  -4.503  1.00 25.79  ? 79  ILE A CD1 1 
ATOM   637  N N   . ASP A 1 82  ? -8.973  -4.295  -3.142  1.00 23.25  ? 80  ASP A N   1 
ATOM   638  C CA  . ASP A 1 82  ? -10.421 -4.463  -3.232  1.00 24.97  ? 80  ASP A CA  1 
ATOM   639  C C   . ASP A 1 82  ? -11.147 -3.204  -2.740  1.00 26.56  ? 80  ASP A C   1 
ATOM   640  O O   . ASP A 1 82  ? -10.527 -2.185  -2.375  1.00 26.32  ? 80  ASP A O   1 
ATOM   641  C CB  . ASP A 1 82  ? -10.862 -5.774  -2.547  1.00 26.03  ? 80  ASP A CB  1 
ATOM   642  C CG  . ASP A 1 82  ? -10.936 -5.708  -1.000  1.00 29.75  ? 80  ASP A CG  1 
ATOM   643  O OD1 . ASP A 1 82  ? -10.812 -4.627  -0.354  1.00 25.66  ? 80  ASP A OD1 1 
ATOM   644  O OD2 . ASP A 1 82  ? -11.132 -6.796  -0.408  1.00 26.24  ? 80  ASP A OD2 1 
ATOM   645  N N   . SER A 1 83  ? -12.486 -3.271  -2.739  1.00 28.78  ? 81  SER A N   1 
ATOM   646  C CA  . SER A 1 83  ? -13.285 -2.097  -2.420  1.00 26.17  ? 81  SER A CA  1 
ATOM   647  C C   . SER A 1 83  ? -13.241 -1.742  -0.940  1.00 32.49  ? 81  SER A C   1 
ATOM   648  O O   . SER A 1 83  ? -13.660 -0.642  -0.584  1.00 34.27  ? 81  SER A O   1 
ATOM   649  C CB  . SER A 1 83  ? -14.745 -2.312  -2.904  1.00 32.71  ? 81  SER A CB  1 
ATOM   650  O OG  . SER A 1 83  ? -15.421 -3.191  -2.010  1.00 35.97  ? 81  SER A OG  1 
ATOM   651  N N   . ALA A 1 84  ? -12.696 -2.605  -0.079  1.00 29.85  ? 82  ALA A N   1 
ATOM   652  C CA  . ALA A 1 84  ? -12.443 -2.294  1.321   1.00 29.31  ? 82  ALA A CA  1 
ATOM   653  C C   . ALA A 1 84  ? -11.002 -1.870  1.558   1.00 26.18  ? 82  ALA A C   1 
ATOM   654  O O   . ALA A 1 84  ? -10.600 -1.677  2.711   1.00 32.83  ? 82  ALA A O   1 
ATOM   655  C CB  . ALA A 1 84  ? -12.747 -3.499  2.206   1.00 34.81  ? 82  ALA A CB  1 
ATOM   656  N N   . GLY A 1 85  ? -10.209 -1.752  0.508   1.00 25.25  ? 83  GLY A N   1 
ATOM   657  C CA  . GLY A 1 85  ? -8.826  -1.337  0.692   1.00 23.88  ? 83  GLY A CA  1 
ATOM   658  C C   . GLY A 1 85  ? -7.850  -2.446  0.991   1.00 28.01  ? 83  GLY A C   1 
ATOM   659  O O   . GLY A 1 85  ? -6.671  -2.147  1.197   1.00 23.40  ? 83  GLY A O   1 
ATOM   660  N N   . ARG A 1 86  ? -8.287  -3.721  0.973   1.00 25.13  ? 84  ARG A N   1 
ATOM   661  C CA  . ARG A 1 86  ? -7.348  -4.829  1.148   1.00 22.53  ? 84  ARG A CA  1 
ATOM   662  C C   . ARG A 1 86  ? -6.403  -4.916  -0.035  1.00 24.17  ? 84  ARG A C   1 
ATOM   663  O O   . ARG A 1 86  ? -6.807  -4.741  -1.207  1.00 22.99  ? 84  ARG A O   1 
ATOM   664  C CB  . ARG A 1 86  ? -8.064  -6.180  1.262   1.00 24.97  ? 84  ARG A CB  1 
ATOM   665  C CG  . ARG A 1 86  ? -8.777  -6.510  2.506   1.00 35.00  ? 84  ARG A CG  1 
ATOM   666  C CD  . ARG A 1 86  ? -8.906  -8.063  2.616   1.00 31.96  ? 84  ARG A CD  1 
ATOM   667  N NE  . ARG A 1 86  ? -9.558  -8.680  1.456   1.00 27.15  ? 84  ARG A NE  1 
ATOM   668  C CZ  . ARG A 1 86  ? -9.255  -9.879  0.971   1.00 30.35  ? 84  ARG A CZ  1 
ATOM   669  N NH1 . ARG A 1 86  ? -8.277  -10.609 1.487   1.00 39.73  ? 84  ARG A NH1 1 
ATOM   670  N NH2 . ARG A 1 86  ? -9.988  -10.390 -0.016  1.00 30.58  ? 84  ARG A NH2 1 
ATOM   671  N N   . ILE A 1 87  ? -5.148  -5.261  0.267   1.00 23.08  ? 85  ILE A N   1 
ATOM   672  C CA  . ILE A 1 87  ? -4.085  -5.257  -0.716  1.00 21.02  ? 85  ILE A CA  1 
ATOM   673  C C   . ILE A 1 87  ? -3.600  -6.676  -0.888  1.00 24.86  ? 85  ILE A C   1 
ATOM   674  O O   . ILE A 1 87  ? -3.228  -7.323  0.103   1.00 25.32  ? 85  ILE A O   1 
ATOM   675  C CB  . ILE A 1 87  ? -2.912  -4.353  -0.276  1.00 20.53  ? 85  ILE A CB  1 
ATOM   676  C CG1 . ILE A 1 87  ? -3.447  -2.946  0.065   1.00 23.32  ? 85  ILE A CG1 1 
ATOM   677  C CG2 . ILE A 1 87  ? -1.861  -4.354  -1.356  1.00 21.39  ? 85  ILE A CG2 1 
ATOM   678  C CD1 . ILE A 1 87  ? -2.351  -2.041  0.772   1.00 20.30  ? 85  ILE A CD1 1 
ATOM   679  N N   . CYS A 1 88  ? -3.528  -7.126  -2.152  1.00 23.46  ? 86  CYS A N   1 
ATOM   680  C CA  . CYS A 1 88  ? -2.905  -8.403  -2.518  1.00 23.21  ? 86  CYS A CA  1 
ATOM   681  C C   . CYS A 1 88  ? -1.475  -8.129  -2.971  1.00 23.64  ? 86  CYS A C   1 
ATOM   682  O O   . CYS A 1 88  ? -1.236  -7.693  -4.113  1.00 28.76  ? 86  CYS A O   1 
ATOM   683  C CB  . CYS A 1 88  ? -3.732  -9.094  -3.613  1.00 25.60  ? 86  CYS A CB  1 
ATOM   684  S SG  . CYS A 1 88  ? -3.074  -10.718 -3.946  1.00 37.52  ? 86  CYS A SG  1 
ATOM   685  N N   . LEU A 1 89  ? -0.516  -8.368  -2.048  1.00 19.73  ? 87  LEU A N   1 
ATOM   686  C CA  . LEU A 1 89  ? 0.883   -8.092  -2.321  1.00 23.10  ? 87  LEU A CA  1 
ATOM   687  C C   . LEU A 1 89  ? 1.745   -9.084  -1.558  1.00 24.10  ? 87  LEU A C   1 
ATOM   688  O O   . LEU A 1 89  ? 1.513   -9.287  -0.365  1.00 23.59  ? 87  LEU A O   1 
ATOM   689  C CB  . LEU A 1 89  ? 1.204   -6.652  -1.897  1.00 25.04  ? 87  LEU A CB  1 
ATOM   690  C CG  . LEU A 1 89  ? 2.630   -6.143  -2.034  1.00 25.62  ? 87  LEU A CG  1 
ATOM   691  C CD1 . LEU A 1 89  ? 3.053   -6.131  -3.443  1.00 30.24  ? 87  LEU A CD1 1 
ATOM   692  C CD2 . LEU A 1 89  ? 2.573   -4.732  -1.424  1.00 25.21  ? 87  LEU A CD2 1 
ATOM   693  N N   . ASP A 1 90  ? 2.736   -9.676  -2.221  1.00 25.72  ? 88  ASP A N   1 
ATOM   694  C CA  . ASP A 1 90  ? 3.478   -10.757 -1.576  1.00 25.73  ? 88  ASP A CA  1 
ATOM   695  C C   . ASP A 1 90  ? 4.143   -10.342 -0.262  1.00 26.52  ? 88  ASP A C   1 
ATOM   696  O O   . ASP A 1 90  ? 4.167   -11.123 0.691   1.00 25.67  ? 88  ASP A O   1 
ATOM   697  C CB  . ASP A 1 90  ? 4.555   -11.326 -2.474  1.00 27.19  ? 88  ASP A CB  1 
ATOM   698  C CG  . ASP A 1 90  ? 5.489   -10.286 -3.046  1.00 34.23  ? 88  ASP A CG  1 
ATOM   699  O OD1 . ASP A 1 90  ? 5.509   -9.042  -2.747  1.00 35.80  ? 88  ASP A OD1 1 
ATOM   700  O OD2 . ASP A 1 90  ? 6.419   -10.812 -3.714  1.00 40.43  ? 88  ASP A OD2 1 
ATOM   701  N N   . VAL A 1 91  ? 4.718   -9.142  -0.203  1.00 25.95  ? 89  VAL A N   1 
ATOM   702  C CA  . VAL A 1 91  ? 5.438   -8.798  1.026   1.00 28.29  ? 89  VAL A CA  1 
ATOM   703  C C   . VAL A 1 91  ? 4.525   -8.497  2.208   1.00 26.93  ? 89  VAL A C   1 
ATOM   704  O O   . VAL A 1 91  ? 5.025   -8.355  3.333   1.00 26.43  ? 89  VAL A O   1 
ATOM   705  C CB  . VAL A 1 91  ? 6.434   -7.630  0.837   1.00 28.93  ? 89  VAL A CB  1 
ATOM   706  C CG1 . VAL A 1 91  ? 7.541   -8.014  -0.082  1.00 27.06  ? 89  VAL A CG1 1 
ATOM   707  C CG2 . VAL A 1 91  ? 5.696   -6.354  0.307   1.00 23.84  ? 89  VAL A CG2 1 
ATOM   708  N N   . LEU A 1 92  ? 3.212   -8.437  2.016   1.00 24.34  ? 90  LEU A N   1 
ATOM   709  C CA  . LEU A 1 92  ? 2.277   -8.320  3.121   1.00 24.25  ? 90  LEU A CA  1 
ATOM   710  C C   . LEU A 1 92  ? 1.828   -9.675  3.643   1.00 24.09  ? 90  LEU A C   1 
ATOM   711  O O   . LEU A 1 92  ? 0.945   -9.731  4.508   1.00 27.02  ? 90  LEU A O   1 
ATOM   712  C CB  . LEU A 1 92  ? 1.026   -7.525  2.700   1.00 25.87  ? 90  LEU A CB  1 
ATOM   713  C CG  . LEU A 1 92  ? 1.321   -6.054  2.401   1.00 28.52  ? 90  LEU A CG  1 
ATOM   714  C CD1 . LEU A 1 92  ? 0.061   -5.335  1.861   1.00 24.00  ? 90  LEU A CD1 1 
ATOM   715  C CD2 . LEU A 1 92  ? 1.866   -5.376  3.687   1.00 26.69  ? 90  LEU A CD2 1 
ATOM   716  N N   . LYS A 1 93  ? 2.409   -10.766 3.119   1.00 28.81  ? 91  LYS A N   1 
ATOM   717  C CA  . LYS A 1 93  ? 1.989   -12.109 3.473   1.00 31.24  ? 91  LYS A CA  1 
ATOM   718  C C   . LYS A 1 93  ? 3.179   -12.923 3.957   1.00 27.70  ? 91  LYS A C   1 
ATOM   719  O O   . LYS A 1 93  ? 4.323   -12.715 3.544   1.00 27.23  ? 91  LYS A O   1 
ATOM   720  C CB  . LYS A 1 93  ? 1.283   -12.794 2.273   1.00 26.69  ? 91  LYS A CB  1 
ATOM   721  C CG  . LYS A 1 93  ? -0.027  -12.100 1.891   1.00 36.95  ? 91  LYS A CG  1 
ATOM   722  C CD  . LYS A 1 93  ? -0.690  -12.701 0.623   1.00 46.59  ? 91  LYS A CD  1 
ATOM   723  C CE  . LYS A 1 93  ? -1.494  -11.649 -0.247  1.00 40.54  ? 91  LYS A CE  1 
ATOM   724  N NZ  . LYS A 1 93  ? -2.123  -12.314 -1.435  1.00 53.09  ? 91  LYS A NZ  1 
ATOM   725  N N   . LEU A 1 94  ? 2.894   -13.861 4.856   1.00 40.87  ? 92  LEU A N   1 
ATOM   726  C CA  . LEU A 1 94  ? 3.927   -14.760 5.342   1.00 40.57  ? 92  LEU A CA  1 
ATOM   727  C C   . LEU A 1 94  ? 4.300   -15.809 4.285   1.00 35.12  ? 92  LEU A C   1 
ATOM   728  O O   . LEU A 1 94  ? 3.483   -16.166 3.449   1.00 30.67  ? 92  LEU A O   1 
ATOM   729  C CB  . LEU A 1 94  ? 3.439   -15.456 6.608   1.00 42.35  ? 92  LEU A CB  1 
ATOM   730  C CG  . LEU A 1 94  ? 3.427   -14.531 7.836   1.00 41.07  ? 92  LEU A CG  1 
ATOM   731  C CD1 . LEU A 1 94  ? 2.331   -14.921 8.815   1.00 43.17  ? 92  LEU A CD1 1 
ATOM   732  C CD2 . LEU A 1 94  ? 4.830   -14.545 8.464   1.00 34.15  ? 92  LEU A CD2 1 
ATOM   733  N N   . PRO A 1 95  ? 5.541   -16.288 4.292   1.00 36.76  ? 93  PRO A N   1 
ATOM   734  C CA  . PRO A 1 95  ? 5.899   -17.481 3.496   1.00 37.69  ? 93  PRO A CA  1 
ATOM   735  C C   . PRO A 1 95  ? 5.051   -18.679 3.892   1.00 33.81  ? 93  PRO A C   1 
ATOM   736  O O   . PRO A 1 95  ? 4.431   -18.704 4.967   1.00 38.04  ? 93  PRO A O   1 
ATOM   737  C CB  . PRO A 1 95  ? 7.384   -17.688 3.826   1.00 35.85  ? 93  PRO A CB  1 
ATOM   738  C CG  . PRO A 1 95  ? 7.861   -16.293 4.204   1.00 39.41  ? 93  PRO A CG  1 
ATOM   739  C CD  . PRO A 1 95  ? 6.717   -15.706 4.970   1.00 37.93  ? 93  PRO A CD  1 
ATOM   740  N N   . PRO A 1 96  ? 4.964   -19.705 3.020   1.00 30.55  ? 94  PRO A N   1 
ATOM   741  C CA  . PRO A 1 96  ? 5.725   -19.824 1.764   1.00 30.54  ? 94  PRO A CA  1 
ATOM   742  C C   . PRO A 1 96  ? 5.200   -19.009 0.577   1.00 32.88  ? 94  PRO A C   1 
ATOM   743  O O   . PRO A 1 96  ? 5.967   -18.686 -0.323  1.00 39.74  ? 94  PRO A O   1 
ATOM   744  C CB  . PRO A 1 96  ? 5.621   -21.326 1.450   1.00 31.83  ? 94  PRO A CB  1 
ATOM   745  C CG  . PRO A 1 96  ? 4.341   -21.751 2.122   1.00 30.42  ? 94  PRO A CG  1 
ATOM   746  C CD  . PRO A 1 96  ? 4.218   -20.933 3.360   1.00 34.10  ? 94  PRO A CD  1 
ATOM   747  N N   . LYS A 1 97  ? 3.929   -18.668 0.599   1.00 26.56  ? 95  LYS A N   1 
ATOM   748  C CA  . LYS A 1 97  ? 3.335   -17.944 -0.539  1.00 33.05  ? 95  LYS A CA  1 
ATOM   749  C C   . LYS A 1 97  ? 3.772   -16.490 -0.540  1.00 36.03  ? 95  LYS A C   1 
ATOM   750  O O   . LYS A 1 97  ? 4.082   -15.914 -1.598  1.00 32.87  ? 95  LYS A O   1 
ATOM   751  C CB  . LYS A 1 97  ? 1.804   -18.029 -0.511  1.00 33.58  ? 95  LYS A CB  1 
ATOM   752  N N   . GLY A 1 98  ? 3.851   -15.896 0.644   1.00 32.81  ? 96  GLY A N   1 
ATOM   753  C CA  . GLY A 1 98  ? 4.220   -14.510 0.760   1.00 30.66  ? 96  GLY A CA  1 
ATOM   754  C C   . GLY A 1 98  ? 5.713   -14.315 0.879   1.00 33.88  ? 96  GLY A C   1 
ATOM   755  O O   . GLY A 1 98  ? 6.529   -15.245 0.858   1.00 33.98  ? 96  GLY A O   1 
ATOM   756  N N   . ALA A 1 99  ? 6.091   -13.046 1.029   1.00 29.30  ? 97  ALA A N   1 
ATOM   757  C CA  . ALA A 1 99  ? 7.485   -12.667 0.978   1.00 25.93  ? 97  ALA A CA  1 
ATOM   758  C C   . ALA A 1 99  ? 7.941   -11.896 2.221   1.00 26.38  ? 97  ALA A C   1 
ATOM   759  O O   . ALA A 1 99  ? 9.086   -11.416 2.240   1.00 28.55  ? 97  ALA A O   1 
ATOM   760  C CB  . ALA A 1 99  ? 7.758   -11.848 -0.276  1.00 30.07  ? 97  ALA A CB  1 
ATOM   761  N N   . TRP A 1 100 ? 7.079   -11.755 3.229   1.00 28.28  ? 98  TRP A N   1 
ATOM   762  C CA  . TRP A 1 100 ? 7.463   -10.975 4.411   1.00 25.18  ? 98  TRP A CA  1 
ATOM   763  C C   . TRP A 1 100 ? 8.643   -11.662 5.087   1.00 31.08  ? 98  TRP A C   1 
ATOM   764  O O   . TRP A 1 100 ? 8.711   -12.892 5.120   1.00 30.65  ? 98  TRP A O   1 
ATOM   765  C CB  . TRP A 1 100 ? 6.283   -10.848 5.404   1.00 25.52  ? 98  TRP A CB  1 
ATOM   766  C CG  . TRP A 1 100 ? 6.836   -10.215 6.676   1.00 28.77  ? 98  TRP A CG  1 
ATOM   767  C CD1 . TRP A 1 100 ? 7.148   -10.847 7.852   1.00 31.31  ? 98  TRP A CD1 1 
ATOM   768  C CD2 . TRP A 1 100 ? 7.243   -8.843  6.820   1.00 27.89  ? 98  TRP A CD2 1 
ATOM   769  N NE1 . TRP A 1 100 ? 7.711   -9.926  8.751   1.00 33.15  ? 98  TRP A NE1 1 
ATOM   770  C CE2 . TRP A 1 100 ? 7.791   -8.698  8.128   1.00 29.74  ? 98  TRP A CE2 1 
ATOM   771  C CE3 . TRP A 1 100 ? 7.226   -7.728  5.959   1.00 25.41  ? 98  TRP A CE3 1 
ATOM   772  C CZ2 . TRP A 1 100 ? 8.261   -7.460  8.610   1.00 28.13  ? 98  TRP A CZ2 1 
ATOM   773  C CZ3 . TRP A 1 100 ? 7.708   -6.497  6.430   1.00 25.66  ? 98  TRP A CZ3 1 
ATOM   774  C CH2 . TRP A 1 100 ? 8.241   -6.381  7.736   1.00 25.75  ? 98  TRP A CH2 1 
ATOM   775  N N   . ARG A 1 101 ? 9.580   -10.875 5.606   1.00 28.52  ? 99  ARG A N   1 
ATOM   776  C CA  . ARG A 1 101 ? 10.645  -11.401 6.446   1.00 30.84  ? 99  ARG A CA  1 
ATOM   777  C C   . ARG A 1 101 ? 11.072  -10.265 7.358   1.00 32.13  ? 99  ARG A C   1 
ATOM   778  O O   . ARG A 1 101 ? 10.880  -9.095  7.009   1.00 27.59  ? 99  ARG A O   1 
ATOM   779  C CB  . ARG A 1 101 ? 11.833  -11.906 5.603   1.00 29.98  ? 99  ARG A CB  1 
ATOM   780  C CG  . ARG A 1 101 ? 12.670  -10.821 4.992   1.00 38.12  ? 99  ARG A CG  1 
ATOM   781  C CD  . ARG A 1 101 ? 13.476  -11.227 3.782   1.00 46.34  ? 99  ARG A CD  1 
ATOM   782  N NE  . ARG A 1 101 ? 12.574  -11.251 2.653   1.00 47.71  ? 99  ARG A NE  1 
ATOM   783  C CZ  . ARG A 1 101 ? 12.743  -10.624 1.495   1.00 55.87  ? 99  ARG A CZ  1 
ATOM   784  N NH1 . ARG A 1 101 ? 13.842  -9.937  1.237   1.00 47.89  ? 99  ARG A NH1 1 
ATOM   785  N NH2 . ARG A 1 101 ? 11.769  -10.692 0.571   1.00 43.86  ? 99  ARG A NH2 1 
ATOM   786  N N   . PRO A 1 102 ? 11.688  -10.566 8.503   1.00 31.45  ? 100 PRO A N   1 
ATOM   787  C CA  . PRO A 1 102 ? 11.988  -9.497  9.486   1.00 30.67  ? 100 PRO A CA  1 
ATOM   788  C C   . PRO A 1 102 ? 13.012  -8.487  9.012   1.00 30.97  ? 100 PRO A C   1 
ATOM   789  O O   . PRO A 1 102 ? 13.132  -7.408  9.618   1.00 32.66  ? 100 PRO A O   1 
ATOM   790  C CB  . PRO A 1 102 ? 12.519  -10.273 10.713  1.00 31.57  ? 100 PRO A CB  1 
ATOM   791  C CG  . PRO A 1 102 ? 12.163  -11.683 10.514  1.00 36.77  ? 100 PRO A CG  1 
ATOM   792  C CD  . PRO A 1 102 ? 12.069  -11.900 9.004   1.00 33.75  ? 100 PRO A CD  1 
ATOM   793  N N   . SER A 1 103 ? 13.766  -8.777  7.960   1.00 29.98  ? 101 SER A N   1 
ATOM   794  C CA  . SER A 1 103 ? 14.684  -7.805  7.389   1.00 32.16  ? 101 SER A CA  1 
ATOM   795  C C   . SER A 1 103 ? 13.990  -6.821  6.455   1.00 30.60  ? 101 SER A C   1 
ATOM   796  O O   . SER A 1 103 ? 14.630  -5.878  5.973   1.00 31.71  ? 101 SER A O   1 
ATOM   797  C CB  . SER A 1 103 ? 15.816  -8.528  6.657   1.00 39.05  ? 101 SER A CB  1 
ATOM   798  O OG  . SER A 1 103 ? 15.322  -9.712  6.044   1.00 45.50  ? 101 SER A OG  1 
ATOM   799  N N   . LEU A 1 104 ? 12.707  -7.020  6.164   1.00 32.38  ? 102 LEU A N   1 
ATOM   800  C CA  . LEU A 1 104 ? 11.943  -5.950  5.534   1.00 28.81  ? 102 LEU A CA  1 
ATOM   801  C C   . LEU A 1 104 ? 11.478  -4.994  6.618   1.00 28.21  ? 102 LEU A C   1 
ATOM   802  O O   . LEU A 1 104 ? 11.717  -5.214  7.813   1.00 32.10  ? 102 LEU A O   1 
ATOM   803  C CB  . LEU A 1 104 ? 10.755  -6.506  4.754   1.00 27.02  ? 102 LEU A CB  1 
ATOM   804  C CG  . LEU A 1 104 ? 11.149  -7.465  3.627   1.00 30.48  ? 102 LEU A CG  1 
ATOM   805  C CD1 . LEU A 1 104 ? 9.851   -7.914  2.906   1.00 31.13  ? 102 LEU A CD1 1 
ATOM   806  C CD2 . LEU A 1 104 ? 12.157  -6.869  2.691   1.00 28.61  ? 102 LEU A CD2 1 
ATOM   807  N N   . ASN A 1 105 ? 10.815  -3.913  6.229   1.00 25.98  ? 103 ASN A N   1 
ATOM   808  C CA  . ASN A 1 105 ? 10.290  -3.006  7.249   1.00 25.82  ? 103 ASN A CA  1 
ATOM   809  C C   . ASN A 1 105 ? 9.100   -2.235  6.673   1.00 26.34  ? 103 ASN A C   1 
ATOM   810  O O   . ASN A 1 105 ? 8.723   -2.412  5.508   1.00 25.92  ? 103 ASN A O   1 
ATOM   811  C CB  . ASN A 1 105 ? 11.408  -2.060  7.726   1.00 23.91  ? 103 ASN A CB  1 
ATOM   812  C CG  . ASN A 1 105 ? 12.124  -1.409  6.588   1.00 28.29  ? 103 ASN A CG  1 
ATOM   813  O OD1 . ASN A 1 105 ? 11.527  -0.673  5.769   1.00 27.15  ? 103 ASN A OD1 1 
ATOM   814  N ND2 . ASN A 1 105 ? 13.447  -1.643  6.521   1.00 31.22  ? 103 ASN A ND2 1 
ATOM   815  N N   . ILE A 1 106 ? 8.515   -1.359  7.510   1.00 23.84  ? 104 ILE A N   1 
ATOM   816  C CA  . ILE A 1 106 ? 7.330   -0.591  7.101   1.00 19.78  ? 104 ILE A CA  1 
ATOM   817  C C   . ILE A 1 106 ? 7.630   0.227   5.859   1.00 22.75  ? 104 ILE A C   1 
ATOM   818  O O   . ILE A 1 106 ? 6.812   0.284   4.917   1.00 22.59  ? 104 ILE A O   1 
ATOM   819  C CB  . ILE A 1 106 ? 6.871   0.314   8.272   1.00 21.99  ? 104 ILE A CB  1 
ATOM   820  C CG1 . ILE A 1 106 ? 6.399   -0.529  9.453   1.00 24.65  ? 104 ILE A CG1 1 
ATOM   821  C CG2 . ILE A 1 106 ? 5.717   1.232   7.815   1.00 20.86  ? 104 ILE A CG2 1 
ATOM   822  C CD1 . ILE A 1 106 ? 6.405   0.244   10.762  1.00 25.57  ? 104 ILE A CD1 1 
ATOM   823  N N   . ALA A 1 107 ? 8.800   0.889   5.837   1.00 23.91  ? 105 ALA A N   1 
ATOM   824  C CA  . ALA A 1 107 ? 9.157   1.671   4.666   1.00 21.66  ? 105 ALA A CA  1 
ATOM   825  C C   . ALA A 1 107 ? 9.281   0.805   3.415   1.00 23.35  ? 105 ALA A C   1 
ATOM   826  O O   . ALA A 1 107 ? 8.813   1.211   2.347   1.00 23.84  ? 105 ALA A O   1 
ATOM   827  C CB  . ALA A 1 107 ? 10.439  2.458   4.887   1.00 24.48  ? 105 ALA A CB  1 
ATOM   828  N N   . THR A 1 108 ? 9.920   -0.368  3.496   1.00 22.87  ? 106 THR A N   1 
ATOM   829  C CA  . THR A 1 108 ? 10.038  -1.126  2.244   1.00 24.99  ? 106 THR A CA  1 
ATOM   830  C C   . THR A 1 108 ? 8.667   -1.578  1.745   1.00 25.43  ? 106 THR A C   1 
ATOM   831  O O   . THR A 1 108 ? 8.403   -1.554  0.537   1.00 26.46  ? 106 THR A O   1 
ATOM   832  C CB  . THR A 1 108 ? 10.960  -2.343  2.349   1.00 29.00  ? 106 THR A CB  1 
ATOM   833  O OG1 . THR A 1 108 ? 10.394  -3.346  3.187   1.00 31.29  ? 106 THR A OG1 1 
ATOM   834  C CG2 . THR A 1 108 ? 12.355  -1.954  2.876   1.00 28.65  ? 106 THR A CG2 1 
ATOM   835  N N   . VAL A 1 109 ? 7.777   -1.971  2.653   1.00 20.48  ? 107 VAL A N   1 
ATOM   836  C CA  . VAL A 1 109 ? 6.495   -2.487  2.131   1.00 21.43  ? 107 VAL A CA  1 
ATOM   837  C C   . VAL A 1 109 ? 5.612   -1.337  1.632   1.00 23.08  ? 107 VAL A C   1 
ATOM   838  O O   . VAL A 1 109 ? 4.835   -1.512  0.695   1.00 22.70  ? 107 VAL A O   1 
ATOM   839  C CB  . VAL A 1 109 ? 5.755   -3.366  3.163   1.00 27.29  ? 107 VAL A CB  1 
ATOM   840  C CG1 . VAL A 1 109 ? 6.592   -4.581  3.599   1.00 27.56  ? 107 VAL A CG1 1 
ATOM   841  C CG2 . VAL A 1 109 ? 5.347   -2.632  4.368   1.00 28.19  ? 107 VAL A CG2 1 
ATOM   842  N N   . LEU A 1 110 ? 5.675   -0.149  2.266   1.00 20.79  ? 108 LEU A N   1 
ATOM   843  C CA  . LEU A 1 110 ? 4.983   0.990   1.675   1.00 22.87  ? 108 LEU A CA  1 
ATOM   844  C C   . LEU A 1 110 ? 5.546   1.302   0.292   1.00 22.05  ? 108 LEU A C   1 
ATOM   845  O O   . LEU A 1 110 ? 4.785   1.653   -0.629  1.00 23.93  ? 108 LEU A O   1 
ATOM   846  C CB  . LEU A 1 110 ? 5.077   2.213   2.622   1.00 22.94  ? 108 LEU A CB  1 
ATOM   847  C CG  . LEU A 1 110 ? 4.220   2.125   3.915   1.00 22.30  ? 108 LEU A CG  1 
ATOM   848  C CD1 . LEU A 1 110 ? 4.652   3.263   4.866   1.00 23.91  ? 108 LEU A CD1 1 
ATOM   849  C CD2 . LEU A 1 110 ? 2.682   2.187   3.628   1.00 23.10  ? 108 LEU A CD2 1 
ATOM   850  N N   . THR A 1 111 ? 6.871   1.161   0.112   1.00 21.48  ? 109 THR A N   1 
ATOM   851  C CA  . THR A 1 111 ? 7.431   1.378   -1.208  1.00 23.84  ? 109 THR A CA  1 
ATOM   852  C C   . THR A 1 111 ? 6.941   0.313   -2.194  1.00 24.13  ? 109 THR A C   1 
ATOM   853  O O   . THR A 1 111 ? 6.680   0.624   -3.366  1.00 25.04  ? 109 THR A O   1 
ATOM   854  C CB  . THR A 1 111 ? 8.956   1.370   -1.148  1.00 25.58  ? 109 THR A CB  1 
ATOM   855  O OG1 . THR A 1 111 ? 9.408   2.395   -0.259  1.00 27.84  ? 109 THR A OG1 1 
ATOM   856  C CG2 . THR A 1 111 ? 9.544   1.657   -2.540  1.00 28.30  ? 109 THR A CG2 1 
ATOM   857  N N   . SER A 1 112 ? 6.827   -0.936  -1.729  1.00 24.38  ? 110 SER A N   1 
ATOM   858  C CA  . SER A 1 112 ? 6.248   -1.994  -2.584  1.00 23.11  ? 110 SER A CA  1 
ATOM   859  C C   . SER A 1 112 ? 4.797   -1.702  -2.977  1.00 22.68  ? 110 SER A C   1 
ATOM   860  O O   . SER A 1 112 ? 4.365   -2.054  -4.096  1.00 22.93  ? 110 SER A O   1 
ATOM   861  C CB  . SER A 1 112 ? 6.317   -3.346  -1.867  1.00 23.45  ? 110 SER A CB  1 
ATOM   862  O OG  . SER A 1 112 ? 7.643   -3.722  -1.579  1.00 25.29  ? 110 SER A OG  1 
ATOM   863  N N   . ILE A 1 113 ? 4.005   -1.107  -2.071  1.00 21.87  ? 111 ILE A N   1 
ATOM   864  C CA  . ILE A 1 113 ? 2.622   -0.760  -2.404  1.00 24.08  ? 111 ILE A CA  1 
ATOM   865  C C   . ILE A 1 113 ? 2.615   0.357   -3.439  1.00 24.67  ? 111 ILE A C   1 
ATOM   866  O O   . ILE A 1 113 ? 1.853   0.339   -4.406  1.00 23.77  ? 111 ILE A O   1 
ATOM   867  C CB  . ILE A 1 113 ? 1.822   -0.364  -1.144  1.00 19.98  ? 111 ILE A CB  1 
ATOM   868  C CG1 . ILE A 1 113 ? 1.707   -1.546  -0.177  1.00 20.27  ? 111 ILE A CG1 1 
ATOM   869  C CG2 . ILE A 1 113 ? 0.451   0.301   -1.535  1.00 21.28  ? 111 ILE A CG2 1 
ATOM   870  C CD1 . ILE A 1 113 ? 1.188   -1.195  1.226   1.00 21.18  ? 111 ILE A CD1 1 
ATOM   871  N N   . GLN A 1 114 ? 3.493   1.355   -3.240  1.00 23.51  ? 112 GLN A N   1 
ATOM   872  C CA  . GLN A 1 114 ? 3.652   2.408   -4.230  1.00 23.21  ? 112 GLN A CA  1 
ATOM   873  C C   . GLN A 1 114 ? 4.008   1.837   -5.602  1.00 24.77  ? 112 GLN A C   1 
ATOM   874  O O   . GLN A 1 114 ? 3.426   2.242   -6.626  1.00 25.75  ? 112 GLN A O   1 
ATOM   875  C CB  . GLN A 1 114 ? 4.734   3.375   -3.717  1.00 22.97  ? 112 GLN A CB  1 
ATOM   876  C CG  . GLN A 1 114 ? 5.016   4.518   -4.672  1.00 24.90  ? 112 GLN A CG  1 
ATOM   877  C CD  . GLN A 1 114 ? 6.218   5.299   -4.159  1.00 28.67  ? 112 GLN A CD  1 
ATOM   878  O OE1 . GLN A 1 114 ? 7.296   4.728   -3.939  1.00 30.18  ? 112 GLN A OE1 1 
ATOM   879  N NE2 . GLN A 1 114 ? 6.018   6.582   -3.945  1.00 31.77  ? 112 GLN A NE2 1 
ATOM   880  N N   . LEU A 1 115 ? 4.920   0.863   -5.635  1.00 24.73  ? 113 LEU A N   1 
ATOM   881  C CA  . LEU A 1 115 ? 5.297   0.235   -6.894  1.00 28.44  ? 113 LEU A CA  1 
ATOM   882  C C   . LEU A 1 115 ? 4.124   -0.550  -7.479  1.00 26.80  ? 113 LEU A C   1 
ATOM   883  O O   . LEU A 1 115 ? 3.873   -0.485  -8.690  1.00 28.37  ? 113 LEU A O   1 
ATOM   884  C CB  . LEU A 1 115 ? 6.520   -0.665  -6.695  1.00 27.26  ? 113 LEU A CB  1 
ATOM   885  C CG  . LEU A 1 115 ? 7.001   -1.344  -7.989  1.00 29.43  ? 113 LEU A CG  1 
ATOM   886  C CD1 . LEU A 1 115 ? 7.269   -0.264  -9.046  1.00 33.17  ? 113 LEU A CD1 1 
ATOM   887  C CD2 . LEU A 1 115 ? 8.180   -2.195  -7.747  1.00 35.09  ? 113 LEU A CD2 1 
ATOM   888  N N   . LEU A 1 116 ? 3.361   -1.228  -6.618  1.00 23.12  ? 114 LEU A N   1 
ATOM   889  C CA  . LEU A 1 116 ? 2.176   -1.973  -7.091  1.00 23.20  ? 114 LEU A CA  1 
ATOM   890  C C   . LEU A 1 116 ? 1.174   -1.033  -7.751  1.00 25.95  ? 114 LEU A C   1 
ATOM   891  O O   . LEU A 1 116 ? 0.521   -1.395  -8.760  1.00 26.89  ? 114 LEU A O   1 
ATOM   892  C CB  . LEU A 1 116 ? 1.547   -2.723  -5.900  1.00 21.92  ? 114 LEU A CB  1 
ATOM   893  C CG  . LEU A 1 116 ? 0.290   -3.578  -6.232  1.00 22.85  ? 114 LEU A CG  1 
ATOM   894  C CD1 . LEU A 1 116 ? 0.671   -4.765  -7.164  1.00 27.39  ? 114 LEU A CD1 1 
ATOM   895  C CD2 . LEU A 1 116 ? -0.285  -4.082  -4.943  1.00 23.51  ? 114 LEU A CD2 1 
ATOM   896  N N   . MET A 1 117 ? 1.023   0.184   -7.209  1.00 24.24  ? 115 MET A N   1 
ATOM   897  C CA  . MET A 1 117 ? 0.158   1.185   -7.839  1.00 28.63  ? 115 MET A CA  1 
ATOM   898  C C   . MET A 1 117 ? 0.598   1.496   -9.266  1.00 32.43  ? 115 MET A C   1 
ATOM   899  O O   . MET A 1 117 ? -0.237  1.566   -10.175 1.00 33.02  ? 115 MET A O   1 
ATOM   900  C CB  . MET A 1 117 ? 0.116   2.458   -6.983  1.00 27.73  ? 115 MET A CB  1 
ATOM   901  C CG  . MET A 1 117 ? -0.595  2.238   -5.666  1.00 24.72  ? 115 MET A CG  1 
ATOM   902  S SD  . MET A 1 117 ? -0.337  3.587   -4.483  1.00 28.20  ? 115 MET A SD  1 
ATOM   903  C CE  . MET A 1 117 ? -1.067  4.959   -5.373  1.00 28.63  ? 115 MET A CE  1 
ATOM   904  N N   . SER A 1 118 ? 1.903   1.685   -9.477  1.00 30.25  ? 116 SER A N   1 
ATOM   905  C CA  . SER A 1 118 ? 2.454   1.911   -10.814 1.00 31.08  ? 116 SER A CA  1 
ATOM   906  C C   . SER A 1 118 ? 2.323   0.688   -11.711 1.00 34.82  ? 116 SER A C   1 
ATOM   907  O O   . SER A 1 118 ? 2.103   0.828   -12.924 1.00 35.79  ? 116 SER A O   1 
ATOM   908  C CB  . SER A 1 118 ? 3.935   2.271   -10.722 1.00 31.86  ? 116 SER A CB  1 
ATOM   909  O OG  . SER A 1 118 ? 4.066   3.569   -10.216 1.00 49.42  ? 116 SER A OG  1 
ATOM   910  N N   . GLU A 1 119 ? 2.546   -0.507  -11.149 1.00 29.53  ? 117 GLU A N   1 
ATOM   911  C CA  . GLU A 1 119 ? 2.681   -1.765  -11.890 1.00 33.43  ? 117 GLU A CA  1 
ATOM   912  C C   . GLU A 1 119 ? 1.809   -2.856  -11.282 1.00 32.73  ? 117 GLU A C   1 
ATOM   913  O O   . GLU A 1 119 ? 2.278   -3.669  -10.462 1.00 31.95  ? 117 GLU A O   1 
ATOM   914  C CB  . GLU A 1 119 ? 4.143   -2.194  -11.958 1.00 33.64  ? 117 GLU A CB  1 
ATOM   915  C CG  . GLU A 1 119 ? 4.989   -1.113  -12.613 1.00 40.69  ? 117 GLU A CG  1 
ATOM   916  C CD  . GLU A 1 119 ? 6.459   -1.465  -12.737 1.00 54.77  ? 117 GLU A CD  1 
ATOM   917  O OE1 . GLU A 1 119 ? 7.260   -0.534  -13.002 1.00 51.80  ? 117 GLU A OE1 1 
ATOM   918  O OE2 . GLU A 1 119 ? 6.823   -2.652  -12.545 1.00 61.50  ? 117 GLU A OE2 1 
ATOM   919  N N   . PRO A 1 120 ? 0.526   -2.893  -11.659 1.00 33.86  ? 118 PRO A N   1 
ATOM   920  C CA  . PRO A 1 120 ? -0.396  -3.897  -11.111 1.00 34.32  ? 118 PRO A CA  1 
ATOM   921  C C   . PRO A 1 120 ? 0.017   -5.307  -11.502 1.00 33.19  ? 118 PRO A C   1 
ATOM   922  O O   . PRO A 1 120 ? 0.808   -5.514  -12.422 1.00 36.57  ? 118 PRO A O   1 
ATOM   923  C CB  . PRO A 1 120 ? -1.745  -3.520  -11.738 1.00 32.59  ? 118 PRO A CB  1 
ATOM   924  C CG  . PRO A 1 120 ? -1.642  -2.032  -11.987 1.00 32.31  ? 118 PRO A CG  1 
ATOM   925  C CD  . PRO A 1 120 ? -0.182  -1.811  -12.375 1.00 33.93  ? 118 PRO A CD  1 
ATOM   926  N N   . ASN A 1 121 ? -0.515  -6.285  -10.761 1.00 34.29  ? 119 ASN A N   1 
ATOM   927  C CA  A ASN A 1 121 ? -0.275  -7.711  -10.994 0.47 36.81  ? 119 ASN A CA  1 
ATOM   928  C CA  B ASN A 1 121 ? -0.275  -7.711  -11.006 0.53 36.81  ? 119 ASN A CA  1 
ATOM   929  C C   . ASN A 1 121 ? -1.578  -8.398  -11.410 1.00 34.21  ? 119 ASN A C   1 
ATOM   930  O O   . ASN A 1 121 ? -2.237  -9.032  -10.580 1.00 34.71  ? 119 ASN A O   1 
ATOM   931  C CB  A ASN A 1 121 ? 0.322   -8.340  -9.734  0.47 35.89  ? 119 ASN A CB  1 
ATOM   932  C CB  B ASN A 1 121 ? 0.324   -8.392  -9.778  0.53 35.89  ? 119 ASN A CB  1 
ATOM   933  C CG  A ASN A 1 121 ? 0.943   -9.700  -9.976  0.47 39.78  ? 119 ASN A CG  1 
ATOM   934  C CG  B ASN A 1 121 ? 1.733   -7.951  -9.509  0.53 34.51  ? 119 ASN A CG  1 
ATOM   935  O OD1 A ASN A 1 121 ? 1.385   -10.017 -11.078 0.47 41.47  ? 119 ASN A OD1 1 
ATOM   936  O OD1 B ASN A 1 121 ? 2.531   -7.822  -10.430 0.53 35.97  ? 119 ASN A OD1 1 
ATOM   937  N ND2 A ASN A 1 121 ? 1.018   -10.503 -8.916  0.47 40.86  ? 119 ASN A ND2 1 
ATOM   938  N ND2 B ASN A 1 121 ? 2.048   -7.697  -8.239  0.53 31.42  ? 119 ASN A ND2 1 
ATOM   939  N N   . PRO A 1 122 ? -1.977  -8.307  -12.691 1.00 36.97  ? 120 PRO A N   1 
ATOM   940  C CA  . PRO A 1 122 ? -3.220  -9.004  -13.125 1.00 44.11  ? 120 PRO A CA  1 
ATOM   941  C C   . PRO A 1 122 ? -3.180  -10.519 -12.931 1.00 44.59  ? 120 PRO A C   1 
ATOM   942  O O   . PRO A 1 122 ? -4.247  -11.149 -12.927 1.00 54.10  ? 120 PRO A O   1 
ATOM   943  C CB  . PRO A 1 122 ? -3.339  -8.644  -14.615 1.00 36.85  ? 120 PRO A CB  1 
ATOM   944  C CG  . PRO A 1 122 ? -2.551  -7.457  -14.814 1.00 36.99  ? 120 PRO A CG  1 
ATOM   945  C CD  . PRO A 1 122 ? -1.414  -7.472  -13.767 1.00 38.10  ? 120 PRO A CD  1 
ATOM   946  N N   . ASP A 1 123 ? -1.988  -11.109 -12.775 1.00 52.44  ? 121 ASP A N   1 
ATOM   947  C CA  . ASP A 1 123 ? -1.813  -12.520 -12.424 1.00 59.91  ? 121 ASP A CA  1 
ATOM   948  C C   . ASP A 1 123 ? -2.313  -12.884 -11.025 1.00 58.53  ? 121 ASP A C   1 
ATOM   949  O O   . ASP A 1 123 ? -2.536  -14.067 -10.755 1.00 72.61  ? 121 ASP A O   1 
ATOM   950  C CB  . ASP A 1 123 ? -0.326  -12.899 -12.505 1.00 61.08  ? 121 ASP A CB  1 
ATOM   951  N N   . ASP A 1 124 ? -2.434  -11.935 -10.105 1.00 55.59  ? 122 ASP A N   1 
ATOM   952  C CA  . ASP A 1 124 ? -2.898  -12.225 -8.746  1.00 45.51  ? 122 ASP A CA  1 
ATOM   953  C C   . ASP A 1 124 ? -4.001  -11.244 -8.350  1.00 42.44  ? 122 ASP A C   1 
ATOM   954  O O   . ASP A 1 124 ? -3.856  -10.479 -7.388  1.00 41.74  ? 122 ASP A O   1 
ATOM   955  C CB  . ASP A 1 124 ? -1.736  -12.187 -7.750  1.00 54.88  ? 122 ASP A CB  1 
ATOM   956  N N   . PRO A 1 125 ? -5.135  -11.258 -9.058  1.00 45.78  ? 123 PRO A N   1 
ATOM   957  C CA  . PRO A 1 125 ? -6.136  -10.207 -8.858  1.00 40.30  ? 123 PRO A CA  1 
ATOM   958  C C   . PRO A 1 125 ? -6.990  -10.407 -7.622  1.00 34.81  ? 123 PRO A C   1 
ATOM   959  O O   . PRO A 1 125 ? -7.323  -11.523 -7.222  1.00 45.92  ? 123 PRO A O   1 
ATOM   960  C CB  . PRO A 1 125 ? -7.010  -10.326 -10.105 1.00 40.31  ? 123 PRO A CB  1 
ATOM   961  C CG  . PRO A 1 125 ? -6.919  -11.731 -10.462 1.00 43.43  ? 123 PRO A CG  1 
ATOM   962  C CD  . PRO A 1 125 ? -5.534  -12.165 -10.151 1.00 43.09  ? 123 PRO A CD  1 
ATOM   963  N N   . LEU A 1 126 ? -7.360  -9.295  -7.025  1.00 31.40  ? 124 LEU A N   1 
ATOM   964  C CA  . LEU A 1 126 ? -8.441  -9.272  -6.074  1.00 28.25  ? 124 LEU A CA  1 
ATOM   965  C C   . LEU A 1 126 ? -9.731  -8.808  -6.731  1.00 28.56  ? 124 LEU A C   1 
ATOM   966  O O   . LEU A 1 126 ? -10.810 -9.104  -6.220  1.00 31.15  ? 124 LEU A O   1 
ATOM   967  C CB  . LEU A 1 126 ? -8.092  -8.333  -4.912  1.00 34.72  ? 124 LEU A CB  1 
ATOM   968  C CG  . LEU A 1 126 ? -8.322  -8.778  -3.482  1.00 40.16  ? 124 LEU A CG  1 
ATOM   969  C CD1 . LEU A 1 126 ? -7.987  -10.274 -3.323  1.00 32.28  ? 124 LEU A CD1 1 
ATOM   970  C CD2 . LEU A 1 126 ? -7.464  -7.919  -2.523  1.00 26.54  ? 124 LEU A CD2 1 
ATOM   971  N N   . MET A 1 127 ? -9.624  -8.062  -7.829  1.00 25.90  ? 125 MET A N   1 
ATOM   972  C CA  . MET A 1 127 ? -10.736 -7.423  -8.526  1.00 28.47  ? 125 MET A CA  1 
ATOM   973  C C   . MET A 1 127 ? -10.749 -7.952  -9.957  1.00 30.64  ? 125 MET A C   1 
ATOM   974  O O   . MET A 1 127 ? -10.031 -7.438  -10.819 1.00 26.58  ? 125 MET A O   1 
ATOM   975  C CB  . MET A 1 127 ? -10.592 -5.909  -8.481  1.00 28.40  ? 125 MET A CB  1 
ATOM   976  C CG  . MET A 1 127 ? -10.679 -5.351  -7.045  1.00 25.79  ? 125 MET A CG  1 
ATOM   977  S SD  . MET A 1 127 ? -12.224 -5.666  -6.140  1.00 29.68  ? 125 MET A SD  1 
ATOM   978  C CE  . MET A 1 127 ? -13.170 -4.256  -6.679  1.00 30.00  ? 125 MET A CE  1 
ATOM   979  N N   . ALA A 1 128 ? -11.574 -8.990  -10.219 1.00 31.45  ? 126 ALA A N   1 
ATOM   980  C CA  . ALA A 1 128 ? -11.487 -9.700  -11.499 1.00 34.41  ? 126 ALA A CA  1 
ATOM   981  C C   . ALA A 1 128 ? -11.897 -8.811  -12.663 1.00 25.36  ? 126 ALA A C   1 
ATOM   982  O O   . ALA A 1 128 ? -11.252 -8.820  -13.715 1.00 30.48  ? 126 ALA A O   1 
ATOM   983  C CB  . ALA A 1 128 ? -12.375 -10.948 -11.462 1.00 33.22  ? 126 ALA A CB  1 
ATOM   984  N N   . ASP A 1 129 ? -12.944 -8.023  -12.487 1.00 26.84  ? 127 ASP A N   1 
ATOM   985  C CA  . ASP A 1 129 ? -13.399 -7.159  -13.582 1.00 31.70  ? 127 ASP A CA  1 
ATOM   986  C C   . ASP A 1 129 ? -12.379 -6.075  -13.876 1.00 28.91  ? 127 ASP A C   1 
ATOM   987  O O   . ASP A 1 129 ? -12.075 -5.812  -15.037 1.00 27.75  ? 127 ASP A O   1 
ATOM   988  C CB  . ASP A 1 129 ? -14.747 -6.522  -13.273 1.00 34.42  ? 127 ASP A CB  1 
ATOM   989  C CG  . ASP A 1 129 ? -15.918 -7.517  -13.298 1.00 43.55  ? 127 ASP A CG  1 
ATOM   990  O OD1 . ASP A 1 129 ? -15.739 -8.714  -13.639 1.00 46.33  ? 127 ASP A OD1 1 
ATOM   991  O OD2 . ASP A 1 129 ? -17.030 -7.078  -12.932 1.00 48.80  ? 127 ASP A OD2 1 
ATOM   992  N N   . ILE A 1 130 ? -11.776 -5.481  -12.837 1.00 25.69  ? 128 ILE A N   1 
ATOM   993  C CA  . ILE A 1 130 ? -10.734 -4.488  -13.084 1.00 23.55  ? 128 ILE A CA  1 
ATOM   994  C C   . ILE A 1 130 ? -9.518  -5.125  -13.738 1.00 22.66  ? 128 ILE A C   1 
ATOM   995  O O   . ILE A 1 130 ? -8.887  -4.538  -14.633 1.00 26.16  ? 128 ILE A O   1 
ATOM   996  C CB  . ILE A 1 130 ? -10.375 -3.783  -11.757 1.00 22.83  ? 128 ILE A CB  1 
ATOM   997  C CG1 . ILE A 1 130 ? -11.618 -3.146  -11.149 1.00 26.18  ? 128 ILE A CG1 1 
ATOM   998  C CG2 . ILE A 1 130 ? -9.201  -2.812  -11.979 1.00 24.70  ? 128 ILE A CG2 1 
ATOM   999  C CD1 . ILE A 1 130 ? -11.374 -2.319  -9.835  1.00 29.24  ? 128 ILE A CD1 1 
ATOM   1000 N N   . SER A 1 131 ? -9.133  -6.325  -13.286 1.00 24.24  ? 129 SER A N   1 
ATOM   1001 C CA  A SER A 1 131 ? -7.988  -7.019  -13.856 0.56 26.12  ? 129 SER A CA  1 
ATOM   1002 C CA  B SER A 1 131 ? -7.971  -6.986  -13.869 0.44 26.14  ? 129 SER A CA  1 
ATOM   1003 C C   . SER A 1 131 ? -8.177  -7.277  -15.348 1.00 28.69  ? 129 SER A C   1 
ATOM   1004 O O   . SER A 1 131 ? -7.258  -7.070  -16.152 1.00 26.19  ? 129 SER A O   1 
ATOM   1005 C CB  A SER A 1 131 ? -7.784  -8.327  -13.113 0.56 29.76  ? 129 SER A CB  1 
ATOM   1006 C CB  B SER A 1 131 ? -7.650  -8.271  -13.120 0.44 29.69  ? 129 SER A CB  1 
ATOM   1007 O OG  A SER A 1 131 ? -6.521  -8.848  -13.386 0.56 34.68  ? 129 SER A OG  1 
ATOM   1008 O OG  B SER A 1 131 ? -7.291  -7.973  -11.788 0.44 28.03  ? 129 SER A OG  1 
ATOM   1009 N N   . SER A 1 132 ? -9.365  -7.755  -15.730 1.00 27.54  ? 130 SER A N   1 
ATOM   1010 C CA  . SER A 1 132 ? -9.605  -8.031  -17.145 1.00 24.64  ? 130 SER A CA  1 
ATOM   1011 C C   . SER A 1 132 ? -9.620  -6.751  -17.956 1.00 24.63  ? 130 SER A C   1 
ATOM   1012 O O   . SER A 1 132 ? -9.103  -6.710  -19.075 1.00 27.72  ? 130 SER A O   1 
ATOM   1013 C CB  . SER A 1 132 ? -10.917 -8.806  -17.293 1.00 27.36  ? 130 SER A CB  1 
ATOM   1014 O OG  . SER A 1 132 ? -10.711 -10.116 -16.745 1.00 36.07  ? 130 SER A OG  1 
ATOM   1015 N N   . GLU A 1 133 ? -10.185 -5.695  -17.397 1.00 23.16  ? 131 GLU A N   1 
ATOM   1016 C CA  . GLU A 1 133 ? -10.129 -4.389  -18.042 1.00 27.13  ? 131 GLU A CA  1 
ATOM   1017 C C   . GLU A 1 133 ? -8.697  -3.894  -18.180 1.00 31.32  ? 131 GLU A C   1 
ATOM   1018 O O   . GLU A 1 133 ? -8.291  -3.386  -19.231 1.00 27.62  ? 131 GLU A O   1 
ATOM   1019 C CB  . GLU A 1 133 ? -11.026 -3.414  -17.273 1.00 29.42  ? 131 GLU A CB  1 
ATOM   1020 C CG  . GLU A 1 133 ? -11.245 -2.012  -17.866 1.00 27.54  ? 131 GLU A CG  1 
ATOM   1021 C CD  . GLU A 1 133 ? -12.062 -1.153  -16.932 1.00 41.73  ? 131 GLU A CD  1 
ATOM   1022 O OE1 . GLU A 1 133 ? -11.490 -0.640  -15.933 1.00 32.44  ? 131 GLU A OE1 1 
ATOM   1023 O OE2 . GLU A 1 133 ? -13.302 -1.071  -17.123 1.00 40.93  ? 131 GLU A OE2 1 
ATOM   1024 N N   . PHE A 1 134 ? -7.887  -4.055  -17.136 1.00 26.03  ? 132 PHE A N   1 
ATOM   1025 C CA  . PHE A 1 134 ? -6.510  -3.638  -17.261 1.00 27.32  ? 132 PHE A CA  1 
ATOM   1026 C C   . PHE A 1 134 ? -5.793  -4.418  -18.358 1.00 28.57  ? 132 PHE A C   1 
ATOM   1027 O O   . PHE A 1 134 ? -4.991  -3.851  -19.106 1.00 31.87  ? 132 PHE A O   1 
ATOM   1028 C CB  . PHE A 1 134 ? -5.843  -3.848  -15.895 1.00 26.31  ? 132 PHE A CB  1 
ATOM   1029 C CG  . PHE A 1 134 ? -4.371  -3.535  -15.881 1.00 31.39  ? 132 PHE A CG  1 
ATOM   1030 C CD1 . PHE A 1 134 ? -3.940  -2.263  -15.562 1.00 28.12  ? 132 PHE A CD1 1 
ATOM   1031 C CD2 . PHE A 1 134 ? -3.437  -4.518  -16.168 1.00 33.86  ? 132 PHE A CD2 1 
ATOM   1032 C CE1 . PHE A 1 134 ? -2.581  -1.971  -15.545 1.00 32.10  ? 132 PHE A CE1 1 
ATOM   1033 C CE2 . PHE A 1 134 ? -2.068  -4.227  -16.127 1.00 39.73  ? 132 PHE A CE2 1 
ATOM   1034 C CZ  . PHE A 1 134 ? -1.660  -2.954  -15.824 1.00 30.60  ? 132 PHE A CZ  1 
ATOM   1035 N N   . LYS A 1 135 ? -6.052  -5.729  -18.460 1.00 28.45  ? 133 LYS A N   1 
ATOM   1036 C CA  . LYS A 1 135 ? -5.345  -6.553  -19.437 1.00 28.26  ? 133 LYS A CA  1 
ATOM   1037 C C   . LYS A 1 135 ? -5.796  -6.259  -20.858 1.00 35.12  ? 133 LYS A C   1 
ATOM   1038 O O   . LYS A 1 135 ? -4.968  -6.214  -21.776 1.00 34.33  ? 133 LYS A O   1 
ATOM   1039 C CB  . LYS A 1 135 ? -5.567  -8.032  -19.160 1.00 28.30  ? 133 LYS A CB  1 
ATOM   1040 C CG  . LYS A 1 135 ? -4.992  -8.512  -17.862 1.00 32.97  ? 133 LYS A CG  1 
ATOM   1041 C CD  . LYS A 1 135 ? -5.037  -10.034 -17.784 1.00 44.63  ? 133 LYS A CD  1 
ATOM   1042 C CE  . LYS A 1 135 ? -4.539  -10.666 -19.091 1.00 47.20  ? 133 LYS A CE  1 
ATOM   1043 N NZ  . LYS A 1 135 ? -4.411  -12.159 -18.980 1.00 58.13  ? 133 LYS A NZ  1 
ATOM   1044 N N   . TYR A 1 136 ? -7.106  -6.104  -21.070 1.00 25.99  ? 134 TYR A N   1 
ATOM   1045 C CA  . TYR A 1 136 ? -7.656  -6.133  -22.430 1.00 28.51  ? 134 TYR A CA  1 
ATOM   1046 C C   . TYR A 1 136 ? -8.241  -4.820  -22.900 1.00 37.76  ? 134 TYR A C   1 
ATOM   1047 O O   . TYR A 1 136 ? -8.645  -4.724  -24.071 1.00 38.08  ? 134 TYR A O   1 
ATOM   1048 C CB  . TYR A 1 136 ? -8.754  -7.194  -22.502 1.00 28.43  ? 134 TYR A CB  1 
ATOM   1049 C CG  . TYR A 1 136 ? -8.232  -8.574  -22.209 1.00 26.70  ? 134 TYR A CG  1 
ATOM   1050 C CD1 . TYR A 1 136 ? -7.281  -9.173  -23.033 1.00 28.98  ? 134 TYR A CD1 1 
ATOM   1051 C CD2 . TYR A 1 136 ? -8.726  -9.303  -21.140 1.00 26.10  ? 134 TYR A CD2 1 
ATOM   1052 C CE1 . TYR A 1 136 ? -6.816  -10.448 -22.764 1.00 30.19  ? 134 TYR A CE1 1 
ATOM   1053 C CE2 . TYR A 1 136 ? -8.251  -10.566 -20.860 1.00 30.55  ? 134 TYR A CE2 1 
ATOM   1054 C CZ  . TYR A 1 136 ? -7.306  -11.132 -21.665 1.00 36.71  ? 134 TYR A CZ  1 
ATOM   1055 O OH  . TYR A 1 136 ? -6.875  -12.402 -21.376 1.00 39.68  ? 134 TYR A OH  1 
ATOM   1056 N N   . ASN A 1 137 ? -8.390  -3.845  -22.024 1.00 32.63  ? 135 ASN A N   1 
ATOM   1057 C CA  . ASN A 1 137 ? -8.942  -2.570  -22.428 1.00 31.36  ? 135 ASN A CA  1 
ATOM   1058 C C   . ASN A 1 137 ? -8.233  -1.501  -21.598 1.00 28.35  ? 135 ASN A C   1 
ATOM   1059 O O   . ASN A 1 137 ? -8.867  -0.736  -20.865 1.00 32.16  ? 135 ASN A O   1 
ATOM   1060 C CB  . ASN A 1 137 ? -10.456 -2.544  -22.236 1.00 31.43  ? 135 ASN A CB  1 
ATOM   1061 C CG  . ASN A 1 137 ? -11.114 -1.348  -22.928 1.00 34.87  ? 135 ASN A CG  1 
ATOM   1062 O OD1 . ASN A 1 137 ? -10.428 -0.540  -23.540 1.00 38.12  ? 135 ASN A OD1 1 
ATOM   1063 N ND2 . ASN A 1 137 ? -12.444 -1.251  -22.848 1.00 36.02  ? 135 ASN A ND2 1 
ATOM   1064 N N   . LYS A 1 138 ? -6.915  -1.412  -21.775 1.00 30.82  ? 136 LYS A N   1 
ATOM   1065 C CA  . LYS A 1 138 ? -6.122  -0.502  -20.945 1.00 32.53  ? 136 LYS A CA  1 
ATOM   1066 C C   . LYS A 1 138 ? -6.617  0.939   -21.027 1.00 42.07  ? 136 LYS A C   1 
ATOM   1067 O O   . LYS A 1 138 ? -6.679  1.600   -19.976 1.00 34.82  ? 136 LYS A O   1 
ATOM   1068 C CB  . LYS A 1 138 ? -4.630  -0.645  -21.297 1.00 39.15  ? 136 LYS A CB  1 
ATOM   1069 C CG  . LYS A 1 138 ? -3.677  0.219   -20.419 1.00 41.32  ? 136 LYS A CG  1 
ATOM   1070 C CD  . LYS A 1 138 ? -3.293  -0.500  -19.131 1.00 45.59  ? 136 LYS A CD  1 
ATOM   1071 C CE  . LYS A 1 138 ? -2.051  0.080   -18.399 1.00 38.79  ? 136 LYS A CE  1 
ATOM   1072 N NZ  . LYS A 1 138 ? -0.723  -0.479  -18.852 1.00 46.33  ? 136 LYS A NZ  1 
ATOM   1073 N N   . PRO A 1 139 ? -7.047  1.470   -22.183 1.00 37.94  ? 137 PRO A N   1 
ATOM   1074 C CA  . PRO A 1 139 ? -7.530  2.859   -22.170 1.00 35.88  ? 137 PRO A CA  1 
ATOM   1075 C C   . PRO A 1 139 ? -8.723  3.078   -21.260 1.00 35.53  ? 137 PRO A C   1 
ATOM   1076 O O   . PRO A 1 139 ? -8.852  4.159   -20.658 1.00 36.27  ? 137 PRO A O   1 
ATOM   1077 C CB  . PRO A 1 139 ? -7.885  3.115   -23.650 1.00 43.40  ? 137 PRO A CB  1 
ATOM   1078 C CG  . PRO A 1 139 ? -7.042  2.188   -24.410 1.00 36.03  ? 137 PRO A CG  1 
ATOM   1079 C CD  . PRO A 1 139 ? -6.911  0.956   -23.564 1.00 40.40  ? 137 PRO A CD  1 
ATOM   1080 N N   . ALA A 1 140 ? -9.619  2.087   -21.166 1.00 30.31  ? 138 ALA A N   1 
ATOM   1081 C CA  . ALA A 1 140 ? -10.763 2.170   -20.264 1.00 30.47  ? 138 ALA A CA  1 
ATOM   1082 C C   . ALA A 1 140 ? -10.312 2.055   -18.804 1.00 29.37  ? 138 ALA A C   1 
ATOM   1083 O O   . ALA A 1 140 ? -10.856 2.726   -17.918 1.00 34.52  ? 138 ALA A O   1 
ATOM   1084 C CB  . ALA A 1 140 ? -11.755 1.050   -20.562 1.00 32.79  ? 138 ALA A CB  1 
ATOM   1085 N N   . PHE A 1 141 ? -9.393  1.146   -18.542 1.00 27.80  ? 139 PHE A N   1 
ATOM   1086 C CA  . PHE A 1 141 ? -8.860  1.056   -17.184 1.00 29.41  ? 139 PHE A CA  1 
ATOM   1087 C C   . PHE A 1 141 ? -8.285  2.402   -16.737 1.00 31.36  ? 139 PHE A C   1 
ATOM   1088 O O   . PHE A 1 141 ? -8.583  2.888   -15.628 1.00 32.49  ? 139 PHE A O   1 
ATOM   1089 C CB  . PHE A 1 141 ? -7.803  -0.035  -17.100 1.00 26.16  ? 139 PHE A CB  1 
ATOM   1090 C CG  . PHE A 1 141 ? -7.035  0.032   -15.799 1.00 26.62  ? 139 PHE A CG  1 
ATOM   1091 C CD1 . PHE A 1 141 ? -7.606  -0.471  -14.640 1.00 31.05  ? 139 PHE A CD1 1 
ATOM   1092 C CD2 . PHE A 1 141 ? -5.832  0.711   -15.738 1.00 27.91  ? 139 PHE A CD2 1 
ATOM   1093 C CE1 . PHE A 1 141 ? -6.943  -0.349  -13.417 1.00 26.96  ? 139 PHE A CE1 1 
ATOM   1094 C CE2 . PHE A 1 141 ? -5.158  0.815   -14.526 1.00 28.79  ? 139 PHE A CE2 1 
ATOM   1095 C CZ  . PHE A 1 141 ? -5.725  0.293   -13.380 1.00 31.46  ? 139 PHE A CZ  1 
ATOM   1096 N N   . LEU A 1 142 ? -7.456  3.024   -17.588 1.00 32.06  ? 140 LEU A N   1 
ATOM   1097 C CA  . LEU A 1 142 ? -6.810  4.282   -17.193 1.00 32.41  ? 140 LEU A CA  1 
ATOM   1098 C C   . LEU A 1 142 ? -7.844  5.377   -16.965 1.00 37.43  ? 140 LEU A C   1 
ATOM   1099 O O   . LEU A 1 142 ? -7.749  6.153   -16.002 1.00 34.89  ? 140 LEU A O   1 
ATOM   1100 C CB  . LEU A 1 142 ? -5.788  4.708   -18.242 1.00 36.45  ? 140 LEU A CB  1 
ATOM   1101 C CG  . LEU A 1 142 ? -4.580  3.784   -18.389 1.00 36.09  ? 140 LEU A CG  1 
ATOM   1102 C CD1 . LEU A 1 142 ? -3.751  4.088   -19.626 1.00 43.05  ? 140 LEU A CD1 1 
ATOM   1103 C CD2 . LEU A 1 142 ? -3.665  3.820   -17.102 1.00 35.30  ? 140 LEU A CD2 1 
ATOM   1104 N N   . LYS A 1 143 ? -8.856  5.462   -17.836 1.00 34.80  ? 141 LYS A N   1 
ATOM   1105 C CA  . LYS A 1 143 ? -9.895  6.457   -17.622 1.00 32.20  ? 141 LYS A CA  1 
ATOM   1106 C C   . LYS A 1 143 ? -10.674 6.189   -16.345 1.00 34.24  ? 141 LYS A C   1 
ATOM   1107 O O   . LYS A 1 143 ? -11.032 7.124   -15.608 1.00 32.84  ? 141 LYS A O   1 
ATOM   1108 C CB  . LYS A 1 143 ? -10.865 6.484   -18.827 1.00 33.32  ? 141 LYS A CB  1 
ATOM   1109 C CG  . LYS A 1 143 ? -12.163 7.242   -18.507 1.00 38.25  ? 141 LYS A CG  1 
ATOM   1110 C CD  . LYS A 1 143 ? -13.159 7.150   -19.669 1.00 55.18  ? 141 LYS A CD  1 
ATOM   1111 C CE  . LYS A 1 143 ? -13.123 8.402   -20.537 1.00 59.16  ? 141 LYS A CE  1 
ATOM   1112 N NZ  . LYS A 1 143 ? -14.461 8.658   -21.155 1.00 70.26  ? 141 LYS A NZ  1 
ATOM   1113 N N   . ASN A 1 144 ? -11.021 4.927   -16.092 1.00 31.90  ? 142 ASN A N   1 
ATOM   1114 C CA  . ASN A 1 144 ? -11.790 4.659   -14.882 1.00 29.66  ? 142 ASN A CA  1 
ATOM   1115 C C   . ASN A 1 144 ? -10.933 4.937   -13.637 1.00 27.86  ? 142 ASN A C   1 
ATOM   1116 O O   . ASN A 1 144 ? -11.431 5.496   -12.650 1.00 31.32  ? 142 ASN A O   1 
ATOM   1117 C CB  . ASN A 1 144 ? -12.277 3.213   -14.854 1.00 31.34  ? 142 ASN A CB  1 
ATOM   1118 C CG  . ASN A 1 144 ? -13.512 3.006   -15.724 1.00 40.12  ? 142 ASN A CG  1 
ATOM   1119 O OD1 . ASN A 1 144 ? -13.601 2.015   -16.447 1.00 40.57  ? 142 ASN A OD1 1 
ATOM   1120 N ND2 . ASN A 1 144 ? -14.396 3.996   -15.745 1.00 34.28  ? 142 ASN A ND2 1 
ATOM   1121 N N   . ALA A 1 145 ? -9.638  4.590   -13.706 1.00 28.35  ? 143 ALA A N   1 
ATOM   1122 C CA  . ALA A 1 145 ? -8.740  4.807   -12.571 1.00 30.49  ? 143 ALA A CA  1 
ATOM   1123 C C   . ALA A 1 145 ? -8.552  6.300   -12.313 1.00 36.64  ? 143 ALA A C   1 
ATOM   1124 O O   . ALA A 1 145 ? -8.530  6.738   -11.152 1.00 35.50  ? 143 ALA A O   1 
ATOM   1125 C CB  . ALA A 1 145 ? -7.391  4.125   -12.814 1.00 30.50  ? 143 ALA A CB  1 
ATOM   1126 N N   . ARG A 1 146 ? -8.457  7.109   -13.387 1.00 31.64  ? 144 ARG A N   1 
ATOM   1127 C CA  . ARG A 1 146 ? -8.392  8.561   -13.192 1.00 33.63  ? 144 ARG A CA  1 
ATOM   1128 C C   . ARG A 1 146 ? -9.680  9.098   -12.590 1.00 35.10  ? 144 ARG A C   1 
ATOM   1129 O O   . ARG A 1 146 ? -9.638  9.936   -11.683 1.00 34.47  ? 144 ARG A O   1 
ATOM   1130 C CB  . ARG A 1 146 ? -8.081  9.276   -14.508 1.00 32.53  ? 144 ARG A CB  1 
ATOM   1131 C CG  . ARG A 1 146 ? -6.669  9.091   -14.974 1.00 36.37  ? 144 ARG A CG  1 
ATOM   1132 C CD  . ARG A 1 146 ? -6.350  9.954   -16.198 1.00 40.54  ? 144 ARG A CD  1 
ATOM   1133 N NE  . ARG A 1 146 ? -7.241  9.656   -17.316 1.00 51.72  ? 144 ARG A NE  1 
ATOM   1134 C CZ  . ARG A 1 146 ? -6.886  8.967   -18.393 1.00 46.26  ? 144 ARG A CZ  1 
ATOM   1135 N NH1 . ARG A 1 146 ? -5.647  8.516   -18.543 1.00 47.49  ? 144 ARG A NH1 1 
ATOM   1136 N NH2 . ARG A 1 146 ? -7.792  8.746   -19.352 1.00 48.46  ? 144 ARG A NH2 1 
ATOM   1137 N N   . GLN A 1 147 ? -10.845 8.658   -13.092 1.00 32.66  ? 145 GLN A N   1 
ATOM   1138 C CA  . GLN A 1 147 ? -12.095 9.178   -12.548 1.00 34.55  ? 145 GLN A CA  1 
ATOM   1139 C C   . GLN A 1 147 ? -12.275 8.819   -11.076 1.00 36.79  ? 145 GLN A C   1 
ATOM   1140 O O   . GLN A 1 147 ? -12.813 9.618   -10.293 1.00 34.68  ? 145 GLN A O   1 
ATOM   1141 C CB  . GLN A 1 147 ? -13.265 8.658   -13.374 1.00 36.06  ? 145 GLN A CB  1 
ATOM   1142 C CG  . GLN A 1 147 ? -13.336 9.296   -14.723 1.00 41.37  ? 145 GLN A CG  1 
ATOM   1143 C CD  . GLN A 1 147 ? -14.424 8.672   -15.564 1.00 55.49  ? 145 GLN A CD  1 
ATOM   1144 O OE1 . GLN A 1 147 ? -14.957 7.604   -15.221 1.00 53.04  ? 145 GLN A OE1 1 
ATOM   1145 N NE2 . GLN A 1 147 ? -14.754 9.320   -16.678 1.00 53.48  ? 145 GLN A NE2 1 
ATOM   1146 N N   A TRP A 1 148 ? -11.863 7.608   -10.691 0.63 34.55  ? 146 TRP A N   1 
ATOM   1147 N N   B TRP A 1 148 ? -11.874 7.607   -10.681 0.37 34.49  ? 146 TRP A N   1 
ATOM   1148 C CA  A TRP A 1 148 ? -11.960 7.202   -9.297  0.63 32.94  ? 146 TRP A CA  1 
ATOM   1149 C CA  B TRP A 1 148 ? -11.963 7.247   -9.271  0.37 32.89  ? 146 TRP A CA  1 
ATOM   1150 C C   A TRP A 1 148 ? -11.010 8.045   -8.454  0.63 29.33  ? 146 TRP A C   1 
ATOM   1151 C C   B TRP A 1 148 ? -11.022 8.110   -8.456  0.37 29.44  ? 146 TRP A C   1 
ATOM   1152 O O   A TRP A 1 148 ? -11.338 8.396   -7.312  0.63 33.95  ? 146 TRP A O   1 
ATOM   1153 O O   B TRP A 1 148 ? -11.337 8.498   -7.324  0.37 33.91  ? 146 TRP A O   1 
ATOM   1154 C CB  A TRP A 1 148 ? -11.670 5.688   -9.186  0.63 28.58  ? 146 TRP A CB  1 
ATOM   1155 C CB  B TRP A 1 148 ? -11.634 5.766   -9.069  0.37 28.78  ? 146 TRP A CB  1 
ATOM   1156 C CG  A TRP A 1 148 ? -12.348 4.939   -8.035  0.63 29.52  ? 146 TRP A CG  1 
ATOM   1157 C CG  B TRP A 1 148 ? -12.829 4.918   -9.165  0.37 29.85  ? 146 TRP A CG  1 
ATOM   1158 C CD1 A TRP A 1 148 ? -11.724 4.319   -6.955  0.63 23.77  ? 146 TRP A CD1 1 
ATOM   1159 C CD1 B TRP A 1 148 ? -13.526 4.637   -10.307 0.37 31.82  ? 146 TRP A CD1 1 
ATOM   1160 C CD2 A TRP A 1 148 ? -13.749 4.718   -7.848  0.63 30.04  ? 146 TRP A CD2 1 
ATOM   1161 C CD2 B TRP A 1 148 ? -13.505 4.220   -8.105  0.37 30.51  ? 146 TRP A CD2 1 
ATOM   1162 N NE1 A TRP A 1 148 ? -12.654 3.753   -6.128  0.63 28.37  ? 146 TRP A NE1 1 
ATOM   1163 N NE1 B TRP A 1 148 ? -14.581 3.821   -10.029 0.37 33.85  ? 146 TRP A NE1 1 
ATOM   1164 C CE2 A TRP A 1 148 ? -13.904 3.965   -6.661  0.63 32.21  ? 146 TRP A CE2 1 
ATOM   1165 C CE2 B TRP A 1 148 ? -14.600 3.544   -8.689  0.37 29.55  ? 146 TRP A CE2 1 
ATOM   1166 C CE3 A TRP A 1 148 ? -14.898 5.068   -8.583  0.63 33.11  ? 146 TRP A CE3 1 
ATOM   1167 C CE3 B TRP A 1 148 ? -13.299 4.102   -6.730  0.37 34.49  ? 146 TRP A CE3 1 
ATOM   1168 C CZ2 A TRP A 1 148 ? -15.151 3.594   -6.178  0.63 34.83  ? 146 TRP A CZ2 1 
ATOM   1169 C CZ2 B TRP A 1 148 ? -15.479 2.765   -7.949  0.37 30.79  ? 146 TRP A CZ2 1 
ATOM   1170 C CZ3 A TRP A 1 148 ? -16.124 4.691   -8.099  0.63 35.59  ? 146 TRP A CZ3 1 
ATOM   1171 C CZ3 B TRP A 1 148 ? -14.179 3.326   -5.993  0.37 32.99  ? 146 TRP A CZ3 1 
ATOM   1172 C CH2 A TRP A 1 148 ? -16.250 3.948   -6.926  0.63 32.07  ? 146 TRP A CH2 1 
ATOM   1173 C CH2 B TRP A 1 148 ? -15.251 2.666   -6.605  0.37 34.62  ? 146 TRP A CH2 1 
ATOM   1174 N N   . THR A 1 149 ? -9.870  8.436   -9.029  1.00 28.06  ? 147 THR A N   1 
ATOM   1175 C CA  . THR A 1 149 ? -8.919  9.287   -8.314  1.00 30.16  ? 147 THR A CA  1 
ATOM   1176 C C   . THR A 1 149 ? -9.516  10.673  -8.126  1.00 39.48  ? 147 THR A C   1 
ATOM   1177 O O   . THR A 1 149 ? -9.422  11.269  -7.045  1.00 34.76  ? 147 THR A O   1 
ATOM   1178 C CB  . THR A 1 149 ? -7.596  9.383   -9.079  1.00 30.82  ? 147 THR A CB  1 
ATOM   1179 O OG1 . THR A 1 149 ? -7.000  8.082   -9.193  1.00 30.99  ? 147 THR A OG1 1 
ATOM   1180 C CG2 . THR A 1 149 ? -6.575  10.324  -8.361  1.00 32.73  ? 147 THR A CG2 1 
ATOM   1181 N N   . GLU A 1 150 ? -10.156 11.193  -9.174  1.00 37.08  ? 148 GLU A N   1 
ATOM   1182 C CA  . GLU A 1 150 ? -10.826 12.479  -9.048  1.00 38.59  ? 148 GLU A CA  1 
ATOM   1183 C C   . GLU A 1 150 ? -11.916 12.426  -7.987  1.00 37.31  ? 148 GLU A C   1 
ATOM   1184 O O   . GLU A 1 150 ? -12.055 13.352  -7.179  1.00 41.29  ? 148 GLU A O   1 
ATOM   1185 C CB  . GLU A 1 150 ? -11.402 12.888  -10.412 1.00 45.71  ? 148 GLU A CB  1 
ATOM   1186 C CG  . GLU A 1 150 ? -11.839 14.337  -10.478 1.00 57.04  ? 148 GLU A CG  1 
ATOM   1187 C CD  . GLU A 1 150 ? -10.673 15.275  -10.758 1.00 69.58  ? 148 GLU A CD  1 
ATOM   1188 O OE1 . GLU A 1 150 ? -10.892 16.506  -10.747 1.00 79.00  ? 148 GLU A OE1 1 
ATOM   1189 O OE2 . GLU A 1 150 ? -9.539  14.781  -10.979 1.00 70.83  ? 148 GLU A OE2 1 
ATOM   1190 N N   . LYS A 1 151 ? -12.670 11.331  -7.939  1.00 33.16  ? 149 LYS A N   1 
ATOM   1191 C CA  . LYS A 1 151 ? -13.841 11.296  -7.079  1.00 40.31  ? 149 LYS A CA  1 
ATOM   1192 C C   . LYS A 1 151 ? -13.464 11.152  -5.610  1.00 42.25  ? 149 LYS A C   1 
ATOM   1193 O O   . LYS A 1 151 ? -14.115 11.738  -4.739  1.00 45.82  ? 149 LYS A O   1 
ATOM   1194 C CB  . LYS A 1 151 ? -14.770 10.162  -7.504  1.00 41.84  ? 149 LYS A CB  1 
ATOM   1195 C CG  . LYS A 1 151 ? -16.063 10.098  -6.713  1.00 47.21  ? 149 LYS A CG  1 
ATOM   1196 C CD  . LYS A 1 151 ? -17.197 9.520   -7.551  1.00 55.96  ? 149 LYS A CD  1 
ATOM   1197 C CE  . LYS A 1 151 ? -17.162 7.992   -7.571  1.00 61.58  ? 149 LYS A CE  1 
ATOM   1198 N NZ  . LYS A 1 151 ? -18.468 7.388   -8.028  1.00 66.05  ? 149 LYS A NZ  1 
ATOM   1199 N N   . HIS A 1 152 ? -12.429 10.362  -5.306  1.00 41.60  ? 150 HIS A N   1 
ATOM   1200 C CA  . HIS A 1 152 ? -12.182 9.927   -3.938  1.00 42.98  ? 150 HIS A CA  1 
ATOM   1201 C C   . HIS A 1 152 ? -10.855 10.377  -3.344  1.00 37.55  ? 150 HIS A C   1 
ATOM   1202 O O   . HIS A 1 152 ? -10.710 10.319  -2.127  1.00 37.85  ? 150 HIS A O   1 
ATOM   1203 C CB  . HIS A 1 152 ? -12.228 8.391   -3.851  1.00 34.44  ? 150 HIS A CB  1 
ATOM   1204 C CG  . HIS A 1 152 ? -13.570 7.822   -4.141  1.00 43.19  ? 150 HIS A CG  1 
ATOM   1205 N ND1 . HIS A 1 152 ? -14.568 7.757   -3.195  1.00 44.89  ? 150 HIS A ND1 1 
ATOM   1206 C CD2 . HIS A 1 152 ? -14.077 7.270   -5.269  1.00 39.82  ? 150 HIS A CD2 1 
ATOM   1207 C CE1 . HIS A 1 152 ? -15.639 7.197   -3.732  1.00 47.03  ? 150 HIS A CE1 1 
ATOM   1208 N NE2 . HIS A 1 152 ? -15.369 6.895   -4.990  1.00 47.99  ? 150 HIS A NE2 1 
ATOM   1209 N N   . ALA A 1 153 ? -9.891  10.808  -4.151  1.00 37.03  ? 151 ALA A N   1 
ATOM   1210 C CA  . ALA A 1 153 ? -8.534  11.024  -3.675  1.00 36.13  ? 151 ALA A CA  1 
ATOM   1211 C C   . ALA A 1 153 ? -8.050  12.456  -3.864  1.00 44.64  ? 151 ALA A C   1 
ATOM   1212 O O   . ALA A 1 153 ? -6.854  12.710  -3.704  1.00 42.61  ? 151 ALA A O   1 
ATOM   1213 C CB  . ALA A 1 153 ? -7.570  10.075  -4.395  1.00 35.76  ? 151 ALA A CB  1 
ATOM   1214 N N   . ARG A 1 154 ? -8.925  13.389  -4.242  1.00 44.26  ? 152 ARG A N   1 
ATOM   1215 C CA  . ARG A 1 154 ? -8.462  14.739  -4.621  1.00 58.76  ? 152 ARG A CA  1 
ATOM   1216 C C   . ARG A 1 154 ? -9.261  15.842  -3.928  1.00 60.85  ? 152 ARG A C   1 
ATOM   1217 O O   . ARG A 1 154 ? -9.103  16.080  -2.730  1.00 68.02  ? 152 ARG A O   1 
ATOM   1218 C CB  . ARG A 1 154 ? -8.533  14.933  -6.145  1.00 53.93  ? 152 ARG A CB  1 
ATOM   1219 C CG  . ARG A 1 154 ? -7.317  14.366  -6.872  1.00 55.22  ? 152 ARG A CG  1 
ATOM   1220 C CD  . ARG A 1 154 ? -7.350  14.564  -8.381  1.00 62.82  ? 152 ARG A CD  1 
ATOM   1221 N NE  . ARG A 1 154 ? -6.746  15.831  -8.785  1.00 72.57  ? 152 ARG A NE  1 
ATOM   1222 C CZ  . ARG A 1 154 ? -5.841  15.954  -9.751  1.00 78.75  ? 152 ARG A CZ  1 
ATOM   1223 N NH1 . ARG A 1 154 ? -5.421  14.904  -10.442 1.00 75.00  ? 152 ARG A NH1 1 
ATOM   1224 N NH2 . ARG A 1 154 ? -5.344  17.159  -10.029 1.00 76.31  ? 152 ARG A NH2 1 
HETATM 1225 C C01 . V23 B 2 .   ? 12.546  4.921   5.556   0.68 30.29  ? 201 V23 A C01 1 
HETATM 1226 C C02 . V23 B 2 .   ? 13.435  3.829   6.165   0.68 35.12  ? 201 V23 A C02 1 
HETATM 1227 C C03 . V23 B 2 .   ? 12.919  3.024   7.183   0.68 30.41  ? 201 V23 A C03 1 
HETATM 1228 C C04 . V23 B 2 .   ? 13.727  2.047   7.774   0.68 27.77  ? 201 V23 A C04 1 
HETATM 1229 C C06 . V23 B 2 .   ? 14.555  0.456   8.991   0.68 36.57  ? 201 V23 A C06 1 
HETATM 1230 C C09 . V23 B 2 .   ? 15.536  2.636   6.400   0.68 40.35  ? 201 V23 A C09 1 
HETATM 1231 C C11 . V23 B 2 .   ? 14.770  3.628   5.765   0.68 41.89  ? 201 V23 A C11 1 
HETATM 1232 C C12 . V23 B 2 .   ? 14.708  -0.645  10.031  0.68 40.92  ? 201 V23 A C12 1 
HETATM 1233 F F13 . V23 B 2 .   ? 14.836  -0.056  11.243  0.68 46.77  ? 201 V23 A F13 1 
HETATM 1234 F F14 . V23 B 2 .   ? 15.862  -1.328  9.790   0.68 59.25  ? 201 V23 A F14 1 
HETATM 1235 F F15 . V23 B 2 .   ? 13.629  -1.478  10.078  0.68 46.37  ? 201 V23 A F15 1 
HETATM 1236 N N05 . V23 B 2 .   ? 13.445  1.180   8.778   0.68 33.36  ? 201 V23 A N05 1 
HETATM 1237 N N07 . V23 B 2 .   ? 15.524  0.856   8.170   0.68 33.58  ? 201 V23 A N07 1 
HETATM 1238 N N08 . V23 B 2 .   ? 14.979  1.897   7.401   0.68 36.68  ? 201 V23 A N08 1 
HETATM 1239 O O10 . V23 B 2 .   ? 16.685  2.436   6.107   0.68 43.07  ? 201 V23 A O10 1 
HETATM 1240 C C1  . EDO C 3 .   ? 8.018   8.078   -6.287  1.00 56.80  ? 202 EDO A C1  1 
HETATM 1241 O O1  . EDO C 3 .   ? 8.612   9.354   -6.000  1.00 57.50  ? 202 EDO A O1  1 
HETATM 1242 C C2  . EDO C 3 .   ? 9.041   7.085   -6.843  1.00 50.66  ? 202 EDO A C2  1 
HETATM 1243 O O2  . EDO C 3 .   ? 10.017  6.752   -5.845  1.00 57.02  ? 202 EDO A O2  1 
HETATM 1244 C C1  . EDO D 3 .   ? 16.016  -10.236 12.963  1.00 55.74  ? 203 EDO A C1  1 
HETATM 1245 O O1  . EDO D 3 .   ? 14.805  -9.591  13.387  1.00 50.03  ? 203 EDO A O1  1 
HETATM 1246 C C2  . EDO D 3 .   ? 16.346  -9.828  11.525  1.00 48.67  ? 203 EDO A C2  1 
HETATM 1247 O O2  . EDO D 3 .   ? 16.384  -8.396  11.377  1.00 48.60  ? 203 EDO A O2  1 
HETATM 1248 O O   . HOH E 4 .   ? 0.350   -9.936  -13.075 1.00 44.08  ? 301 HOH A O   1 
HETATM 1249 O O   . HOH E 4 .   ? -15.870 2.813   -11.710 1.00 48.77  ? 302 HOH A O   1 
HETATM 1250 O O   . HOH E 4 .   ? 1.055   13.044  -7.459  1.00 48.41  ? 303 HOH A O   1 
HETATM 1251 O O   . HOH E 4 .   ? -9.952  0.372   4.256   1.00 40.82  ? 304 HOH A O   1 
HETATM 1252 O O   . HOH E 4 .   ? -14.568 -1.968  -19.077 1.00 42.89  ? 305 HOH A O   1 
HETATM 1253 O O   . HOH E 4 .   ? 4.286   8.288   -5.363  1.00 39.84  ? 306 HOH A O   1 
HETATM 1254 O O   . HOH E 4 .   ? -7.188  11.445  -0.049  1.00 44.07  ? 307 HOH A O   1 
HETATM 1255 O O   . HOH E 4 .   ? -8.943  9.719   1.537   1.00 44.80  ? 308 HOH A O   1 
HETATM 1256 O O   . HOH E 4 .   ? 14.842  -11.914 7.348   1.00 38.43  ? 309 HOH A O   1 
HETATM 1257 O O   . HOH E 4 .   ? 5.032   -15.569 13.758  1.00 58.49  ? 310 HOH A O   1 
HETATM 1258 O O   . HOH E 4 .   ? 0.237   -8.674  -6.065  1.00 33.59  ? 311 HOH A O   1 
HETATM 1259 O O   . HOH E 4 .   ? 6.873   10.128  10.755  1.00 36.99  ? 312 HOH A O   1 
HETATM 1260 O O   . HOH E 4 .   ? -9.286  6.790   -6.049  1.00 30.23  ? 313 HOH A O   1 
HETATM 1261 O O   . HOH E 4 .   ? 12.038  2.518   0.054   1.00 35.39  ? 314 HOH A O   1 
HETATM 1262 O O   . HOH E 4 .   ? 3.706   2.525   21.514  1.00 44.55  ? 315 HOH A O   1 
HETATM 1263 O O   . HOH E 4 .   ? -5.061  11.076  -11.705 1.00 38.97  ? 316 HOH A O   1 
HETATM 1264 O O   . HOH E 4 .   ? 14.183  5.801   2.677   1.00 48.70  ? 317 HOH A O   1 
HETATM 1265 O O   . HOH E 4 .   ? -10.035 -1.448  -6.694  1.00 25.40  ? 318 HOH A O   1 
HETATM 1266 O O   . HOH E 4 .   ? -3.495  8.393   -16.960 1.00 50.62  ? 319 HOH A O   1 
HETATM 1267 O O   . HOH E 4 .   ? 9.536   5.954   -3.144  1.00 36.87  ? 320 HOH A O   1 
HETATM 1268 O O   . HOH E 4 .   ? -4.638  -5.442  3.079   1.00 29.12  ? 321 HOH A O   1 
HETATM 1269 O O   . HOH E 4 .   ? -11.968 -9.148  -1.392  0.50 28.29  ? 322 HOH A O   1 
HETATM 1270 O O   . HOH E 4 .   ? -7.726  6.684   -21.074 1.00 52.36  ? 323 HOH A O   1 
HETATM 1271 O O   . HOH E 4 .   ? -0.275  -8.033  6.208   1.00 29.83  ? 324 HOH A O   1 
HETATM 1272 O O   . HOH E 4 .   ? -0.940  5.920   17.577  1.00 36.27  ? 325 HOH A O   1 
HETATM 1273 O O   . HOH E 4 .   ? 17.964  9.528   10.466  1.00 35.19  ? 326 HOH A O   1 
HETATM 1274 O O   . HOH E 4 .   ? 7.909   2.609   -5.520  1.00 36.30  ? 327 HOH A O   1 
HETATM 1275 O O   . HOH E 4 .   ? 0.368   -9.698  10.088  1.00 43.49  ? 328 HOH A O   1 
HETATM 1276 O O   . HOH E 4 .   ? 8.763   -13.985 10.052  1.00 43.15  ? 329 HOH A O   1 
HETATM 1277 O O   . HOH E 4 .   ? 6.366   -17.780 19.540  1.00 35.78  ? 330 HOH A O   1 
HETATM 1278 O O   . HOH E 4 .   ? 6.715   -4.541  -10.576 1.00 49.85  ? 331 HOH A O   1 
HETATM 1279 O O   . HOH E 4 .   ? 6.570   7.400   20.013  1.00 49.47  ? 332 HOH A O   1 
HETATM 1280 O O   . HOH E 4 .   ? 1.799   -19.095 2.294   1.00 37.01  ? 333 HOH A O   1 
HETATM 1281 O O   . HOH E 4 .   ? -2.964  -7.502  2.853   1.00 40.09  ? 334 HOH A O   1 
HETATM 1282 O O   . HOH E 4 .   ? 5.313   -4.070  -5.742  1.00 36.89  ? 335 HOH A O   1 
HETATM 1283 O O   . HOH E 4 .   ? -2.303  -4.008  -19.808 1.00 48.61  ? 336 HOH A O   1 
HETATM 1284 O O   . HOH E 4 .   ? -3.332  10.565  11.905  1.00 37.62  ? 337 HOH A O   1 
HETATM 1285 O O   . HOH E 4 .   ? -1.530  -4.115  17.173  1.00 45.91  ? 338 HOH A O   1 
HETATM 1286 O O   . HOH E 4 .   ? 10.411  1.519   8.246   1.00 30.30  ? 339 HOH A O   1 
HETATM 1287 O O   . HOH E 4 .   ? 0.604   -10.968 16.231  1.00 43.44  ? 340 HOH A O   1 
HETATM 1288 O O   . HOH E 4 .   ? -7.703  7.101   10.283  1.00 55.05  ? 341 HOH A O   1 
HETATM 1289 O O   . HOH E 4 .   ? -5.380  -2.768  -23.705 1.00 46.95  ? 342 HOH A O   1 
HETATM 1290 O O   . HOH E 4 .   ? -13.901 -5.977  -17.172 1.00 31.18  ? 343 HOH A O   1 
HETATM 1291 O O   . HOH E 4 .   ? 0.626   5.820   -8.578  1.00 35.09  ? 344 HOH A O   1 
HETATM 1292 O O   . HOH E 4 .   ? -6.201  -12.290 0.555   1.00 44.43  ? 345 HOH A O   1 
HETATM 1293 O O   . HOH E 4 .   ? 3.341   11.215  1.184   1.00 28.91  ? 346 HOH A O   1 
HETATM 1294 O O   . HOH E 4 .   ? 2.973   4.772   -7.891  1.00 35.21  ? 347 HOH A O   1 
HETATM 1295 O O   . HOH E 4 .   ? 9.163   -4.671  1.001   1.00 30.82  ? 348 HOH A O   1 
HETATM 1296 O O   . HOH E 4 .   ? 2.116   -4.285  -14.624 1.00 46.41  ? 349 HOH A O   1 
HETATM 1297 O O   . HOH E 4 .   ? 15.586  1.178   19.557  1.00 46.97  ? 350 HOH A O   1 
HETATM 1298 O O   . HOH E 4 .   ? 7.043   10.198  7.295   1.00 29.78  ? 351 HOH A O   1 
HETATM 1299 O O   . HOH E 4 .   ? -4.819  -2.289  8.373   1.00 32.74  ? 352 HOH A O   1 
HETATM 1300 O O   . HOH E 4 .   ? -11.114 2.018   -24.629 1.00 44.01  ? 353 HOH A O   1 
HETATM 1301 O O   . HOH E 4 .   ? -1.548  -8.723  16.586  1.00 50.23  ? 354 HOH A O   1 
HETATM 1302 O O   . HOH E 4 .   ? 13.423  10.941  15.650  1.00 39.08  ? 355 HOH A O   1 
HETATM 1303 O O   . HOH E 4 .   ? 15.073  14.649  7.464   1.00 51.99  ? 356 HOH A O   1 
HETATM 1304 O O   . HOH E 4 .   ? -10.575 0.669   -2.700  1.00 29.77  ? 357 HOH A O   1 
HETATM 1305 O O   . HOH E 4 .   ? 8.919   -16.568 -0.053  1.00 51.07  ? 358 HOH A O   1 
HETATM 1306 O O   . HOH E 4 .   ? -14.428 -5.732  -2.946  1.00 31.16  ? 359 HOH A O   1 
HETATM 1307 O O   . HOH E 4 .   ? 2.923   -9.587  -5.101  1.00 32.74  ? 360 HOH A O   1 
HETATM 1308 O O   . HOH E 4 .   ? -12.492 -7.298  2.093   1.00 34.19  ? 361 HOH A O   1 
HETATM 1309 O O   . HOH E 4 .   ? -6.693  2.197   13.803  1.00 52.51  ? 362 HOH A O   1 
HETATM 1310 O O   . HOH E 4 .   ? -8.348  5.150   -8.258  1.00 27.11  ? 363 HOH A O   1 
HETATM 1311 O O   . HOH E 4 .   ? -7.890  -13.116 -18.739 1.00 55.91  ? 364 HOH A O   1 
HETATM 1312 O O   . HOH E 4 .   ? 15.324  -4.376  3.560   1.00 50.99  ? 365 HOH A O   1 
HETATM 1313 O O   . HOH E 4 .   ? 10.720  11.753  0.825   1.00 42.23  ? 366 HOH A O   1 
HETATM 1314 O O   . HOH E 4 .   ? -0.248  2.577   -12.935 1.00 45.73  ? 367 HOH A O   1 
HETATM 1315 O O   . HOH E 4 .   ? 8.460   13.088  -2.057  1.00 46.82  ? 368 HOH A O   1 
HETATM 1316 O O   . HOH E 4 .   ? 5.773   10.707  -9.076  1.00 47.95  ? 369 HOH A O   1 
HETATM 1317 O O   . HOH E 4 .   ? 10.372  -1.975  -1.617  1.00 31.73  ? 370 HOH A O   1 
HETATM 1318 O O   . HOH E 4 .   ? -1.988  -6.268  5.032   1.00 28.24  ? 371 HOH A O   1 
HETATM 1319 O O   . HOH E 4 .   ? -2.502  -1.550  16.860  1.00 48.86  ? 372 HOH A O   1 
HETATM 1320 O O   . HOH E 4 .   ? 10.197  -14.951 6.731   1.00 40.41  ? 373 HOH A O   1 
HETATM 1321 O O   . HOH E 4 .   ? 6.075   -3.742  22.029  1.00 42.83  ? 374 HOH A O   1 
HETATM 1322 O O   . HOH E 4 .   ? -7.545  12.141  -11.721 1.00 46.36  ? 375 HOH A O   1 
HETATM 1323 O O   . HOH E 4 .   ? -9.974  -3.993  4.589   1.00 42.70  ? 376 HOH A O   1 
HETATM 1324 O O   . HOH E 4 .   ? -12.641 1.281   -4.304  1.00 35.94  ? 377 HOH A O   1 
HETATM 1325 O O   . HOH E 4 .   ? 7.413   -15.997 11.608  1.00 47.83  ? 378 HOH A O   1 
HETATM 1326 O O   . HOH E 4 .   ? 0.327   0.107   -15.850 1.00 53.43  ? 379 HOH A O   1 
HETATM 1327 O O   . HOH E 4 .   ? -3.657  2.847   19.594  1.00 57.48  ? 380 HOH A O   1 
HETATM 1328 O O   . HOH E 4 .   ? -4.894  -10.061 0.802   1.00 49.63  ? 381 HOH A O   1 
HETATM 1329 O O   . HOH E 4 .   ? -0.265  14.020  -5.538  1.00 46.19  ? 382 HOH A O   1 
HETATM 1330 O O   . HOH E 4 .   ? 7.823   -10.083 18.753  1.00 44.19  ? 383 HOH A O   1 
HETATM 1331 O O   . HOH E 4 .   ? -1.422  6.940   -16.734 1.00 47.21  ? 384 HOH A O   1 
HETATM 1332 O O   . HOH E 4 .   ? -14.830 1.489   -2.851  1.00 43.84  ? 385 HOH A O   1 
HETATM 1333 O O   . HOH E 4 .   ? 14.769  -3.854  8.670   1.00 44.27  ? 386 HOH A O   1 
HETATM 1334 O O   . HOH E 4 .   ? -8.833  13.338  -14.000 1.00 54.44  ? 387 HOH A O   1 
HETATM 1335 O O   . HOH E 4 .   ? 6.834   3.314   -8.125  1.00 43.37  ? 388 HOH A O   1 
HETATM 1336 O O   . HOH E 4 .   ? -2.701  -6.421  15.479  1.00 57.51  ? 389 HOH A O   1 
HETATM 1337 O O   . HOH E 4 .   ? 5.528   12.501  0.205   1.00 36.63  ? 390 HOH A O   1 
HETATM 1338 O O   . HOH E 4 .   ? -16.256 -5.550  -4.661  1.00 39.71  ? 391 HOH A O   1 
HETATM 1339 O O   . HOH E 4 .   ? -12.722 -0.529  -6.323  1.00 38.15  ? 392 HOH A O   1 
HETATM 1340 O O   . HOH E 4 .   ? 7.213   -12.547 18.698  1.00 52.53  ? 393 HOH A O   1 
HETATM 1341 O O   . HOH E 4 .   ? 2.042   -1.876  -15.601 1.00 52.79  ? 394 HOH A O   1 
HETATM 1342 O O   . HOH E 4 .   ? 9.539   -1.729  -4.283  1.00 36.35  ? 395 HOH A O   1 
HETATM 1343 O O   . HOH E 4 .   ? 11.866  4.794   -3.135  1.00 46.83  ? 396 HOH A O   1 
HETATM 1344 O O   . HOH E 4 .   ? -4.130  -6.658  6.712   1.00 38.52  ? 397 HOH A O   1 
HETATM 1345 O O   . HOH E 4 .   ? -1.243  1.723   -14.922 1.00 44.32  ? 398 HOH A O   1 
HETATM 1346 O O   . HOH E 4 .   ? 12.433  -0.293  -0.859  1.00 42.84  ? 399 HOH A O   1 
HETATM 1347 O O   . HOH E 4 .   ? -1.744  -9.677  7.755   1.00 43.29  ? 400 HOH A O   1 
HETATM 1348 O O   . HOH E 4 .   ? -14.977 -6.328  1.512   0.50 40.36  ? 401 HOH A O   1 
HETATM 1349 O O   . HOH E 4 .   ? -1.440  -6.316  -19.207 1.00 52.61  ? 402 HOH A O   1 
HETATM 1350 O O   . HOH E 4 .   ? 11.801  -4.665  -0.686  1.00 47.19  ? 403 HOH A O   1 
HETATM 1351 O O   . HOH E 4 .   ? 10.235  0.808   -5.927  1.00 44.11  ? 404 HOH A O   1 
HETATM 1352 O O   . HOH E 4 .   ? -18.106 -6.730  -1.615  1.00 39.03  ? 405 HOH A O   1 
HETATM 1353 O O   . HOH E 4 .   ? -6.033  -4.513  7.620   1.00 44.98  ? 406 HOH A O   1 
HETATM 1354 O O   . HOH E 4 .   ? 0.034   -12.797 18.259  1.00 49.74  ? 407 HOH A O   1 
HETATM 1355 O O   . HOH E 4 .   ? -15.056 -3.673  -10.078 1.00 41.73  ? 408 HOH A O   1 
HETATM 1356 O O   . HOH E 4 .   ? 14.094  -4.807  0.478   1.00 51.61  ? 409 HOH A O   1 
HETATM 1357 O O   . HOH E 4 .   ? 12.400  2.508   -4.812  1.00 45.36  ? 410 HOH A O   1 
HETATM 1358 O O   . HOH E 4 .   ? -14.783 -1.170  -8.152  1.00 44.66  ? 411 HOH A O   1 
HETATM 1359 O O   . HOH E 4 .   ? 14.663  -2.004  -0.180  1.00 49.00  ? 412 HOH A O   1 
HETATM 1360 O O   . HOH E 4 .   ? 16.171  -1.286  1.575   1.00 55.07  ? 413 HOH A O   1 
# 
